data_9E20
# 
_entry.id   9E20 
# 
_audit_conform.dict_name       mmcif_pdbx.dic 
_audit_conform.dict_version    5.406 
_audit_conform.dict_location   http://mmcif.pdb.org/dictionaries/ascii/mmcif_pdbx.dic 
# 
loop_
_database_2.database_id 
_database_2.database_code 
_database_2.pdbx_database_accession 
_database_2.pdbx_DOI 
PDB   9E20         pdb_00009e20 10.2210/pdb9e20/pdb 
WWPDB D_1000287505 ?            ?                   
# 
_pdbx_audit_revision_history.ordinal             1 
_pdbx_audit_revision_history.data_content_type   'Structure model' 
_pdbx_audit_revision_history.major_revision      1 
_pdbx_audit_revision_history.minor_revision      0 
_pdbx_audit_revision_history.revision_date       2025-11-05 
_pdbx_audit_revision_history.part_number         ? 
# 
_pdbx_audit_revision_details.ordinal             1 
_pdbx_audit_revision_details.revision_ordinal    1 
_pdbx_audit_revision_details.data_content_type   'Structure model' 
_pdbx_audit_revision_details.provider            repository 
_pdbx_audit_revision_details.type                'Initial release' 
_pdbx_audit_revision_details.description         ? 
_pdbx_audit_revision_details.details             ? 
# 
_pdbx_database_status.status_code                     REL 
_pdbx_database_status.status_code_sf                  REL 
_pdbx_database_status.status_code_mr                  ? 
_pdbx_database_status.entry_id                        9E20 
_pdbx_database_status.recvd_initial_deposition_date   2024-10-21 
_pdbx_database_status.SG_entry                        N 
_pdbx_database_status.deposit_site                    RCSB 
_pdbx_database_status.process_site                    RCSB 
_pdbx_database_status.status_code_cs                  ? 
_pdbx_database_status.status_code_nmr_data            ? 
_pdbx_database_status.methods_development_category    ? 
_pdbx_database_status.pdb_format_compatible           N 
# 
loop_
_pdbx_contact_author.id 
_pdbx_contact_author.email 
_pdbx_contact_author.name_first 
_pdbx_contact_author.name_last 
_pdbx_contact_author.name_mi 
_pdbx_contact_author.role 
_pdbx_contact_author.identifier_ORCID 
2 SV1091@NYU.EDU Simon  Vecchioni ? 'principal investigator/group leader' 0000-0001-8243-650X 
3 rs17@nyu.edu   Ruojie Sha       ? 'principal investigator/group leader' 0000-0002-0807-734X 
# 
loop_
_audit_author.name 
_audit_author.pdbx_ordinal 
_audit_author.identifier_ORCID 
'Vecchioni, S.' 1 0000-0001-8243-650X 
'Lu, B.'        2 0000-0001-6424-2197 
'Woloszyn, K.'  3 0000-0003-1200-583X 
'Ohayon, Y.P.'  4 0000-0001-7500-4282 
'Sha, R.'       5 0000-0002-0807-734X 
# 
_citation.abstract                  ? 
_citation.abstract_id_CAS           ? 
_citation.book_id_ISBN              ? 
_citation.book_publisher            ? 
_citation.book_publisher_city       ? 
_citation.book_title                ? 
_citation.coordinate_linkage        ? 
_citation.country                   ? 
_citation.database_id_Medline       ? 
_citation.details                   ? 
_citation.id                        primary 
_citation.journal_abbrev            'To Be Published' 
_citation.journal_id_ASTM           ? 
_citation.journal_id_CSD            0353 
_citation.journal_id_ISSN           ? 
_citation.journal_full              ? 
_citation.journal_issue             ? 
_citation.journal_volume            ? 
_citation.language                  ? 
_citation.page_first                ? 
_citation.page_last                 ? 
_citation.title                     'Thiothymidine metal base pairs' 
_citation.year                      ? 
_citation.database_id_CSD           ? 
_citation.pdbx_database_id_DOI      ? 
_citation.pdbx_database_id_PubMed   ? 
_citation.pdbx_database_id_patent   ? 
_citation.unpublished_flag          ? 
# 
loop_
_citation_author.citation_id 
_citation_author.name 
_citation_author.ordinal 
_citation_author.identifier_ORCID 
primary 'Vecchioni, S.' 1 0000-0001-8243-650X 
primary 'Lu, B.'        2 0000-0001-6424-2197 
primary 'Woloszyn, K.'  3 0000-0003-1200-583X 
primary 'Ohayon, Y.P.'  4 0000-0001-7500-4282 
primary 'Sha, R.'       5 0000-0002-0807-734X 
# 
loop_
_entity.id 
_entity.type 
_entity.src_method 
_entity.pdbx_description 
_entity.formula_weight 
_entity.pdbx_number_of_molecules 
_entity.pdbx_ec 
_entity.pdbx_mutation 
_entity.pdbx_fragment 
_entity.details 
1 polymer     syn 
;DNA (5'-D(*GP*AP*GP*CP*AP*GP*CP*CP*TP*GP*TP*(5IU)P*TP*GP*GP*AP*CP*AP*TP*CP*A)-3')
;
6575.054 1 ? ? ? ? 
2 polymer     syn 
;DNA (5'-D(P*CP*CP*AP*(DF)P*AP*CP*A)-3')
;
2082.467 1 ? ? ? ? 
3 polymer     syn 
;DNA (5'-D(P*GP*GP*CP*TP*GP*CP*T)-3')
;
2129.409 1 ? ? ? ? 
4 polymer     syn 
;DNA (5'-D(P*CP*TP*GP*AP*TP*GP*T)-3')
;
2128.421 1 ? ? ? ? 
5 non-polymer syn 'MERCURY (II) ION'                                                                  200.590  2 ? ? ? ? 
# 
loop_
_entity_poly.entity_id 
_entity_poly.type 
_entity_poly.nstd_linkage 
_entity_poly.nstd_monomer 
_entity_poly.pdbx_seq_one_letter_code 
_entity_poly.pdbx_seq_one_letter_code_can 
_entity_poly.pdbx_strand_id 
_entity_poly.pdbx_target_identifier 
1 polydeoxyribonucleotide no yes 
;(DG)(DA)(DG)(DC)(DA)(DG)(DC)(DC)(DT)(DG)(DT)(5IU)(DT)(DG)(DG)(DA)(DC)(DA)(DT)
(DC)(DA)
;
GAGCAGCCTGTUTGGACATCA A ? 
2 polydeoxyribonucleotide no yes '(DC)(DC)(DA)(A1AAZ)(DA)(DC)(DA)'                                                        CCAXACA 
B ? 
3 polydeoxyribonucleotide no no  '(DG)(DG)(DC)(DT)(DG)(DC)(DT)'                                                           GGCTGCT 
C ? 
4 polydeoxyribonucleotide no no  '(DC)(DT)(DG)(DA)(DT)(DG)(DT)'                                                           CTGATGT 
D ? 
# 
_pdbx_entity_nonpoly.entity_id   5 
_pdbx_entity_nonpoly.name        'MERCURY (II) ION' 
_pdbx_entity_nonpoly.comp_id     HG 
# 
loop_
_entity_poly_seq.entity_id 
_entity_poly_seq.num 
_entity_poly_seq.mon_id 
_entity_poly_seq.hetero 
1 1  DG    n 
1 2  DA    n 
1 3  DG    n 
1 4  DC    n 
1 5  DA    n 
1 6  DG    n 
1 7  DC    n 
1 8  DC    n 
1 9  DT    n 
1 10 DG    n 
1 11 DT    n 
1 12 5IU   n 
1 13 DT    n 
1 14 DG    n 
1 15 DG    n 
1 16 DA    n 
1 17 DC    n 
1 18 DA    n 
1 19 DT    n 
1 20 DC    n 
1 21 DA    n 
2 1  DC    n 
2 2  DC    n 
2 3  DA    n 
2 4  A1AAZ n 
2 5  DA    n 
2 6  DC    n 
2 7  DA    n 
3 1  DG    n 
3 2  DG    n 
3 3  DC    n 
3 4  DT    n 
3 5  DG    n 
3 6  DC    n 
3 7  DT    n 
4 1  DC    n 
4 2  DT    n 
4 3  DG    n 
4 4  DA    n 
4 5  DT    n 
4 6  DG    n 
4 7  DT    n 
# 
loop_
_pdbx_entity_src_syn.entity_id 
_pdbx_entity_src_syn.pdbx_src_id 
_pdbx_entity_src_syn.pdbx_alt_source_flag 
_pdbx_entity_src_syn.pdbx_beg_seq_num 
_pdbx_entity_src_syn.pdbx_end_seq_num 
_pdbx_entity_src_syn.organism_scientific 
_pdbx_entity_src_syn.organism_common_name 
_pdbx_entity_src_syn.ncbi_taxonomy_id 
_pdbx_entity_src_syn.details 
1 1 sample 1 21 'synthetic construct' ? 32630 ? 
2 1 sample 1 7  'synthetic construct' ? 32630 ? 
3 1 sample 1 7  'synthetic construct' ? 32630 ? 
4 1 sample 1 7  'synthetic construct' ? 32630 ? 
# 
loop_
_chem_comp.id 
_chem_comp.type 
_chem_comp.mon_nstd_flag 
_chem_comp.name 
_chem_comp.pdbx_synonyms 
_chem_comp.formula 
_chem_comp.formula_weight 
5IU   'DNA linking' n "5-IODO-2'-DEOXYURIDINE-5'-MONOPHOSPHATE" ? 'C9 H12 I N2 O8 P'  434.078 
A1AAZ 'DNA linking' n 2-thio-thymidine                          ? 'C10 H15 N2 O7 P S' 338.274 
DA    'DNA linking' y "2'-DEOXYADENOSINE-5'-MONOPHOSPHATE"      ? 'C10 H14 N5 O6 P'   331.222 
DC    'DNA linking' y "2'-DEOXYCYTIDINE-5'-MONOPHOSPHATE"       ? 'C9 H14 N3 O7 P'    307.197 
DG    'DNA linking' y "2'-DEOXYGUANOSINE-5'-MONOPHOSPHATE"      ? 'C10 H14 N5 O7 P'   347.221 
DT    'DNA linking' y "THYMIDINE-5'-MONOPHOSPHATE"              ? 'C10 H15 N2 O8 P'   322.208 
HG    non-polymer   . 'MERCURY (II) ION'                        ? 'Hg 2'              200.590 
# 
loop_
_pdbx_poly_seq_scheme.asym_id 
_pdbx_poly_seq_scheme.entity_id 
_pdbx_poly_seq_scheme.seq_id 
_pdbx_poly_seq_scheme.mon_id 
_pdbx_poly_seq_scheme.ndb_seq_num 
_pdbx_poly_seq_scheme.pdb_seq_num 
_pdbx_poly_seq_scheme.auth_seq_num 
_pdbx_poly_seq_scheme.pdb_mon_id 
_pdbx_poly_seq_scheme.auth_mon_id 
_pdbx_poly_seq_scheme.pdb_strand_id 
_pdbx_poly_seq_scheme.pdb_ins_code 
_pdbx_poly_seq_scheme.hetero 
A 1 1  DG    1  1  1  DG    DG  A . n 
A 1 2  DA    2  2  2  DA    DA  A . n 
A 1 3  DG    3  3  3  DG    DG  A . n 
A 1 4  DC    4  4  4  DC    DC  A . n 
A 1 5  DA    5  5  5  DA    DA  A . n 
A 1 6  DG    6  6  6  DG    DG  A . n 
A 1 7  DC    7  7  7  DC    DC  A . n 
A 1 8  DC    8  8  8  DC    DC  A . n 
A 1 9  DT    9  9  9  DT    DT  A . n 
A 1 10 DG    10 10 10 DG    DG  A . n 
A 1 11 DT    11 11 11 DT    DT  A . n 
A 1 12 5IU   12 12 12 5IU   5IU A . n 
A 1 13 DT    13 13 13 DT    DT  A . n 
A 1 14 DG    14 14 14 DG    DG  A . n 
A 1 15 DG    15 15 15 DG    DG  A . n 
A 1 16 DA    16 16 16 DA    DA  A . n 
A 1 17 DC    17 17 17 DC    DC  A . n 
A 1 18 DA    18 18 18 DA    DA  A . n 
A 1 19 DT    19 19 19 DT    DT  A . n 
A 1 20 DC    20 20 20 DC    DC  A . n 
A 1 21 DA    21 21 21 DA    DA  A . n 
B 2 1  DC    1  1  1  DC    DC  B . n 
B 2 2  DC    2  2  2  DC    DC  B . n 
B 2 3  DA    3  3  3  DA    DA  B . n 
B 2 4  A1AAZ 4  8  4  A1AAZ DF  B . n 
B 2 5  DA    5  9  5  DA    DA  B . n 
B 2 6  DC    6  10 6  DC    DC  B . n 
B 2 7  DA    7  11 7  DA    DA  B . n 
C 3 1  DG    1  8  8  DG    DG  C . n 
C 3 2  DG    2  9  9  DG    DG  C . n 
C 3 3  DC    3  10 10 DC    DC  C . n 
C 3 4  DT    4  11 11 DT    DT  C . n 
C 3 5  DG    5  12 12 DG    DG  C . n 
C 3 6  DC    6  13 13 DC    DC  C . n 
C 3 7  DT    7  14 14 DT    DT  C . n 
D 4 1  DC    1  1  1  DC    DC  D . n 
D 4 2  DT    2  2  2  DT    DT  D . n 
D 4 3  DG    3  3  3  DG    DG  D . n 
D 4 4  DA    4  4  4  DA    DA  D . n 
D 4 5  DT    5  5  5  DT    DT  D . n 
D 4 6  DG    6  6  6  DG    DG  D . n 
D 4 7  DT    7  7  7  DT    DT  D . n 
# 
loop_
_pdbx_entity_instance_feature.ordinal 
_pdbx_entity_instance_feature.comp_id 
_pdbx_entity_instance_feature.asym_id 
_pdbx_entity_instance_feature.seq_num 
_pdbx_entity_instance_feature.auth_comp_id 
_pdbx_entity_instance_feature.auth_asym_id 
_pdbx_entity_instance_feature.auth_seq_num 
_pdbx_entity_instance_feature.feature_type 
_pdbx_entity_instance_feature.details 
1 A1AAZ ? ? A1AAZ ? ? 'SUBJECT OF INVESTIGATION' ? 
2 HG    ? ? HG    ? ? 'SUBJECT OF INVESTIGATION' ? 
3 5IU   ? ? 5IU   ? ? 'SUBJECT OF INVESTIGATION' ? 
# 
loop_
_pdbx_nonpoly_scheme.asym_id 
_pdbx_nonpoly_scheme.entity_id 
_pdbx_nonpoly_scheme.mon_id 
_pdbx_nonpoly_scheme.ndb_seq_num 
_pdbx_nonpoly_scheme.pdb_seq_num 
_pdbx_nonpoly_scheme.auth_seq_num 
_pdbx_nonpoly_scheme.pdb_mon_id 
_pdbx_nonpoly_scheme.auth_mon_id 
_pdbx_nonpoly_scheme.pdb_strand_id 
_pdbx_nonpoly_scheme.pdb_ins_code 
E 5 HG 1 101 1 HG HG A . 
F 5 HG 1 101 2 HG HG B . 
# 
loop_
_software.citation_id 
_software.classification 
_software.compiler_name 
_software.compiler_version 
_software.contact_author 
_software.contact_author_email 
_software.date 
_software.description 
_software.dependencies 
_software.hardware 
_software.language 
_software.location 
_software.mods 
_software.name 
_software.os 
_software.os_version 
_software.type 
_software.version 
_software.pdbx_reference_DOI 
_software.pdbx_ordinal 
? refinement       ? ? ? ? ? ? ? ? ? ? ? PHENIX    ? ? ? 1.20.1_4487 ? 1 
? 'data reduction' ? ? ? ? ? ? ? ? ? ? ? autoPROC  ? ? ? .           ? 2 
? 'data scaling'   ? ? ? ? ? ? ? ? ? ? ? STARANISO ? ? ? .           ? 3 
? phasing          ? ? ? ? ? ? ? ? ? ? ? AutoSol   ? ? ? .           ? 4 
# 
_cell.angle_alpha                  90.000 
_cell.angle_alpha_esd              ? 
_cell.angle_beta                   90.000 
_cell.angle_beta_esd               ? 
_cell.angle_gamma                  120.000 
_cell.angle_gamma_esd              ? 
_cell.entry_id                     9E20 
_cell.details                      ? 
_cell.formula_units_Z              ? 
_cell.length_a                     104.999 
_cell.length_a_esd                 ? 
_cell.length_b                     104.999 
_cell.length_b_esd                 ? 
_cell.length_c                     96.010 
_cell.length_c_esd                 ? 
_cell.volume                       916679.306 
_cell.volume_esd                   ? 
_cell.Z_PDB                        9 
_cell.reciprocal_angle_alpha       ? 
_cell.reciprocal_angle_beta        ? 
_cell.reciprocal_angle_gamma       ? 
_cell.reciprocal_angle_alpha_esd   ? 
_cell.reciprocal_angle_beta_esd    ? 
_cell.reciprocal_angle_gamma_esd   ? 
_cell.reciprocal_length_a          ? 
_cell.reciprocal_length_b          ? 
_cell.reciprocal_length_c          ? 
_cell.reciprocal_length_a_esd      ? 
_cell.reciprocal_length_b_esd      ? 
_cell.reciprocal_length_c_esd      ? 
_cell.pdbx_unique_axis             ? 
_cell.pdbx_esd_method              ? 
# 
_symmetry.entry_id                         9E20 
_symmetry.cell_setting                     ? 
_symmetry.Int_Tables_number                146 
_symmetry.space_group_name_Hall            'H 3' 
_symmetry.space_group_name_H-M             'H 3' 
_symmetry.pdbx_full_space_group_name_H-M   ? 
# 
_exptl.absorpt_coefficient_mu     ? 
_exptl.absorpt_correction_T_max   ? 
_exptl.absorpt_correction_T_min   ? 
_exptl.absorpt_correction_type    ? 
_exptl.absorpt_process_details    ? 
_exptl.entry_id                   9E20 
_exptl.crystals_number            1 
_exptl.details                    ? 
_exptl.method                     'X-RAY DIFFRACTION' 
_exptl.method_details             ? 
# 
_exptl_crystal.colour                       ? 
_exptl_crystal.density_diffrn               ? 
_exptl_crystal.density_Matthews             7.89 
_exptl_crystal.density_method               ? 
_exptl_crystal.density_percent_sol          84.40 
_exptl_crystal.description                  ? 
_exptl_crystal.F_000                        ? 
_exptl_crystal.id                           1 
_exptl_crystal.preparation                  ? 
_exptl_crystal.size_max                     ? 
_exptl_crystal.size_mid                     ? 
_exptl_crystal.size_min                     ? 
_exptl_crystal.size_rad                     ? 
_exptl_crystal.colour_lustre                ? 
_exptl_crystal.colour_modifier              ? 
_exptl_crystal.colour_primary               ? 
_exptl_crystal.density_meas                 ? 
_exptl_crystal.density_meas_esd             ? 
_exptl_crystal.density_meas_gt              ? 
_exptl_crystal.density_meas_lt              ? 
_exptl_crystal.density_meas_temp            ? 
_exptl_crystal.density_meas_temp_esd        ? 
_exptl_crystal.density_meas_temp_gt         ? 
_exptl_crystal.density_meas_temp_lt         ? 
_exptl_crystal.pdbx_crystal_image_url       ? 
_exptl_crystal.pdbx_crystal_image_format    ? 
_exptl_crystal.pdbx_mosaicity               ? 
_exptl_crystal.pdbx_mosaicity_esd           ? 
_exptl_crystal.pdbx_mosaic_method           ? 
_exptl_crystal.pdbx_mosaic_block_size       ? 
_exptl_crystal.pdbx_mosaic_block_size_esd   ? 
# 
_exptl_crystal_grow.apparatus       ? 
_exptl_crystal_grow.atmosphere      ? 
_exptl_crystal_grow.crystal_id      1 
_exptl_crystal_grow.details         ? 
_exptl_crystal_grow.method          'VAPOR DIFFUSION, HANGING DROP' 
_exptl_crystal_grow.method_ref      ? 
_exptl_crystal_grow.pH              8.0 
_exptl_crystal_grow.pressure        ? 
_exptl_crystal_grow.pressure_esd    ? 
_exptl_crystal_grow.seeding         ? 
_exptl_crystal_grow.seeding_ref     ? 
_exptl_crystal_grow.temp_details    ? 
_exptl_crystal_grow.temp_esd        ? 
_exptl_crystal_grow.time            ? 
_exptl_crystal_grow.pdbx_details    '100 mM MOPS, 1.25 M magnesium sulfate' 
_exptl_crystal_grow.pdbx_pH_range   ? 
_exptl_crystal_grow.temp            293 
# 
_diffrn.ambient_environment              ? 
_diffrn.ambient_temp                     100 
_diffrn.ambient_temp_details             ? 
_diffrn.ambient_temp_esd                 ? 
_diffrn.crystal_id                       1 
_diffrn.crystal_support                  ? 
_diffrn.crystal_treatment                ? 
_diffrn.details                          ? 
_diffrn.id                               1 
_diffrn.ambient_pressure                 ? 
_diffrn.ambient_pressure_esd             ? 
_diffrn.ambient_pressure_gt              ? 
_diffrn.ambient_pressure_lt              ? 
_diffrn.ambient_temp_gt                  ? 
_diffrn.ambient_temp_lt                  ? 
_diffrn.pdbx_serial_crystal_experiment   N 
# 
_diffrn_detector.details                      ? 
_diffrn_detector.detector                     PIXEL 
_diffrn_detector.diffrn_id                    1 
_diffrn_detector.type                         'DECTRIS EIGER X 9M' 
_diffrn_detector.area_resol_mean              ? 
_diffrn_detector.dtime                        ? 
_diffrn_detector.pdbx_frames_total            ? 
_diffrn_detector.pdbx_collection_time_total   ? 
_diffrn_detector.pdbx_collection_date         2023-12-04 
_diffrn_detector.pdbx_frequency               ? 
_diffrn_detector.id                           ? 
_diffrn_detector.number_of_axes               ? 
# 
_diffrn_radiation.collimation                      ? 
_diffrn_radiation.diffrn_id                        1 
_diffrn_radiation.filter_edge                      ? 
_diffrn_radiation.inhomogeneity                    ? 
_diffrn_radiation.monochromator                    ? 
_diffrn_radiation.polarisn_norm                    ? 
_diffrn_radiation.polarisn_ratio                   ? 
_diffrn_radiation.probe                            ? 
_diffrn_radiation.type                             ? 
_diffrn_radiation.xray_symbol                      ? 
_diffrn_radiation.wavelength_id                    1 
_diffrn_radiation.pdbx_monochromatic_or_laue_m_l   M 
_diffrn_radiation.pdbx_wavelength_list             ? 
_diffrn_radiation.pdbx_wavelength                  ? 
_diffrn_radiation.pdbx_diffrn_protocol             'SINGLE WAVELENGTH' 
_diffrn_radiation.pdbx_analyzer                    ? 
_diffrn_radiation.pdbx_scattering_type             x-ray 
# 
_diffrn_radiation_wavelength.id           1 
_diffrn_radiation_wavelength.wavelength   0.92 
_diffrn_radiation_wavelength.wt           1.0 
# 
_diffrn_source.current                     ? 
_diffrn_source.details                     ? 
_diffrn_source.diffrn_id                   1 
_diffrn_source.power                       ? 
_diffrn_source.size                        ? 
_diffrn_source.source                      SYNCHROTRON 
_diffrn_source.target                      ? 
_diffrn_source.type                        'NSLS-II BEAMLINE 17-ID-1' 
_diffrn_source.voltage                     ? 
_diffrn_source.take-off_angle              ? 
_diffrn_source.pdbx_wavelength_list        0.92 
_diffrn_source.pdbx_wavelength             ? 
_diffrn_source.pdbx_synchrotron_beamline   17-ID-1 
_diffrn_source.pdbx_synchrotron_site       NSLS-II 
# 
_reflns.B_iso_Wilson_estimate                          247.68 
_reflns.entry_id                                       9E20 
_reflns.data_reduction_details                         ? 
_reflns.data_reduction_method                          ? 
_reflns.d_resolution_high                              4.720 
_reflns.d_resolution_low                               66.021 
_reflns.details                                        ? 
_reflns.limit_h_max                                    ? 
_reflns.limit_h_min                                    ? 
_reflns.limit_k_max                                    ? 
_reflns.limit_k_min                                    ? 
_reflns.limit_l_max                                    ? 
_reflns.limit_l_min                                    ? 
_reflns.number_all                                     ? 
_reflns.number_obs                                     2840 
_reflns.observed_criterion                             ? 
_reflns.observed_criterion_F_max                       ? 
_reflns.observed_criterion_F_min                       ? 
_reflns.observed_criterion_I_max                       ? 
_reflns.observed_criterion_I_min                       ? 
_reflns.observed_criterion_sigma_F                     ? 
_reflns.observed_criterion_sigma_I                     ? 
_reflns.percent_possible_obs                           84.5 
_reflns.R_free_details                                 ? 
_reflns.Rmerge_F_all                                   ? 
_reflns.Rmerge_F_obs                                   ? 
_reflns.Friedel_coverage                               ? 
_reflns.number_gt                                      ? 
_reflns.threshold_expression                           ? 
_reflns.pdbx_redundancy                                5.6 
_reflns.pdbx_netI_over_av_sigmaI                       ? 
_reflns.pdbx_netI_over_sigmaI                          4.8 
_reflns.pdbx_res_netI_over_av_sigmaI_2                 ? 
_reflns.pdbx_res_netI_over_sigmaI_2                    ? 
_reflns.pdbx_chi_squared                               ? 
_reflns.pdbx_scaling_rejects                           ? 
_reflns.pdbx_d_res_high_opt                            ? 
_reflns.pdbx_d_res_low_opt                             ? 
_reflns.pdbx_d_res_opt_method                          ? 
_reflns.phase_calculation_details                      ? 
_reflns.pdbx_Rrim_I_all                                ? 
_reflns.pdbx_Rpim_I_all                                ? 
_reflns.pdbx_d_opt                                     ? 
_reflns.pdbx_number_measured_all                       ? 
_reflns.pdbx_diffrn_id                                 1 
_reflns.pdbx_ordinal                                   1 
_reflns.pdbx_CC_half                                   0.998 
_reflns.pdbx_CC_star                                   ? 
_reflns.pdbx_R_split                                   ? 
_reflns.pdbx_Rmerge_I_obs                              ? 
_reflns.pdbx_Rmerge_I_all                              ? 
_reflns.pdbx_Rsym_value                                ? 
_reflns.pdbx_CC_split_method                           ? 
_reflns.pdbx_aniso_diffraction_limit_axis_1_ortho[1]   ? 
_reflns.pdbx_aniso_diffraction_limit_axis_1_ortho[2]   ? 
_reflns.pdbx_aniso_diffraction_limit_axis_1_ortho[3]   ? 
_reflns.pdbx_aniso_diffraction_limit_axis_2_ortho[1]   ? 
_reflns.pdbx_aniso_diffraction_limit_axis_2_ortho[2]   ? 
_reflns.pdbx_aniso_diffraction_limit_axis_2_ortho[3]   ? 
_reflns.pdbx_aniso_diffraction_limit_axis_3_ortho[1]   ? 
_reflns.pdbx_aniso_diffraction_limit_axis_3_ortho[2]   ? 
_reflns.pdbx_aniso_diffraction_limit_axis_3_ortho[3]   ? 
_reflns.pdbx_aniso_diffraction_limit_1                 ? 
_reflns.pdbx_aniso_diffraction_limit_2                 ? 
_reflns.pdbx_aniso_diffraction_limit_3                 ? 
_reflns.pdbx_aniso_B_tensor_eigenvector_1_ortho[1]     ? 
_reflns.pdbx_aniso_B_tensor_eigenvector_1_ortho[2]     ? 
_reflns.pdbx_aniso_B_tensor_eigenvector_1_ortho[3]     ? 
_reflns.pdbx_aniso_B_tensor_eigenvector_2_ortho[1]     ? 
_reflns.pdbx_aniso_B_tensor_eigenvector_2_ortho[2]     ? 
_reflns.pdbx_aniso_B_tensor_eigenvector_2_ortho[3]     ? 
_reflns.pdbx_aniso_B_tensor_eigenvector_3_ortho[1]     ? 
_reflns.pdbx_aniso_B_tensor_eigenvector_3_ortho[2]     ? 
_reflns.pdbx_aniso_B_tensor_eigenvector_3_ortho[3]     ? 
_reflns.pdbx_aniso_B_tensor_eigenvalue_1               ? 
_reflns.pdbx_aniso_B_tensor_eigenvalue_2               ? 
_reflns.pdbx_aniso_B_tensor_eigenvalue_3               ? 
_reflns.pdbx_orthogonalization_convention              ? 
_reflns.pdbx_percent_possible_ellipsoidal              ? 
_reflns.pdbx_percent_possible_spherical                ? 
_reflns.pdbx_percent_possible_ellipsoidal_anomalous    ? 
_reflns.pdbx_percent_possible_spherical_anomalous      ? 
_reflns.pdbx_redundancy_anomalous                      ? 
_reflns.pdbx_CC_half_anomalous                         ? 
_reflns.pdbx_absDiff_over_sigma_anomalous              ? 
_reflns.pdbx_percent_possible_anomalous                ? 
_reflns.pdbx_observed_signal_threshold                 ? 
_reflns.pdbx_signal_type                               ? 
_reflns.pdbx_signal_details                            ? 
_reflns.pdbx_signal_software_id                        ? 
# 
loop_
_reflns_shell.d_res_high 
_reflns_shell.d_res_low 
_reflns_shell.meanI_over_sigI_all 
_reflns_shell.meanI_over_sigI_obs 
_reflns_shell.number_measured_all 
_reflns_shell.number_measured_obs 
_reflns_shell.number_possible 
_reflns_shell.number_unique_all 
_reflns_shell.number_unique_obs 
_reflns_shell.percent_possible_obs 
_reflns_shell.Rmerge_F_all 
_reflns_shell.Rmerge_F_obs 
_reflns_shell.meanI_over_sigI_gt 
_reflns_shell.meanI_over_uI_all 
_reflns_shell.meanI_over_uI_gt 
_reflns_shell.number_measured_gt 
_reflns_shell.number_unique_gt 
_reflns_shell.percent_possible_gt 
_reflns_shell.Rmerge_F_gt 
_reflns_shell.Rmerge_I_gt 
_reflns_shell.pdbx_redundancy 
_reflns_shell.pdbx_chi_squared 
_reflns_shell.pdbx_netI_over_sigmaI_all 
_reflns_shell.pdbx_netI_over_sigmaI_obs 
_reflns_shell.pdbx_Rrim_I_all 
_reflns_shell.pdbx_Rpim_I_all 
_reflns_shell.pdbx_rejects 
_reflns_shell.pdbx_ordinal 
_reflns_shell.pdbx_diffrn_id 
_reflns_shell.pdbx_CC_half 
_reflns_shell.pdbx_CC_star 
_reflns_shell.pdbx_R_split 
_reflns_shell.percent_possible_all 
_reflns_shell.Rmerge_I_all 
_reflns_shell.Rmerge_I_obs 
_reflns_shell.pdbx_Rsym_value 
_reflns_shell.pdbx_percent_possible_ellipsoidal 
_reflns_shell.pdbx_percent_possible_spherical 
_reflns_shell.pdbx_percent_possible_ellipsoidal_anomalous 
_reflns_shell.pdbx_percent_possible_spherical_anomalous 
_reflns_shell.pdbx_redundancy_anomalous 
_reflns_shell.pdbx_CC_half_anomalous 
_reflns_shell.pdbx_absDiff_over_sigma_anomalous 
_reflns_shell.pdbx_percent_possible_anomalous 
4.720  5.489  ? 1.6 ? ? ? ? 204 ? ? ? ? ? ? ? ? ? ? ? ? ? ? ? ? ? ? 1 1 0.602 ? ? ?     ? ? ? ? ? ? ? ? ? ? ? 
10.173 66.021 ? ?   ? ? ? ? 204 ? ? ? ? ? ? ? ? ? ? ? ? ? ? ? ? ? ? 2 1 0.997 ? ? 100.0 ? ? ? ? ? ? ? ? ? ? ? 
# 
_refine.aniso_B[1][1]                            ? 
_refine.aniso_B[1][2]                            ? 
_refine.aniso_B[1][3]                            ? 
_refine.aniso_B[2][2]                            ? 
_refine.aniso_B[2][3]                            ? 
_refine.aniso_B[3][3]                            ? 
_refine.B_iso_max                                ? 
_refine.B_iso_mean                               236.23 
_refine.B_iso_min                                ? 
_refine.correlation_coeff_Fo_to_Fc               ? 
_refine.correlation_coeff_Fo_to_Fc_free          ? 
_refine.details                                  ? 
_refine.diff_density_max                         ? 
_refine.diff_density_max_esd                     ? 
_refine.diff_density_min                         ? 
_refine.diff_density_min_esd                     ? 
_refine.diff_density_rms                         ? 
_refine.diff_density_rms_esd                     ? 
_refine.entry_id                                 9E20 
_refine.pdbx_refine_id                           'X-RAY DIFFRACTION' 
_refine.ls_abs_structure_details                 ? 
_refine.ls_abs_structure_Flack                   ? 
_refine.ls_abs_structure_Flack_esd               ? 
_refine.ls_abs_structure_Rogers                  ? 
_refine.ls_abs_structure_Rogers_esd              ? 
_refine.ls_d_res_high                            4.72 
_refine.ls_d_res_low                             42.45 
_refine.ls_extinction_coef                       ? 
_refine.ls_extinction_coef_esd                   ? 
_refine.ls_extinction_expression                 ? 
_refine.ls_extinction_method                     ? 
_refine.ls_goodness_of_fit_all                   ? 
_refine.ls_goodness_of_fit_all_esd               ? 
_refine.ls_goodness_of_fit_obs                   ? 
_refine.ls_goodness_of_fit_obs_esd               ? 
_refine.ls_hydrogen_treatment                    ? 
_refine.ls_matrix_type                           ? 
_refine.ls_number_constraints                    ? 
_refine.ls_number_parameters                     ? 
_refine.ls_number_reflns_all                     ? 
_refine.ls_number_reflns_obs                     2817 
_refine.ls_number_reflns_R_free                  165 
_refine.ls_number_reflns_R_work                  2652 
_refine.ls_number_restraints                     ? 
_refine.ls_percent_reflns_obs                    69.28 
_refine.ls_percent_reflns_R_free                 5.86 
_refine.ls_R_factor_all                          ? 
_refine.ls_R_factor_obs                          0.1926 
_refine.ls_R_factor_R_free                       0.2529 
_refine.ls_R_factor_R_free_error                 ? 
_refine.ls_R_factor_R_free_error_details         ? 
_refine.ls_R_factor_R_work                       0.1891 
_refine.ls_R_Fsqd_factor_obs                     ? 
_refine.ls_R_I_factor_obs                        ? 
_refine.ls_redundancy_reflns_all                 ? 
_refine.ls_redundancy_reflns_obs                 ? 
_refine.ls_restrained_S_all                      ? 
_refine.ls_restrained_S_obs                      ? 
_refine.ls_shift_over_esd_max                    ? 
_refine.ls_shift_over_esd_mean                   ? 
_refine.ls_structure_factor_coef                 ? 
_refine.ls_weighting_details                     ? 
_refine.ls_weighting_scheme                      ? 
_refine.ls_wR_factor_all                         ? 
_refine.ls_wR_factor_obs                         ? 
_refine.ls_wR_factor_R_free                      ? 
_refine.ls_wR_factor_R_work                      ? 
_refine.occupancy_max                            ? 
_refine.occupancy_min                            ? 
_refine.solvent_model_details                    'FLAT BULK SOLVENT MODEL' 
_refine.solvent_model_param_bsol                 ? 
_refine.solvent_model_param_ksol                 ? 
_refine.correlation_coeff_I_to_Fcsqd_work        ? 
_refine.correlation_coeff_I_to_Fcsqd_free        ? 
_refine.pdbx_R_complete                          ? 
_refine.ls_R_factor_gt                           ? 
_refine.ls_goodness_of_fit_gt                    ? 
_refine.ls_goodness_of_fit_ref                   ? 
_refine.ls_shift_over_su_max                     ? 
_refine.ls_shift_over_su_max_lt                  ? 
_refine.ls_shift_over_su_mean                    ? 
_refine.ls_shift_over_su_mean_lt                 ? 
_refine.pdbx_ls_sigma_I                          ? 
_refine.pdbx_ls_sigma_F                          1.96 
_refine.pdbx_ls_sigma_Fsqd                       ? 
_refine.pdbx_data_cutoff_high_absF               ? 
_refine.pdbx_data_cutoff_high_rms_absF           ? 
_refine.pdbx_data_cutoff_low_absF                ? 
_refine.pdbx_isotropic_thermal_model             ? 
_refine.pdbx_ls_cross_valid_method               'FREE R-VALUE' 
_refine.pdbx_method_to_determine_struct          SAD 
_refine.pdbx_starting_model                      ? 
_refine.pdbx_stereochemistry_target_values       'GeoStd + Monomer Library + CDL v1.2' 
_refine.pdbx_R_Free_selection_details            ? 
_refine.pdbx_stereochem_target_val_spec_case     ? 
_refine.pdbx_overall_ESU_R                       ? 
_refine.pdbx_overall_ESU_R_Free                  ? 
_refine.pdbx_solvent_vdw_probe_radii             1.1000 
_refine.pdbx_solvent_ion_probe_radii             ? 
_refine.pdbx_solvent_shrinkage_radii             0.9000 
_refine.pdbx_real_space_R                        ? 
_refine.pdbx_density_correlation                 ? 
_refine.pdbx_pd_number_of_powder_patterns        ? 
_refine.pdbx_pd_number_of_points                 ? 
_refine.pdbx_pd_meas_number_of_points            ? 
_refine.pdbx_pd_proc_ls_prof_R_factor            ? 
_refine.pdbx_pd_proc_ls_prof_wR_factor           ? 
_refine.pdbx_pd_Marquardt_correlation_coeff      ? 
_refine.pdbx_pd_Fsqrd_R_factor                   ? 
_refine.pdbx_pd_ls_matrix_band_width             ? 
_refine.pdbx_overall_phase_error                 31.1333 
_refine.pdbx_overall_SU_R_free_Cruickshank_DPI   ? 
_refine.pdbx_overall_SU_R_free_Blow_DPI          ? 
_refine.pdbx_overall_SU_R_Blow_DPI               ? 
_refine.pdbx_TLS_residual_ADP_flag               ? 
_refine.pdbx_diffrn_id                           1 
_refine.overall_SU_B                             ? 
_refine.overall_SU_ML                            0.5538 
_refine.overall_SU_R_Cruickshank_DPI             ? 
_refine.overall_SU_R_free                        ? 
_refine.overall_FOM_free_R_set                   ? 
_refine.overall_FOM_work_R_set                   ? 
_refine.pdbx_average_fsc_overall                 ? 
_refine.pdbx_average_fsc_work                    ? 
_refine.pdbx_average_fsc_free                    ? 
# 
_refine_hist.pdbx_refine_id                   'X-RAY DIFFRACTION' 
_refine_hist.cycle_id                         LAST 
_refine_hist.details                          ? 
_refine_hist.d_res_high                       4.72 
_refine_hist.d_res_low                        42.45 
_refine_hist.number_atoms_solvent             0 
_refine_hist.number_atoms_total               860 
_refine_hist.number_reflns_all                ? 
_refine_hist.number_reflns_obs                ? 
_refine_hist.number_reflns_R_free             ? 
_refine_hist.number_reflns_R_work             ? 
_refine_hist.R_factor_all                     ? 
_refine_hist.R_factor_obs                     ? 
_refine_hist.R_factor_R_free                  ? 
_refine_hist.R_factor_R_work                  ? 
_refine_hist.pdbx_number_residues_total       ? 
_refine_hist.pdbx_B_iso_mean_ligand           ? 
_refine_hist.pdbx_B_iso_mean_solvent          ? 
_refine_hist.pdbx_number_atoms_protein        0 
_refine_hist.pdbx_number_atoms_nucleic_acid   777 
_refine_hist.pdbx_number_atoms_ligand         83 
_refine_hist.pdbx_number_atoms_lipid          ? 
_refine_hist.pdbx_number_atoms_carb           ? 
_refine_hist.pdbx_pseudo_atom_details         ? 
# 
loop_
_refine_ls_restr.pdbx_refine_id 
_refine_ls_restr.criterion 
_refine_ls_restr.dev_ideal 
_refine_ls_restr.dev_ideal_target 
_refine_ls_restr.number 
_refine_ls_restr.rejects 
_refine_ls_restr.type 
_refine_ls_restr.weight 
_refine_ls_restr.pdbx_Zscore 
_refine_ls_restr.pdbx_restraint_function 
'X-RAY DIFFRACTION' ? 0.0158  ? 958  ? f_bond_d           ? ? ? 
'X-RAY DIFFRACTION' ? 1.6345  ? 1471 ? f_angle_d          ? ? ? 
'X-RAY DIFFRACTION' ? 0.0841  ? 162  ? f_chiral_restr     ? ? ? 
'X-RAY DIFFRACTION' ? 0.0086  ? 42   ? f_plane_restr      ? ? ? 
'X-RAY DIFFRACTION' ? 38.6586 ? 417  ? f_dihedral_angle_d ? ? ? 
# 
_refine_ls_shell.pdbx_refine_id                      'X-RAY DIFFRACTION' 
_refine_ls_shell.d_res_high                          4.72 
_refine_ls_shell.d_res_low                           42.45 
_refine_ls_shell.number_reflns_all                   ? 
_refine_ls_shell.number_reflns_obs                   ? 
_refine_ls_shell.number_reflns_R_free                165 
_refine_ls_shell.number_reflns_R_work                2652 
_refine_ls_shell.percent_reflns_obs                  69.28 
_refine_ls_shell.percent_reflns_R_free               ? 
_refine_ls_shell.R_factor_all                        ? 
_refine_ls_shell.R_factor_obs                        ? 
_refine_ls_shell.R_factor_R_free_error               ? 
_refine_ls_shell.R_factor_R_work                     0.1891 
_refine_ls_shell.redundancy_reflns_all               ? 
_refine_ls_shell.redundancy_reflns_obs               ? 
_refine_ls_shell.wR_factor_all                       ? 
_refine_ls_shell.wR_factor_obs                       ? 
_refine_ls_shell.wR_factor_R_free                    ? 
_refine_ls_shell.wR_factor_R_work                    ? 
_refine_ls_shell.pdbx_R_complete                     ? 
_refine_ls_shell.correlation_coeff_Fo_to_Fc          ? 
_refine_ls_shell.correlation_coeff_Fo_to_Fc_free     ? 
_refine_ls_shell.correlation_coeff_I_to_Fcsqd_work   ? 
_refine_ls_shell.correlation_coeff_I_to_Fcsqd_free   ? 
_refine_ls_shell.pdbx_total_number_of_bins_used      ? 
_refine_ls_shell.pdbx_phase_error                    ? 
_refine_ls_shell.pdbx_fsc_work                       ? 
_refine_ls_shell.pdbx_fsc_free                       ? 
_refine_ls_shell.R_factor_R_free                     0.2529 
# 
_struct.entry_id                     9E20 
_struct.title                        '[iU:Hg2+:F] Mercury base pair with 2-thiothymidine and iodouracil' 
_struct.pdbx_model_details           ? 
_struct.pdbx_formula_weight          ? 
_struct.pdbx_formula_weight_method   ? 
_struct.pdbx_model_type_details      ? 
_struct.pdbx_CASP_flag               N 
# 
_struct_keywords.entry_id        9E20 
_struct_keywords.text            'Tensegrity triangle, mmDNA, mercury, thiothymidine, DNA' 
_struct_keywords.pdbx_keywords   DNA 
# 
loop_
_struct_asym.id 
_struct_asym.pdbx_blank_PDB_chainid_flag 
_struct_asym.pdbx_modified 
_struct_asym.entity_id 
_struct_asym.details 
A N N 1 ? 
B N N 2 ? 
C N N 3 ? 
D N N 4 ? 
E N N 5 ? 
F N N 5 ? 
# 
loop_
_struct_ref.id 
_struct_ref.db_name 
_struct_ref.db_code 
_struct_ref.pdbx_db_accession 
_struct_ref.pdbx_db_isoform 
_struct_ref.entity_id 
_struct_ref.pdbx_seq_one_letter_code 
_struct_ref.pdbx_align_begin 
1 PDB 9E20 9E20 ? 1 ? 1 
2 PDB 9E20 9E20 ? 2 ? 1 
3 PDB 9E20 9E20 ? 3 ? 1 
4 PDB 9E20 9E20 ? 4 ? 1 
# 
loop_
_struct_ref_seq.align_id 
_struct_ref_seq.ref_id 
_struct_ref_seq.pdbx_PDB_id_code 
_struct_ref_seq.pdbx_strand_id 
_struct_ref_seq.seq_align_beg 
_struct_ref_seq.pdbx_seq_align_beg_ins_code 
_struct_ref_seq.seq_align_end 
_struct_ref_seq.pdbx_seq_align_end_ins_code 
_struct_ref_seq.pdbx_db_accession 
_struct_ref_seq.db_align_beg 
_struct_ref_seq.pdbx_db_align_beg_ins_code 
_struct_ref_seq.db_align_end 
_struct_ref_seq.pdbx_db_align_end_ins_code 
_struct_ref_seq.pdbx_auth_seq_align_beg 
_struct_ref_seq.pdbx_auth_seq_align_end 
1 1 9E20 A 1 ? 21 ? 9E20 1 ? 21 ? 1 21 
2 2 9E20 B 1 ? 7  ? 9E20 1 ? 11 ? 1 11 
3 3 9E20 C 1 ? 7  ? 9E20 8 ? 14 ? 8 14 
4 4 9E20 D 1 ? 7  ? 9E20 1 ? 7  ? 1 7  
# 
_pdbx_struct_assembly.id                   1 
_pdbx_struct_assembly.details              author_defined_assembly 
_pdbx_struct_assembly.method_details       ? 
_pdbx_struct_assembly.oligomeric_details   dodecameric 
_pdbx_struct_assembly.oligomeric_count     12 
# 
loop_
_pdbx_struct_assembly_gen.assembly_id 
_pdbx_struct_assembly_gen.oper_expression 
_pdbx_struct_assembly_gen.asym_id_list 
1 1 A,B,C,D,E,F 
1 2 A,B,C,D,E,F 
1 3 A,B,C,D,E,F 
# 
_pdbx_struct_assembly_auth_evidence.id                     1 
_pdbx_struct_assembly_auth_evidence.assembly_id            1 
_pdbx_struct_assembly_auth_evidence.experimental_support   'native gel electrophoresis' 
_pdbx_struct_assembly_auth_evidence.details                ? 
# 
loop_
_pdbx_struct_oper_list.id 
_pdbx_struct_oper_list.type 
_pdbx_struct_oper_list.name 
_pdbx_struct_oper_list.symmetry_operation 
_pdbx_struct_oper_list.matrix[1][1] 
_pdbx_struct_oper_list.matrix[1][2] 
_pdbx_struct_oper_list.matrix[1][3] 
_pdbx_struct_oper_list.vector[1] 
_pdbx_struct_oper_list.matrix[2][1] 
_pdbx_struct_oper_list.matrix[2][2] 
_pdbx_struct_oper_list.matrix[2][3] 
_pdbx_struct_oper_list.vector[2] 
_pdbx_struct_oper_list.matrix[3][1] 
_pdbx_struct_oper_list.matrix[3][2] 
_pdbx_struct_oper_list.matrix[3][3] 
_pdbx_struct_oper_list.vector[3] 
1 'identity operation'         1_555 x,y,z     1.0000000000 0.0000000000  0.0000000000  0.0000000000 0.0000000000  1.0000000000  0.0000000000  0.0000000000  0.0000000000  0.0000000000  1.0000000000  0.0000000000  
2 'crystal symmetry operation' 2_555 -y,x-y,z  0.8039143796 -0.2477950376 -0.5406655987 9.1263242643 -0.5944376402 -0.3639949266 -0.7170436425 16.2820402216 -0.0191196785 0.8978336777  -0.4399194530 18.0187385346 
3 'crystal symmetry operation' 3_555 -x+y,-x,z 0.8039143796 -0.5944376402 -0.0191196785 2.6863867472 -0.2477950376 -0.3639949266 0.8978336777  -7.9897923862 -0.5406655987 -0.7170436425 -0.4399194530 24.5360166001 
# 
loop_
_struct_conn.id 
_struct_conn.conn_type_id 
_struct_conn.pdbx_leaving_atom_flag 
_struct_conn.pdbx_PDB_id 
_struct_conn.ptnr1_label_asym_id 
_struct_conn.ptnr1_label_comp_id 
_struct_conn.ptnr1_label_seq_id 
_struct_conn.ptnr1_label_atom_id 
_struct_conn.pdbx_ptnr1_label_alt_id 
_struct_conn.pdbx_ptnr1_PDB_ins_code 
_struct_conn.pdbx_ptnr1_standard_comp_id 
_struct_conn.ptnr1_symmetry 
_struct_conn.ptnr2_label_asym_id 
_struct_conn.ptnr2_label_comp_id 
_struct_conn.ptnr2_label_seq_id 
_struct_conn.ptnr2_label_atom_id 
_struct_conn.pdbx_ptnr2_label_alt_id 
_struct_conn.pdbx_ptnr2_PDB_ins_code 
_struct_conn.ptnr1_auth_asym_id 
_struct_conn.ptnr1_auth_comp_id 
_struct_conn.ptnr1_auth_seq_id 
_struct_conn.ptnr2_auth_asym_id 
_struct_conn.ptnr2_auth_comp_id 
_struct_conn.ptnr2_auth_seq_id 
_struct_conn.ptnr2_symmetry 
_struct_conn.pdbx_ptnr3_label_atom_id 
_struct_conn.pdbx_ptnr3_label_seq_id 
_struct_conn.pdbx_ptnr3_label_comp_id 
_struct_conn.pdbx_ptnr3_label_asym_id 
_struct_conn.pdbx_ptnr3_label_alt_id 
_struct_conn.pdbx_ptnr3_PDB_ins_code 
_struct_conn.details 
_struct_conn.pdbx_dist_value 
_struct_conn.pdbx_value_order 
_struct_conn.pdbx_role 
covale1  covale both ? A DT    11 "O3'" ? ? ? 1_555 A 5IU   12 P  ? ? A DT    11 A 5IU   12  1_555 ? ? ? ? ? ? ?            1.625 
? ? 
covale2  covale both ? A 5IU   12 "O3'" ? ? ? 1_555 A DT    13 P  ? ? A 5IU   12 A DT    13  1_555 ? ? ? ? ? ? ?            1.623 
? ? 
covale3  covale both ? B DA    3  "O3'" ? ? ? 1_555 B A1AAZ 4  P  ? ? B DA    3  B A1AAZ 8   1_555 ? ? ? ? ? ? ?            1.621 
? ? 
covale4  covale one  ? B A1AAZ 4  "O3'" ? ? ? 1_555 B DA    5  P  ? ? B A1AAZ 8  B DA    9   1_555 ? ? ? ? ? ? ?            1.612 
? ? 
metalc1  metalc ?    ? A DT    11 O4    ? ? ? 1_555 E HG    .  HG ? ? A DT    11 A HG    101 1_555 ? ? ? ? ? ? ?            2.995 
? ? 
metalc2  metalc ?    ? A 5IU   12 O4    ? ? ? 1_555 E HG    .  HG ? ? A 5IU   12 A HG    101 1_555 ? ? ? ? ? ? ?            2.722 
? ? 
hydrog1  hydrog ?    ? A DA    2  N1    ? ? ? 1_555 C DT    7  N3 ? ? A DA    2  C DT    14  1_555 ? ? ? ? ? ? WATSON-CRICK ?     
? ? 
hydrog2  hydrog ?    ? A DA    2  N6    ? ? ? 1_555 C DT    7  O4 ? ? A DA    2  C DT    14  1_555 ? ? ? ? ? ? WATSON-CRICK ?     
? ? 
hydrog3  hydrog ?    ? A DG    3  N1    ? ? ? 1_555 C DC    6  N3 ? ? A DG    3  C DC    13  1_555 ? ? ? ? ? ? WATSON-CRICK ?     
? ? 
hydrog4  hydrog ?    ? A DG    3  N2    ? ? ? 1_555 C DC    6  O2 ? ? A DG    3  C DC    13  1_555 ? ? ? ? ? ? WATSON-CRICK ?     
? ? 
hydrog5  hydrog ?    ? A DG    3  O6    ? ? ? 1_555 C DC    6  N4 ? ? A DG    3  C DC    13  1_555 ? ? ? ? ? ? WATSON-CRICK ?     
? ? 
hydrog6  hydrog ?    ? A DC    4  N4    ? ? ? 1_555 C DG    5  O6 ? ? A DC    4  C DG    12  1_555 ? ? ? ? ? ? 'DC-DG PAIR' ?     
? ? 
hydrog7  hydrog ?    ? A DG    6  N1    ? ? ? 1_555 C DC    3  N3 ? ? A DG    6  C DC    10  1_555 ? ? ? ? ? ? WATSON-CRICK ?     
? ? 
hydrog8  hydrog ?    ? A DG    6  N2    ? ? ? 1_555 C DC    3  O2 ? ? A DG    6  C DC    10  1_555 ? ? ? ? ? ? WATSON-CRICK ?     
? ? 
hydrog9  hydrog ?    ? A DG    6  O6    ? ? ? 1_555 C DC    3  N4 ? ? A DG    6  C DC    10  1_555 ? ? ? ? ? ? WATSON-CRICK ?     
? ? 
hydrog10 hydrog ?    ? A DC    7  N3    ? ? ? 1_555 C DG    2  N1 ? ? A DC    7  C DG    9   1_555 ? ? ? ? ? ? WATSON-CRICK ?     
? ? 
hydrog11 hydrog ?    ? A DC    7  N4    ? ? ? 1_555 C DG    2  O6 ? ? A DC    7  C DG    9   1_555 ? ? ? ? ? ? WATSON-CRICK ?     
? ? 
hydrog12 hydrog ?    ? A DC    7  O2    ? ? ? 1_555 C DG    2  N2 ? ? A DC    7  C DG    9   1_555 ? ? ? ? ? ? WATSON-CRICK ?     
? ? 
hydrog13 hydrog ?    ? A DC    8  N3    ? ? ? 1_555 C DG    1  N1 ? ? A DC    8  C DG    8   1_555 ? ? ? ? ? ? WATSON-CRICK ?     
? ? 
hydrog14 hydrog ?    ? A DC    8  N4    ? ? ? 1_555 C DG    1  O6 ? ? A DC    8  C DG    8   1_555 ? ? ? ? ? ? WATSON-CRICK ?     
? ? 
hydrog15 hydrog ?    ? A DC    8  O2    ? ? ? 1_555 C DG    1  N2 ? ? A DC    8  C DG    8   1_555 ? ? ? ? ? ? WATSON-CRICK ?     
? ? 
hydrog16 hydrog ?    ? A DT    9  N3    ? ? ? 1_555 B DA    7  N1 ? ? A DT    9  B DA    11  1_555 ? ? ? ? ? ? WATSON-CRICK ?     
? ? 
hydrog17 hydrog ?    ? A DT    9  O4    ? ? ? 1_555 B DA    7  N6 ? ? A DT    9  B DA    11  1_555 ? ? ? ? ? ? WATSON-CRICK ?     
? ? 
hydrog18 hydrog ?    ? A DG    10 N1    ? ? ? 1_555 B DA    5  N1 ? ? A DG    10 B DA    9   1_555 ? ? ? ? ? ? TYPE_8_PAIR  ?     
? ? 
hydrog19 hydrog ?    ? A DG    10 O6    ? ? ? 1_555 B DA    5  N6 ? ? A DG    10 B DA    9   1_555 ? ? ? ? ? ? TYPE_8_PAIR  ?     
? ? 
hydrog20 hydrog ?    ? A DG    10 N1    ? ? ? 1_555 B DC    6  N3 ? ? A DG    10 B DC    10  1_555 ? ? ? ? ? ? WATSON-CRICK ?     
? ? 
hydrog21 hydrog ?    ? A DG    10 N2    ? ? ? 1_555 B DC    6  O2 ? ? A DG    10 B DC    10  1_555 ? ? ? ? ? ? WATSON-CRICK ?     
? ? 
hydrog22 hydrog ?    ? A DG    10 O6    ? ? ? 1_555 B DC    6  N4 ? ? A DG    10 B DC    10  1_555 ? ? ? ? ? ? WATSON-CRICK ?     
? ? 
hydrog23 hydrog ?    ? A DT    11 O4    ? ? ? 1_555 B DA    5  N6 ? ? A DT    11 B DA    9   1_555 ? ? ? ? ? ? 'DT-DA PAIR' ?     
? ? 
hydrog24 hydrog ?    ? A DT    13 N3    ? ? ? 1_555 B DA    3  N1 ? ? A DT    13 B DA    3   1_555 ? ? ? ? ? ? WATSON-CRICK ?     
? ? 
hydrog25 hydrog ?    ? A DT    13 O4    ? ? ? 1_555 B DA    3  N6 ? ? A DT    13 B DA    3   1_555 ? ? ? ? ? ? WATSON-CRICK ?     
? ? 
hydrog26 hydrog ?    ? A DG    14 N1    ? ? ? 1_555 B DC    2  N3 ? ? A DG    14 B DC    2   1_555 ? ? ? ? ? ? WATSON-CRICK ?     
? ? 
hydrog27 hydrog ?    ? A DG    14 N2    ? ? ? 1_555 B DC    2  O2 ? ? A DG    14 B DC    2   1_555 ? ? ? ? ? ? WATSON-CRICK ?     
? ? 
hydrog28 hydrog ?    ? A DG    14 O6    ? ? ? 1_555 B DC    2  N4 ? ? A DG    14 B DC    2   1_555 ? ? ? ? ? ? WATSON-CRICK ?     
? ? 
hydrog29 hydrog ?    ? A DG    15 N1    ? ? ? 1_555 B DC    1  N3 ? ? A DG    15 B DC    1   1_555 ? ? ? ? ? ? WATSON-CRICK ?     
? ? 
hydrog30 hydrog ?    ? A DG    15 N2    ? ? ? 1_555 B DC    1  O2 ? ? A DG    15 B DC    1   1_555 ? ? ? ? ? ? WATSON-CRICK ?     
? ? 
hydrog31 hydrog ?    ? A DG    15 O6    ? ? ? 1_555 B DC    1  N4 ? ? A DG    15 B DC    1   1_555 ? ? ? ? ? ? WATSON-CRICK ?     
? ? 
hydrog32 hydrog ?    ? A DA    16 N1    ? ? ? 1_555 D DT    7  N3 ? ? A DA    16 D DT    7   1_555 ? ? ? ? ? ? WATSON-CRICK ?     
? ? 
hydrog33 hydrog ?    ? A DA    16 N6    ? ? ? 1_555 D DT    7  O4 ? ? A DA    16 D DT    7   1_555 ? ? ? ? ? ? WATSON-CRICK ?     
? ? 
hydrog34 hydrog ?    ? A DC    17 N3    ? ? ? 1_555 D DG    6  N1 ? ? A DC    17 D DG    6   1_555 ? ? ? ? ? ? WATSON-CRICK ?     
? ? 
hydrog35 hydrog ?    ? A DC    17 N4    ? ? ? 1_555 D DG    6  O6 ? ? A DC    17 D DG    6   1_555 ? ? ? ? ? ? WATSON-CRICK ?     
? ? 
hydrog36 hydrog ?    ? A DC    17 O2    ? ? ? 1_555 D DG    6  N2 ? ? A DC    17 D DG    6   1_555 ? ? ? ? ? ? WATSON-CRICK ?     
? ? 
hydrog37 hydrog ?    ? A DA    18 N1    ? ? ? 1_555 D DT    5  N3 ? ? A DA    18 D DT    5   1_555 ? ? ? ? ? ? WATSON-CRICK ?     
? ? 
hydrog38 hydrog ?    ? A DA    18 N6    ? ? ? 1_555 D DT    5  O4 ? ? A DA    18 D DT    5   1_555 ? ? ? ? ? ? WATSON-CRICK ?     
? ? 
hydrog39 hydrog ?    ? A DT    19 N3    ? ? ? 1_555 D DA    4  N1 ? ? A DT    19 D DA    4   1_555 ? ? ? ? ? ? WATSON-CRICK ?     
? ? 
hydrog40 hydrog ?    ? A DT    19 O4    ? ? ? 1_555 D DA    4  N6 ? ? A DT    19 D DA    4   1_555 ? ? ? ? ? ? WATSON-CRICK ?     
? ? 
hydrog41 hydrog ?    ? A DC    20 N3    ? ? ? 1_555 D DG    3  N1 ? ? A DC    20 D DG    3   1_555 ? ? ? ? ? ? WATSON-CRICK ?     
? ? 
hydrog42 hydrog ?    ? A DC    20 N4    ? ? ? 1_555 D DG    3  O6 ? ? A DC    20 D DG    3   1_555 ? ? ? ? ? ? WATSON-CRICK ?     
? ? 
hydrog43 hydrog ?    ? A DC    20 O2    ? ? ? 1_555 D DG    3  N2 ? ? A DC    20 D DG    3   1_555 ? ? ? ? ? ? WATSON-CRICK ?     
? ? 
hydrog44 hydrog ?    ? A DA    21 N1    ? ? ? 1_555 D DT    2  N3 ? ? A DA    21 D DT    2   1_555 ? ? ? ? ? ? WATSON-CRICK ?     
? ? 
hydrog45 hydrog ?    ? A DA    21 N6    ? ? ? 1_555 D DT    2  O4 ? ? A DA    21 D DT    2   1_555 ? ? ? ? ? ? WATSON-CRICK ?     
? ? 
# 
loop_
_struct_conn_type.id 
_struct_conn_type.criteria 
_struct_conn_type.reference 
covale ? ? 
metalc ? ? 
hydrog ? ? 
# 
_pdbx_struct_conn_angle.id                    1 
_pdbx_struct_conn_angle.ptnr1_label_atom_id   O4 
_pdbx_struct_conn_angle.ptnr1_label_alt_id    ? 
_pdbx_struct_conn_angle.ptnr1_label_asym_id   A 
_pdbx_struct_conn_angle.ptnr1_label_comp_id   DT 
_pdbx_struct_conn_angle.ptnr1_label_seq_id    11 
_pdbx_struct_conn_angle.ptnr1_auth_atom_id    ? 
_pdbx_struct_conn_angle.ptnr1_auth_asym_id    A 
_pdbx_struct_conn_angle.ptnr1_auth_comp_id    DT 
_pdbx_struct_conn_angle.ptnr1_auth_seq_id     11 
_pdbx_struct_conn_angle.ptnr1_PDB_ins_code    ? 
_pdbx_struct_conn_angle.ptnr1_symmetry        1_555 
_pdbx_struct_conn_angle.ptnr2_label_atom_id   HG 
_pdbx_struct_conn_angle.ptnr2_label_alt_id    ? 
_pdbx_struct_conn_angle.ptnr2_label_asym_id   E 
_pdbx_struct_conn_angle.ptnr2_label_comp_id   HG 
_pdbx_struct_conn_angle.ptnr2_label_seq_id    . 
_pdbx_struct_conn_angle.ptnr2_auth_atom_id    ? 
_pdbx_struct_conn_angle.ptnr2_auth_asym_id    A 
_pdbx_struct_conn_angle.ptnr2_auth_comp_id    HG 
_pdbx_struct_conn_angle.ptnr2_auth_seq_id     101 
_pdbx_struct_conn_angle.ptnr2_PDB_ins_code    ? 
_pdbx_struct_conn_angle.ptnr2_symmetry        1_555 
_pdbx_struct_conn_angle.ptnr3_label_atom_id   O4 
_pdbx_struct_conn_angle.ptnr3_label_alt_id    ? 
_pdbx_struct_conn_angle.ptnr3_label_asym_id   A 
_pdbx_struct_conn_angle.ptnr3_label_comp_id   5IU 
_pdbx_struct_conn_angle.ptnr3_label_seq_id    12 
_pdbx_struct_conn_angle.ptnr3_auth_atom_id    ? 
_pdbx_struct_conn_angle.ptnr3_auth_asym_id    A 
_pdbx_struct_conn_angle.ptnr3_auth_comp_id    5IU 
_pdbx_struct_conn_angle.ptnr3_auth_seq_id     12 
_pdbx_struct_conn_angle.ptnr3_PDB_ins_code    ? 
_pdbx_struct_conn_angle.ptnr3_symmetry        1_555 
_pdbx_struct_conn_angle.value                 113.6 
_pdbx_struct_conn_angle.value_esd             ? 
# 
_pdbx_entry_details.entry_id                   9E20 
_pdbx_entry_details.nonpolymer_details         ? 
_pdbx_entry_details.sequence_details           ? 
_pdbx_entry_details.compound_details           ? 
_pdbx_entry_details.source_details             ? 
_pdbx_entry_details.has_ligand_of_interest     Y 
_pdbx_entry_details.has_protein_modification   N 
# 
loop_
_pdbx_validate_rmsd_bond.id 
_pdbx_validate_rmsd_bond.PDB_model_num 
_pdbx_validate_rmsd_bond.auth_atom_id_1 
_pdbx_validate_rmsd_bond.auth_asym_id_1 
_pdbx_validate_rmsd_bond.auth_comp_id_1 
_pdbx_validate_rmsd_bond.auth_seq_id_1 
_pdbx_validate_rmsd_bond.PDB_ins_code_1 
_pdbx_validate_rmsd_bond.label_alt_id_1 
_pdbx_validate_rmsd_bond.auth_atom_id_2 
_pdbx_validate_rmsd_bond.auth_asym_id_2 
_pdbx_validate_rmsd_bond.auth_comp_id_2 
_pdbx_validate_rmsd_bond.auth_seq_id_2 
_pdbx_validate_rmsd_bond.PDB_ins_code_2 
_pdbx_validate_rmsd_bond.label_alt_id_2 
_pdbx_validate_rmsd_bond.bond_value 
_pdbx_validate_rmsd_bond.bond_target_value 
_pdbx_validate_rmsd_bond.bond_deviation 
_pdbx_validate_rmsd_bond.bond_standard_deviation 
_pdbx_validate_rmsd_bond.linker_flag 
1 1 "O3'" A DC 7  ? ? "C3'" A DC 7  ? ? 1.355 1.419 -0.064 0.006 N 
2 1 "C1'" A DT 11 ? ? N1    A DT 11 ? ? 1.576 1.488 0.088  0.013 N 
3 1 "C1'" A DT 13 ? ? N1    A DT 13 ? ? 1.573 1.488 0.085  0.013 N 
4 1 "O3'" A DA 18 ? ? "C3'" A DA 18 ? ? 1.380 1.419 -0.039 0.006 N 
5 1 "O3'" A DT 19 ? ? "C3'" A DT 19 ? ? 1.514 1.435 0.079  0.013 N 
6 1 "O3'" B DC 2  ? ? "C3'" B DC 2  ? ? 1.376 1.419 -0.043 0.006 N 
7 1 "O3'" C DC 10 ? ? "C3'" C DC 10 ? ? 1.380 1.419 -0.039 0.006 N 
8 1 "C1'" C DC 13 ? ? N1    C DC 13 ? ? 1.604 1.488 0.116  0.013 N 
9 1 P     D DC 1  ? ? OP3   D DC 1  ? ? 1.476 1.607 -0.131 0.012 N 
# 
loop_
_pdbx_validate_rmsd_angle.id 
_pdbx_validate_rmsd_angle.PDB_model_num 
_pdbx_validate_rmsd_angle.auth_atom_id_1 
_pdbx_validate_rmsd_angle.auth_asym_id_1 
_pdbx_validate_rmsd_angle.auth_comp_id_1 
_pdbx_validate_rmsd_angle.auth_seq_id_1 
_pdbx_validate_rmsd_angle.PDB_ins_code_1 
_pdbx_validate_rmsd_angle.label_alt_id_1 
_pdbx_validate_rmsd_angle.auth_atom_id_2 
_pdbx_validate_rmsd_angle.auth_asym_id_2 
_pdbx_validate_rmsd_angle.auth_comp_id_2 
_pdbx_validate_rmsd_angle.auth_seq_id_2 
_pdbx_validate_rmsd_angle.PDB_ins_code_2 
_pdbx_validate_rmsd_angle.label_alt_id_2 
_pdbx_validate_rmsd_angle.auth_atom_id_3 
_pdbx_validate_rmsd_angle.auth_asym_id_3 
_pdbx_validate_rmsd_angle.auth_comp_id_3 
_pdbx_validate_rmsd_angle.auth_seq_id_3 
_pdbx_validate_rmsd_angle.PDB_ins_code_3 
_pdbx_validate_rmsd_angle.label_alt_id_3 
_pdbx_validate_rmsd_angle.angle_value 
_pdbx_validate_rmsd_angle.angle_target_value 
_pdbx_validate_rmsd_angle.angle_deviation 
_pdbx_validate_rmsd_angle.angle_standard_deviation 
_pdbx_validate_rmsd_angle.linker_flag 
1  1 "O4'" A DA 2  ? ? "C1'" A DA 2  ? ? N9    A DA 2  ? ? 112.26 108.30 3.96  0.30 N 
2  1 "O4'" A DG 6  ? ? "C1'" A DG 6  ? ? N9    A DG 6  ? ? 110.55 108.30 2.25  0.30 N 
3  1 "O4'" A DC 7  ? ? "C1'" A DC 7  ? ? N1    A DC 7  ? ? 110.14 108.30 1.84  0.30 N 
4  1 "O4'" A DT 11 ? ? "C1'" A DT 11 ? ? N1    A DT 11 ? ? 115.66 108.30 7.36  0.30 N 
5  1 "O4'" A DG 14 ? ? "C4'" A DG 14 ? ? "C3'" A DG 14 ? ? 102.07 104.50 -2.43 0.40 N 
6  1 "O4'" B DA 9  ? ? "C1'" B DA 9  ? ? N9    B DA 9  ? ? 112.38 108.30 4.08  0.30 N 
7  1 "O4'" C DG 8  ? ? "C4'" C DG 8  ? ? "C3'" C DG 8  ? ? 101.84 104.50 -2.66 0.40 N 
8  1 "O4'" C DG 8  ? ? "C1'" C DG 8  ? ? N9    C DG 8  ? ? 112.60 108.30 4.30  0.30 N 
9  1 "O4'" C DG 9  ? ? "C1'" C DG 9  ? ? N9    C DG 9  ? ? 111.29 108.30 2.99  0.30 N 
10 1 "O4'" C DG 12 ? ? "C1'" C DG 12 ? ? N9    C DG 12 ? ? 110.87 108.30 2.57  0.30 N 
11 1 "O4'" D DC 1  ? ? "C1'" D DC 1  ? ? N1    D DC 1  ? ? 112.27 108.30 3.97  0.30 N 
12 1 "O4'" D DT 2  ? ? "C1'" D DT 2  ? ? N1    D DT 2  ? ? 110.21 108.30 1.91  0.30 N 
13 1 "C3'" D DG 3  ? ? "C2'" D DG 3  ? ? "C1'" D DG 3  ? ? 95.68  102.40 -6.72 0.80 N 
14 1 "O4'" D DG 3  ? ? "C1'" D DG 3  ? ? N9    D DG 3  ? ? 113.64 108.30 5.34  0.30 N 
# 
loop_
_space_group_symop.id 
_space_group_symop.operation_xyz 
1 x,y,z                 
2 -y,x-y,z              
3 -x+y,-x,z             
4 x+1/3,y+2/3,z+2/3     
5 -y+1/3,x-y+2/3,z+2/3  
6 -x+y+1/3,-x+2/3,z+2/3 
7 x+2/3,y+1/3,z+1/3     
8 -y+2/3,x-y+1/3,z+1/3  
9 -x+y+2/3,-x+1/3,z+1/3 
# 
loop_
_chem_comp_atom.comp_id 
_chem_comp_atom.atom_id 
_chem_comp_atom.type_symbol 
_chem_comp_atom.pdbx_aromatic_flag 
_chem_comp_atom.pdbx_stereo_config 
_chem_comp_atom.pdbx_ordinal 
5IU   N1     N  N N 1   
5IU   C2     C  N N 2   
5IU   N3     N  N N 3   
5IU   C4     C  N N 4   
5IU   C5     C  N N 5   
5IU   C6     C  N N 6   
5IU   O2     O  N N 7   
5IU   O4     O  N N 8   
5IU   I5     I  N N 9   
5IU   "C1'"  C  N R 10  
5IU   "C2'"  C  N N 11  
5IU   "C3'"  C  N S 12  
5IU   "C4'"  C  N R 13  
5IU   "O3'"  O  N N 14  
5IU   "O4'"  O  N N 15  
5IU   "C5'"  C  N N 16  
5IU   "O5'"  O  N N 17  
5IU   P      P  N N 18  
5IU   OP1    O  N N 19  
5IU   OP2    O  N N 20  
5IU   OP3    O  N N 21  
5IU   HN3    H  N N 22  
5IU   H6     H  N N 23  
5IU   "H1'"  H  N N 24  
5IU   "H2'"  H  N N 25  
5IU   "H2''" H  N N 26  
5IU   "H3'"  H  N N 27  
5IU   "H4'"  H  N N 28  
5IU   "HO3'" H  N N 29  
5IU   "H5'"  H  N N 30  
5IU   "H5''" H  N N 31  
5IU   HOP2   H  N N 32  
5IU   HOP3   H  N N 33  
A1AAZ "C1'"  C  N R 34  
A1AAZ C2     C  N N 35  
A1AAZ "C2'"  C  N N 36  
A1AAZ "C3'"  C  N S 37  
A1AAZ C4     C  N N 38  
A1AAZ "C4'"  C  N R 39  
A1AAZ C5     C  N N 40  
A1AAZ "C5'"  C  N N 41  
A1AAZ C6     C  N N 42  
A1AAZ C7     C  N N 43  
A1AAZ N1     N  N N 44  
A1AAZ N3     N  N N 45  
A1AAZ "O3'"  O  N N 46  
A1AAZ O4     O  N N 47  
A1AAZ "O4'"  O  N N 48  
A1AAZ "O5'"  O  N N 49  
A1AAZ OP1    O  N N 50  
A1AAZ OP2    O  N N 51  
A1AAZ P      P  N N 52  
A1AAZ S1     S  N N 53  
A1AAZ H1     H  N N 54  
A1AAZ H2     H  N N 55  
A1AAZ H3     H  N N 56  
A1AAZ H4     H  N N 57  
A1AAZ H5     H  N N 58  
A1AAZ H6     H  N N 59  
A1AAZ H7     H  N N 60  
A1AAZ H8     H  N N 61  
A1AAZ H9     H  N N 62  
A1AAZ H10    H  N N 63  
A1AAZ H11    H  N N 64  
A1AAZ H12    H  N N 65  
A1AAZ H15    H  N N 66  
A1AAZ OP3    O  N N 67  
A1AAZ H17    H  N N 68  
A1AAZ H13    H  N N 69  
DA    OP3    O  N N 70  
DA    P      P  N N 71  
DA    OP1    O  N N 72  
DA    OP2    O  N N 73  
DA    "O5'"  O  N N 74  
DA    "C5'"  C  N N 75  
DA    "C4'"  C  N R 76  
DA    "O4'"  O  N N 77  
DA    "C3'"  C  N S 78  
DA    "O3'"  O  N N 79  
DA    "C2'"  C  N N 80  
DA    "C1'"  C  N R 81  
DA    N9     N  Y N 82  
DA    C8     C  Y N 83  
DA    N7     N  Y N 84  
DA    C5     C  Y N 85  
DA    C6     C  Y N 86  
DA    N6     N  N N 87  
DA    N1     N  Y N 88  
DA    C2     C  Y N 89  
DA    N3     N  Y N 90  
DA    C4     C  Y N 91  
DA    HOP3   H  N N 92  
DA    HOP2   H  N N 93  
DA    "H5'"  H  N N 94  
DA    "H5''" H  N N 95  
DA    "H4'"  H  N N 96  
DA    "H3'"  H  N N 97  
DA    "HO3'" H  N N 98  
DA    "H2'"  H  N N 99  
DA    "H2''" H  N N 100 
DA    "H1'"  H  N N 101 
DA    H8     H  N N 102 
DA    H61    H  N N 103 
DA    H62    H  N N 104 
DA    H2     H  N N 105 
DC    OP3    O  N N 106 
DC    P      P  N N 107 
DC    OP1    O  N N 108 
DC    OP2    O  N N 109 
DC    "O5'"  O  N N 110 
DC    "C5'"  C  N N 111 
DC    "C4'"  C  N R 112 
DC    "O4'"  O  N N 113 
DC    "C3'"  C  N S 114 
DC    "O3'"  O  N N 115 
DC    "C2'"  C  N N 116 
DC    "C1'"  C  N R 117 
DC    N1     N  N N 118 
DC    C2     C  N N 119 
DC    O2     O  N N 120 
DC    N3     N  N N 121 
DC    C4     C  N N 122 
DC    N4     N  N N 123 
DC    C5     C  N N 124 
DC    C6     C  N N 125 
DC    HOP3   H  N N 126 
DC    HOP2   H  N N 127 
DC    "H5'"  H  N N 128 
DC    "H5''" H  N N 129 
DC    "H4'"  H  N N 130 
DC    "H3'"  H  N N 131 
DC    "HO3'" H  N N 132 
DC    "H2'"  H  N N 133 
DC    "H2''" H  N N 134 
DC    "H1'"  H  N N 135 
DC    H41    H  N N 136 
DC    H42    H  N N 137 
DC    H5     H  N N 138 
DC    H6     H  N N 139 
DG    OP3    O  N N 140 
DG    P      P  N N 141 
DG    OP1    O  N N 142 
DG    OP2    O  N N 143 
DG    "O5'"  O  N N 144 
DG    "C5'"  C  N N 145 
DG    "C4'"  C  N R 146 
DG    "O4'"  O  N N 147 
DG    "C3'"  C  N S 148 
DG    "O3'"  O  N N 149 
DG    "C2'"  C  N N 150 
DG    "C1'"  C  N R 151 
DG    N9     N  Y N 152 
DG    C8     C  Y N 153 
DG    N7     N  Y N 154 
DG    C5     C  Y N 155 
DG    C6     C  N N 156 
DG    O6     O  N N 157 
DG    N1     N  N N 158 
DG    C2     C  N N 159 
DG    N2     N  N N 160 
DG    N3     N  N N 161 
DG    C4     C  Y N 162 
DG    HOP3   H  N N 163 
DG    HOP2   H  N N 164 
DG    "H5'"  H  N N 165 
DG    "H5''" H  N N 166 
DG    "H4'"  H  N N 167 
DG    "H3'"  H  N N 168 
DG    "HO3'" H  N N 169 
DG    "H2'"  H  N N 170 
DG    "H2''" H  N N 171 
DG    "H1'"  H  N N 172 
DG    H8     H  N N 173 
DG    H1     H  N N 174 
DG    H21    H  N N 175 
DG    H22    H  N N 176 
DT    OP3    O  N N 177 
DT    P      P  N N 178 
DT    OP1    O  N N 179 
DT    OP2    O  N N 180 
DT    "O5'"  O  N N 181 
DT    "C5'"  C  N N 182 
DT    "C4'"  C  N R 183 
DT    "O4'"  O  N N 184 
DT    "C3'"  C  N S 185 
DT    "O3'"  O  N N 186 
DT    "C2'"  C  N N 187 
DT    "C1'"  C  N R 188 
DT    N1     N  N N 189 
DT    C2     C  N N 190 
DT    O2     O  N N 191 
DT    N3     N  N N 192 
DT    C4     C  N N 193 
DT    O4     O  N N 194 
DT    C5     C  N N 195 
DT    C7     C  N N 196 
DT    C6     C  N N 197 
DT    HOP3   H  N N 198 
DT    HOP2   H  N N 199 
DT    "H5'"  H  N N 200 
DT    "H5''" H  N N 201 
DT    "H4'"  H  N N 202 
DT    "H3'"  H  N N 203 
DT    "HO3'" H  N N 204 
DT    "H2'"  H  N N 205 
DT    "H2''" H  N N 206 
DT    "H1'"  H  N N 207 
DT    H3     H  N N 208 
DT    H71    H  N N 209 
DT    H72    H  N N 210 
DT    H73    H  N N 211 
DT    H6     H  N N 212 
HG    HG     HG N N 213 
# 
loop_
_chem_comp_bond.comp_id 
_chem_comp_bond.atom_id_1 
_chem_comp_bond.atom_id_2 
_chem_comp_bond.value_order 
_chem_comp_bond.pdbx_aromatic_flag 
_chem_comp_bond.pdbx_stereo_config 
_chem_comp_bond.pdbx_ordinal 
5IU   N1    C2     sing N N 1   
5IU   N1    C6     sing N N 2   
5IU   N1    "C1'"  sing N N 3   
5IU   C2    N3     sing N N 4   
5IU   C2    O2     doub N N 5   
5IU   N3    C4     sing N N 6   
5IU   N3    HN3    sing N N 7   
5IU   C4    C5     sing N N 8   
5IU   C4    O4     doub N N 9   
5IU   C5    C6     doub N N 10  
5IU   C5    I5     sing N N 11  
5IU   C6    H6     sing N N 12  
5IU   "C1'" "C2'"  sing N N 13  
5IU   "C1'" "O4'"  sing N N 14  
5IU   "C1'" "H1'"  sing N N 15  
5IU   "C2'" "C3'"  sing N N 16  
5IU   "C2'" "H2'"  sing N N 17  
5IU   "C2'" "H2''" sing N N 18  
5IU   "C3'" "C4'"  sing N N 19  
5IU   "C3'" "O3'"  sing N N 20  
5IU   "C3'" "H3'"  sing N N 21  
5IU   "C4'" "O4'"  sing N N 22  
5IU   "C4'" "C5'"  sing N N 23  
5IU   "C4'" "H4'"  sing N N 24  
5IU   "O3'" "HO3'" sing N N 25  
5IU   "C5'" "O5'"  sing N N 26  
5IU   "C5'" "H5'"  sing N N 27  
5IU   "C5'" "H5''" sing N N 28  
5IU   "O5'" P      sing N N 29  
5IU   P     OP1    doub N N 30  
5IU   P     OP2    sing N N 31  
5IU   P     OP3    sing N N 32  
5IU   OP2   HOP2   sing N N 33  
5IU   OP3   HOP3   sing N N 34  
A1AAZ "C1'" "C2'"  sing N N 35  
A1AAZ "C1'" N1     sing N N 36  
A1AAZ "C1'" "O4'"  sing N N 37  
A1AAZ C2    N1     sing N N 38  
A1AAZ C2    N3     sing N N 39  
A1AAZ C2    S1     doub N N 40  
A1AAZ "C2'" "C3'"  sing N N 41  
A1AAZ "C3'" "C4'"  sing N N 42  
A1AAZ "C3'" "O3'"  sing N N 43  
A1AAZ C4    C5     sing N N 44  
A1AAZ C4    N3     sing N N 45  
A1AAZ C4    O4     doub N N 46  
A1AAZ "C4'" "C5'"  sing N N 47  
A1AAZ "C4'" "O4'"  sing N N 48  
A1AAZ C5    C6     doub N N 49  
A1AAZ C5    C7     sing N N 50  
A1AAZ "C5'" "O5'"  sing N N 51  
A1AAZ C6    N1     sing N N 52  
A1AAZ "O5'" P      sing N N 53  
A1AAZ OP1   P      doub N N 54  
A1AAZ OP2   P      sing N N 55  
A1AAZ "C1'" H1     sing N N 56  
A1AAZ "C2'" H2     sing N N 57  
A1AAZ "C2'" H3     sing N N 58  
A1AAZ "C3'" H4     sing N N 59  
A1AAZ "C4'" H5     sing N N 60  
A1AAZ "C5'" H6     sing N N 61  
A1AAZ "C5'" H7     sing N N 62  
A1AAZ C6    H8     sing N N 63  
A1AAZ C7    H9     sing N N 64  
A1AAZ C7    H10    sing N N 65  
A1AAZ C7    H11    sing N N 66  
A1AAZ "O3'" H12    sing N N 67  
A1AAZ OP2   H15    sing N N 68  
A1AAZ P     OP3    sing N N 69  
A1AAZ N3    H17    sing N N 70  
A1AAZ OP3   H13    sing N N 71  
DA    OP3   P      sing N N 72  
DA    OP3   HOP3   sing N N 73  
DA    P     OP1    doub N N 74  
DA    P     OP2    sing N N 75  
DA    P     "O5'"  sing N N 76  
DA    OP2   HOP2   sing N N 77  
DA    "O5'" "C5'"  sing N N 78  
DA    "C5'" "C4'"  sing N N 79  
DA    "C5'" "H5'"  sing N N 80  
DA    "C5'" "H5''" sing N N 81  
DA    "C4'" "O4'"  sing N N 82  
DA    "C4'" "C3'"  sing N N 83  
DA    "C4'" "H4'"  sing N N 84  
DA    "O4'" "C1'"  sing N N 85  
DA    "C3'" "O3'"  sing N N 86  
DA    "C3'" "C2'"  sing N N 87  
DA    "C3'" "H3'"  sing N N 88  
DA    "O3'" "HO3'" sing N N 89  
DA    "C2'" "C1'"  sing N N 90  
DA    "C2'" "H2'"  sing N N 91  
DA    "C2'" "H2''" sing N N 92  
DA    "C1'" N9     sing N N 93  
DA    "C1'" "H1'"  sing N N 94  
DA    N9    C8     sing Y N 95  
DA    N9    C4     sing Y N 96  
DA    C8    N7     doub Y N 97  
DA    C8    H8     sing N N 98  
DA    N7    C5     sing Y N 99  
DA    C5    C6     sing Y N 100 
DA    C5    C4     doub Y N 101 
DA    C6    N6     sing N N 102 
DA    C6    N1     doub Y N 103 
DA    N6    H61    sing N N 104 
DA    N6    H62    sing N N 105 
DA    N1    C2     sing Y N 106 
DA    C2    N3     doub Y N 107 
DA    C2    H2     sing N N 108 
DA    N3    C4     sing Y N 109 
DC    OP3   P      sing N N 110 
DC    OP3   HOP3   sing N N 111 
DC    P     OP1    doub N N 112 
DC    P     OP2    sing N N 113 
DC    P     "O5'"  sing N N 114 
DC    OP2   HOP2   sing N N 115 
DC    "O5'" "C5'"  sing N N 116 
DC    "C5'" "C4'"  sing N N 117 
DC    "C5'" "H5'"  sing N N 118 
DC    "C5'" "H5''" sing N N 119 
DC    "C4'" "O4'"  sing N N 120 
DC    "C4'" "C3'"  sing N N 121 
DC    "C4'" "H4'"  sing N N 122 
DC    "O4'" "C1'"  sing N N 123 
DC    "C3'" "O3'"  sing N N 124 
DC    "C3'" "C2'"  sing N N 125 
DC    "C3'" "H3'"  sing N N 126 
DC    "O3'" "HO3'" sing N N 127 
DC    "C2'" "C1'"  sing N N 128 
DC    "C2'" "H2'"  sing N N 129 
DC    "C2'" "H2''" sing N N 130 
DC    "C1'" N1     sing N N 131 
DC    "C1'" "H1'"  sing N N 132 
DC    N1    C2     sing N N 133 
DC    N1    C6     sing N N 134 
DC    C2    O2     doub N N 135 
DC    C2    N3     sing N N 136 
DC    N3    C4     doub N N 137 
DC    C4    N4     sing N N 138 
DC    C4    C5     sing N N 139 
DC    N4    H41    sing N N 140 
DC    N4    H42    sing N N 141 
DC    C5    C6     doub N N 142 
DC    C5    H5     sing N N 143 
DC    C6    H6     sing N N 144 
DG    OP3   P      sing N N 145 
DG    OP3   HOP3   sing N N 146 
DG    P     OP1    doub N N 147 
DG    P     OP2    sing N N 148 
DG    P     "O5'"  sing N N 149 
DG    OP2   HOP2   sing N N 150 
DG    "O5'" "C5'"  sing N N 151 
DG    "C5'" "C4'"  sing N N 152 
DG    "C5'" "H5'"  sing N N 153 
DG    "C5'" "H5''" sing N N 154 
DG    "C4'" "O4'"  sing N N 155 
DG    "C4'" "C3'"  sing N N 156 
DG    "C4'" "H4'"  sing N N 157 
DG    "O4'" "C1'"  sing N N 158 
DG    "C3'" "O3'"  sing N N 159 
DG    "C3'" "C2'"  sing N N 160 
DG    "C3'" "H3'"  sing N N 161 
DG    "O3'" "HO3'" sing N N 162 
DG    "C2'" "C1'"  sing N N 163 
DG    "C2'" "H2'"  sing N N 164 
DG    "C2'" "H2''" sing N N 165 
DG    "C1'" N9     sing N N 166 
DG    "C1'" "H1'"  sing N N 167 
DG    N9    C8     sing Y N 168 
DG    N9    C4     sing Y N 169 
DG    C8    N7     doub Y N 170 
DG    C8    H8     sing N N 171 
DG    N7    C5     sing Y N 172 
DG    C5    C6     sing N N 173 
DG    C5    C4     doub Y N 174 
DG    C6    O6     doub N N 175 
DG    C6    N1     sing N N 176 
DG    N1    C2     sing N N 177 
DG    N1    H1     sing N N 178 
DG    C2    N2     sing N N 179 
DG    C2    N3     doub N N 180 
DG    N2    H21    sing N N 181 
DG    N2    H22    sing N N 182 
DG    N3    C4     sing N N 183 
DT    OP3   P      sing N N 184 
DT    OP3   HOP3   sing N N 185 
DT    P     OP1    doub N N 186 
DT    P     OP2    sing N N 187 
DT    P     "O5'"  sing N N 188 
DT    OP2   HOP2   sing N N 189 
DT    "O5'" "C5'"  sing N N 190 
DT    "C5'" "C4'"  sing N N 191 
DT    "C5'" "H5'"  sing N N 192 
DT    "C5'" "H5''" sing N N 193 
DT    "C4'" "O4'"  sing N N 194 
DT    "C4'" "C3'"  sing N N 195 
DT    "C4'" "H4'"  sing N N 196 
DT    "O4'" "C1'"  sing N N 197 
DT    "C3'" "O3'"  sing N N 198 
DT    "C3'" "C2'"  sing N N 199 
DT    "C3'" "H3'"  sing N N 200 
DT    "O3'" "HO3'" sing N N 201 
DT    "C2'" "C1'"  sing N N 202 
DT    "C2'" "H2'"  sing N N 203 
DT    "C2'" "H2''" sing N N 204 
DT    "C1'" N1     sing N N 205 
DT    "C1'" "H1'"  sing N N 206 
DT    N1    C2     sing N N 207 
DT    N1    C6     sing N N 208 
DT    C2    O2     doub N N 209 
DT    C2    N3     sing N N 210 
DT    N3    C4     sing N N 211 
DT    N3    H3     sing N N 212 
DT    C4    O4     doub N N 213 
DT    C4    C5     sing N N 214 
DT    C5    C7     sing N N 215 
DT    C5    C6     doub N N 216 
DT    C7    H71    sing N N 217 
DT    C7    H72    sing N N 218 
DT    C7    H73    sing N N 219 
DT    C6    H6     sing N N 220 
# 
loop_
_ndb_struct_conf_na.entry_id 
_ndb_struct_conf_na.feature 
9E20 'double helix'        
9E20 'a-form double helix' 
9E20 'b-form double helix' 
# 
loop_
_ndb_struct_na_base_pair.model_number 
_ndb_struct_na_base_pair.i_label_asym_id 
_ndb_struct_na_base_pair.i_label_comp_id 
_ndb_struct_na_base_pair.i_label_seq_id 
_ndb_struct_na_base_pair.i_symmetry 
_ndb_struct_na_base_pair.j_label_asym_id 
_ndb_struct_na_base_pair.j_label_comp_id 
_ndb_struct_na_base_pair.j_label_seq_id 
_ndb_struct_na_base_pair.j_symmetry 
_ndb_struct_na_base_pair.shear 
_ndb_struct_na_base_pair.stretch 
_ndb_struct_na_base_pair.stagger 
_ndb_struct_na_base_pair.buckle 
_ndb_struct_na_base_pair.propeller 
_ndb_struct_na_base_pair.opening 
_ndb_struct_na_base_pair.pair_number 
_ndb_struct_na_base_pair.pair_name 
_ndb_struct_na_base_pair.i_auth_asym_id 
_ndb_struct_na_base_pair.i_auth_seq_id 
_ndb_struct_na_base_pair.i_PDB_ins_code 
_ndb_struct_na_base_pair.j_auth_asym_id 
_ndb_struct_na_base_pair.j_auth_seq_id 
_ndb_struct_na_base_pair.j_PDB_ins_code 
_ndb_struct_na_base_pair.hbond_type_28 
_ndb_struct_na_base_pair.hbond_type_12 
1 A DA 2  1_555 C DT 7 1_555 0.712  0.634  -0.837 -4.245  -8.341  -7.064  1  A_DA2:DT14_C  A 2  ? C 14 ? 20 1 
1 A DG 3  1_555 C DC 6 1_555 -0.222 -0.158 -0.313 5.056   -0.705  1.304   2  A_DG3:DC13_C  A 3  ? C 13 ? 19 1 
1 A DC 4  1_555 C DG 5 1_555 -0.037 -0.030 -1.377 6.535   -12.922 -16.163 3  A_DC4:DG12_C  A 4  ? C 12 ? ?  1 
1 A DG 6  1_555 C DC 3 1_555 -0.216 -0.157 -0.187 6.899   -8.977  1.868   4  A_DG6:DC10_C  A 6  ? C 10 ? 19 1 
1 A DC 7  1_555 C DG 2 1_555 0.235  -0.038 0.614  5.857   -8.921  8.351   5  A_DC7:DG9_C   A 7  ? C 9  ? 19 1 
1 A DC 8  1_555 C DG 1 1_555 -0.042 0.126  0.265  -5.211  -12.448 -2.708  6  A_DC8:DG8_C   A 8  ? C 8  ? 19 1 
1 A DT 9  1_555 B DA 7 1_555 -0.107 -0.200 -0.329 3.747   -1.294  -2.280  7  A_DT9:DA11_B  A 9  ? B 11 ? 20 1 
1 A DG 10 1_555 B DC 6 1_555 0.141  -0.147 1.111  1.895   -2.510  1.106   8  A_DG10:DC10_B A 10 ? B 10 ? 19 1 
1 A DT 11 1_555 B DA 5 1_555 -1.276 1.156  -0.534 18.111  -9.654  -19.857 9  A_DT11:DA9_B  A 11 ? B 9  ? ?  ? 
1 A DT 13 1_555 B DA 3 1_555 0.067  -0.171 0.513  -16.204 -14.025 -4.164  10 A_DT13:DA3_B  A 13 ? B 3  ? 20 1 
1 A DG 14 1_555 B DC 2 1_555 -0.139 -0.035 -0.266 -2.932  -14.006 -4.245  11 A_DG14:DC2_B  A 14 ? B 2  ? 19 1 
1 A DG 15 1_555 B DC 1 1_555 -0.171 -0.168 0.919  1.772   1.055   2.282   12 A_DG15:DC1_B  A 15 ? B 1  ? 19 1 
1 A DA 16 1_555 D DT 7 1_555 -0.095 0.086  -0.465 -3.143  -9.165  -7.393  13 A_DA16:DT7_D  A 16 ? D 7  ? 20 1 
1 A DC 17 1_555 D DG 6 1_555 0.319  0.038  0.114  3.052   -8.684  -3.193  14 A_DC17:DG6_D  A 17 ? D 6  ? 19 1 
1 A DA 18 1_555 D DT 5 1_555 0.017  -0.169 0.215  -2.431  -5.753  -2.530  15 A_DA18:DT5_D  A 18 ? D 5  ? 20 1 
1 A DT 19 1_555 D DA 4 1_555 0.040  0.081  0.166  0.601   -8.942  0.590   16 A_DT19:DA4_D  A 19 ? D 4  ? 20 1 
1 A DC 20 1_555 D DG 3 1_555 0.035  -0.218 -0.257 -2.012  -4.565  0.287   17 A_DC20:DG3_D  A 20 ? D 3  ? 19 1 
1 A DA 21 1_555 D DT 2 1_555 0.220  0.043  -0.357 -2.573  -6.187  -8.711  18 A_DA21:DT2_D  A 21 ? D 2  ? 20 1 
# 
loop_
_ndb_struct_na_base_pair_step.model_number 
_ndb_struct_na_base_pair_step.i_label_asym_id_1 
_ndb_struct_na_base_pair_step.i_label_comp_id_1 
_ndb_struct_na_base_pair_step.i_label_seq_id_1 
_ndb_struct_na_base_pair_step.i_symmetry_1 
_ndb_struct_na_base_pair_step.j_label_asym_id_1 
_ndb_struct_na_base_pair_step.j_label_comp_id_1 
_ndb_struct_na_base_pair_step.j_label_seq_id_1 
_ndb_struct_na_base_pair_step.j_symmetry_1 
_ndb_struct_na_base_pair_step.i_label_asym_id_2 
_ndb_struct_na_base_pair_step.i_label_comp_id_2 
_ndb_struct_na_base_pair_step.i_label_seq_id_2 
_ndb_struct_na_base_pair_step.i_symmetry_2 
_ndb_struct_na_base_pair_step.j_label_asym_id_2 
_ndb_struct_na_base_pair_step.j_label_comp_id_2 
_ndb_struct_na_base_pair_step.j_label_seq_id_2 
_ndb_struct_na_base_pair_step.j_symmetry_2 
_ndb_struct_na_base_pair_step.shift 
_ndb_struct_na_base_pair_step.slide 
_ndb_struct_na_base_pair_step.rise 
_ndb_struct_na_base_pair_step.tilt 
_ndb_struct_na_base_pair_step.roll 
_ndb_struct_na_base_pair_step.twist 
_ndb_struct_na_base_pair_step.x_displacement 
_ndb_struct_na_base_pair_step.y_displacement 
_ndb_struct_na_base_pair_step.helical_rise 
_ndb_struct_na_base_pair_step.inclination 
_ndb_struct_na_base_pair_step.tip 
_ndb_struct_na_base_pair_step.helical_twist 
_ndb_struct_na_base_pair_step.step_number 
_ndb_struct_na_base_pair_step.step_name 
_ndb_struct_na_base_pair_step.i_auth_asym_id_1 
_ndb_struct_na_base_pair_step.i_auth_seq_id_1 
_ndb_struct_na_base_pair_step.i_PDB_ins_code_1 
_ndb_struct_na_base_pair_step.j_auth_asym_id_1 
_ndb_struct_na_base_pair_step.j_auth_seq_id_1 
_ndb_struct_na_base_pair_step.j_PDB_ins_code_1 
_ndb_struct_na_base_pair_step.i_auth_asym_id_2 
_ndb_struct_na_base_pair_step.i_auth_seq_id_2 
_ndb_struct_na_base_pair_step.i_PDB_ins_code_2 
_ndb_struct_na_base_pair_step.j_auth_asym_id_2 
_ndb_struct_na_base_pair_step.j_auth_seq_id_2 
_ndb_struct_na_base_pair_step.j_PDB_ins_code_2 
1 A DA 2  1_555 C DT 7 1_555 A DG 3  1_555 C DC 6 1_555 0.794  -0.071 3.019 -3.439  6.271   39.157 -0.768 -1.530 2.897 9.262   
5.080   39.780 1  AA_DA2DG3:DC13DT14_CC  A 2  ? C 14 ? A 3  ? C 13 ? 
1 A DG 3  1_555 C DC 6 1_555 A DC 4  1_555 C DG 5 1_555 -0.803 -1.101 3.164 4.301   7.474   28.883 -3.508 2.345  2.657 14.579  
-8.391  30.116 2  AA_DG3DC4:DG12DC13_CC  A 3  ? C 13 ? A 4  ? C 12 ? 
1 A DC 4  1_555 C DG 5 1_555 A DG 6  1_555 C DC 3 1_555 0.075  -1.485 6.541 -11.678 26.199  63.181 -3.209 -0.911 5.549 23.762  
10.591  68.769 3  AA_DC4DG6:DC10DG12_CC  A 4  ? C 12 ? A 6  ? C 10 ? 
1 A DG 6  1_555 C DC 3 1_555 A DC 7  1_555 C DG 2 1_555 0.176  -1.217 3.105 -9.329  3.890   30.426 -2.851 -1.868 2.759 7.168   
17.189  32.023 4  AA_DG6DC7:DG9DC10_CC   A 6  ? C 10 ? A 7  ? C 9  ? 
1 A DC 7  1_555 C DG 2 1_555 A DC 8  1_555 C DG 1 1_555 -0.763 -0.370 3.496 -3.567  -16.392 46.473 0.907  0.621  3.478 -20.024 
4.358   49.250 5  AA_DC7DC8:DG8DG9_CC    A 7  ? C 9  ? A 8  ? C 8  ? 
1 A DC 8  1_555 C DG 1 1_555 A DT 9  1_555 B DA 7 1_555 -1.761 -0.992 3.334 2.235   -11.624 19.311 2.030  5.366  3.183 -31.148 
-5.989  22.620 6  AA_DC8DT9:DA11DG8_BC   A 8  ? C 8  ? A 9  ? B 11 ? 
1 A DT 9  1_555 B DA 7 1_555 A DG 10 1_555 B DC 6 1_555 0.125  -0.682 3.753 -3.969  16.872  31.508 -3.775 -0.830 2.984 28.531  
6.712   35.855 7  AA_DT9DG10:DC10DA11_BB A 9  ? B 11 ? A 10 ? B 10 ? 
1 A DG 10 1_555 B DC 6 1_555 A DT 11 1_555 B DA 5 1_555 -1.351 -0.140 2.523 12.928  -2.376  30.733 0.031  3.843  1.828 -4.247  
-23.112 33.364 8  AA_DG10DT11:DA9DC10_BB A 10 ? B 10 ? A 11 ? B 9  ? 
1 A DT 13 1_555 B DA 3 1_555 A DG 14 1_555 B DC 2 1_555 -0.801 2.911  2.842 0.445   -13.122 46.331 4.353  1.010  1.988 -16.297 
-0.553  48.056 9  AA_DT13DG14:DC2DA3_BB  A 13 ? B 3  ? A 14 ? B 2  ? 
1 A DG 14 1_555 B DC 2 1_555 A DG 15 1_555 B DC 1 1_555 0.483  1.531  3.552 -14.952 -12.037 47.110 2.654  -1.639 2.841 -14.382 
17.864  50.664 10 AA_DG14DG15:DC1DC2_BB  A 14 ? B 2  ? A 15 ? B 1  ? 
1 A DG 15 1_555 B DC 1 1_555 A DA 16 1_555 D DT 7 1_555 -1.400 -0.375 3.997 3.452   8.323   23.609 -3.710 4.385  3.431 19.458  
-8.071  25.247 11 AA_DG15DA16:DT7DC1_DB  A 15 ? B 1  ? A 16 ? D 7  ? 
1 A DA 16 1_555 D DT 7 1_555 A DC 17 1_555 D DG 6 1_555 0.031  -1.611 3.198 -3.270  -5.585  29.560 -1.931 -0.736 3.415 -10.784 
6.315   30.245 12 AA_DA16DC17:DG6DT7_DD  A 16 ? D 7  ? A 17 ? D 6  ? 
1 A DC 17 1_555 D DG 6 1_555 A DA 18 1_555 D DT 5 1_555 0.239  -0.143 2.976 -0.306  1.135   38.584 -0.343 -0.396 2.969 1.717   
0.462   38.601 13 AA_DC17DA18:DT5DG6_DD  A 17 ? D 6  ? A 18 ? D 5  ? 
1 A DA 18 1_555 D DT 5 1_555 A DT 19 1_555 D DA 4 1_555 0.503  -0.756 3.143 3.232   -4.709  33.407 -0.552 -0.351 3.249 -8.117  
-5.572  33.878 14 AA_DA18DT19:DA4DT5_DD  A 18 ? D 5  ? A 19 ? D 4  ? 
1 A DT 19 1_555 D DA 4 1_555 A DC 20 1_555 D DG 3 1_555 0.228  -0.077 2.922 3.509   -4.234  42.517 0.274  0.002  2.925 -5.810  
-4.815  42.854 15 AA_DT19DC20:DG3DA4_DD  A 19 ? D 4  ? A 20 ? D 3  ? 
1 A DC 20 1_555 D DG 3 1_555 A DA 21 1_555 D DT 2 1_555 -0.616 -0.442 3.548 1.593   4.949   29.280 -1.971 1.558  3.391 9.693   
-3.120  29.728 16 AA_DC20DA21:DT2DG3_DD  A 20 ? D 3  ? A 21 ? D 2  ? 
# 
loop_
_pdbx_audit_support.funding_organization 
_pdbx_audit_support.country 
_pdbx_audit_support.grant_number 
_pdbx_audit_support.ordinal 
'Department of Energy (DOE, United States)'        'United States' DE-SC0007991  1 
'National Science Foundation (NSF, United States)' 'United States' GCR-2317843   2 
'Office of Naval Research (ONR)'                   'United States' N000141912596 3 
# 
_space_group.name_H-M_alt     'H 3' 
_space_group.name_Hall        'H 3' 
_space_group.IT_number        146 
_space_group.crystal_system   trigonal 
_space_group.id               1 
# 
_atom_sites.entry_id                    9E20 
_atom_sites.Cartn_transf_matrix[1][1]   ? 
_atom_sites.Cartn_transf_matrix[1][2]   ? 
_atom_sites.Cartn_transf_matrix[1][3]   ? 
_atom_sites.Cartn_transf_matrix[2][1]   ? 
_atom_sites.Cartn_transf_matrix[2][2]   ? 
_atom_sites.Cartn_transf_matrix[2][3]   ? 
_atom_sites.Cartn_transf_matrix[3][1]   ? 
_atom_sites.Cartn_transf_matrix[3][2]   ? 
_atom_sites.Cartn_transf_matrix[3][3]   ? 
_atom_sites.Cartn_transf_vector[1]      ? 
_atom_sites.Cartn_transf_vector[2]      ? 
_atom_sites.Cartn_transf_vector[3]      ? 
_atom_sites.Cartn_transform_axes        ? 
_atom_sites.fract_transf_matrix[1][1]   0.00231547 
_atom_sites.fract_transf_matrix[1][2]   0.00992160 
_atom_sites.fract_transf_matrix[1][3]   -0.00414077 
_atom_sites.fract_transf_matrix[2][1]   0.00395698 
_atom_sites.fract_transf_matrix[2][2]   0.00790269 
_atom_sites.fract_transf_matrix[2][3]   0.00654399 
_atom_sites.fract_transf_matrix[3][1]   0.00971136 
_atom_sites.fract_transf_matrix[3][2]   -0.00313641 
_atom_sites.fract_transf_matrix[3][3]   -0.00208460 
_atom_sites.fract_transf_vector[1]      0.022195 
_atom_sites.fract_transf_vector[2]      -0.130250 
_atom_sites.fract_transf_vector[3]      0.249941 
_atom_sites.solution_primary            ? 
_atom_sites.solution_secondary          ? 
_atom_sites.solution_hydrogens          ? 
_atom_sites.special_details             ? 
# 
loop_
_atom_type.symbol 
_atom_type.scat_dispersion_real 
_atom_type.scat_dispersion_imag 
_atom_type.scat_Cromer_Mann_a1 
_atom_type.scat_Cromer_Mann_a2 
_atom_type.scat_Cromer_Mann_a3 
_atom_type.scat_Cromer_Mann_a4 
_atom_type.scat_Cromer_Mann_b1 
_atom_type.scat_Cromer_Mann_b2 
_atom_type.scat_Cromer_Mann_b3 
_atom_type.scat_Cromer_Mann_b4 
_atom_type.scat_Cromer_Mann_c 
_atom_type.scat_source 
_atom_type.scat_dispersion_source 
C  ? ? 5.96793  ? ? ? 14.89577 ? ? ? 0.0 
;1-Gaussian fit: Grosse-Kunstleve RW, Sauter NK, Adams PD: Newsletter of the IUCr Commission on Crystallographic Computing 2004, 3, 22-31.
;
? 
HG ? ? 79.56749 ? ? ? 4.10057  ? ? ? 0.0 
;1-Gaussian fit: Grosse-Kunstleve RW, Sauter NK, Adams PD: Newsletter of the IUCr Commission on Crystallographic Computing 2004, 3, 22-31.
;
? 
I  ? ? 52.68445 ? ? ? 6.30157  ? ? ? 0.0 
;1-Gaussian fit: Grosse-Kunstleve RW, Sauter NK, Adams PD: Newsletter of the IUCr Commission on Crystallographic Computing 2004, 3, 22-31.
;
? 
N  ? ? 6.96715  ? ? ? 11.43723 ? ? ? 0.0 
;1-Gaussian fit: Grosse-Kunstleve RW, Sauter NK, Adams PD: Newsletter of the IUCr Commission on Crystallographic Computing 2004, 3, 22-31.
;
? 
O  ? ? 7.96527  ? ? ? 9.05267  ? ? ? 0.0 
;1-Gaussian fit: Grosse-Kunstleve RW, Sauter NK, Adams PD: Newsletter of the IUCr Commission on Crystallographic Computing 2004, 3, 22-31.
;
? 
P  ? ? 14.90797 ? ? ? 11.91318 ? ? ? 0.0 
;1-Gaussian fit: Grosse-Kunstleve RW, Sauter NK, Adams PD: Newsletter of the IUCr Commission on Crystallographic Computing 2004, 3, 22-31.
;
? 
S  ? ? 15.91112 ? ? ? 10.84690 ? ? ? 0.0 
;1-Gaussian fit: Grosse-Kunstleve RW, Sauter NK, Adams PD: Newsletter of the IUCr Commission on Crystallographic Computing 2004, 3, 22-31.
;
? 
# 
loop_
_atom_site.group_PDB 
_atom_site.id 
_atom_site.type_symbol 
_atom_site.label_atom_id 
_atom_site.label_alt_id 
_atom_site.label_comp_id 
_atom_site.label_asym_id 
_atom_site.label_entity_id 
_atom_site.label_seq_id 
_atom_site.pdbx_PDB_ins_code 
_atom_site.Cartn_x 
_atom_site.Cartn_y 
_atom_site.Cartn_z 
_atom_site.occupancy 
_atom_site.B_iso_or_equiv 
_atom_site.pdbx_formal_charge 
_atom_site.auth_seq_id 
_atom_site.auth_comp_id 
_atom_site.auth_asym_id 
_atom_site.auth_atom_id 
_atom_site.pdbx_PDB_model_num 
ATOM   1   O  "O5'" . DG    A 1 1  ? 20.53986  23.28354  -6.66655  1.000 245.41248 ? 1   DG    A "O5'" 1 
ATOM   2   C  "C5'" . DG    A 1 1  ? 20.89954  23.06994  -8.02934  1.000 234.93248 ? 1   DG    A "C5'" 1 
ATOM   3   C  "C4'" . DG    A 1 1  ? 20.31828  24.15726  -8.90446  1.000 240.59038 ? 1   DG    A "C4'" 1 
ATOM   4   O  "O4'" . DG    A 1 1  ? 20.66963  23.94247  -10.27822 1.000 241.33023 ? 1   DG    A "O4'" 1 
ATOM   5   C  "C3'" . DG    A 1 1  ? 18.80841  24.20566  -8.92939  1.000 248.75990 ? 1   DG    A "C3'" 1 
ATOM   6   O  "O3'" . DG    A 1 1  ? 18.34561  25.00833  -7.87117  1.000 254.25539 ? 1   DG    A "O3'" 1 
ATOM   7   C  "C2'" . DG    A 1 1  ? 18.49095  24.84266  -10.29641 1.000 251.81533 ? 1   DG    A "C2'" 1 
ATOM   8   C  "C1'" . DG    A 1 1  ? 19.82245  24.76624  -11.05111 1.000 245.35418 ? 1   DG    A "C1'" 1 
ATOM   9   N  N9    . DG    A 1 1  ? 19.72176  24.23069  -12.41922 1.000 245.55610 ? 1   DG    A N9    1 
ATOM   10  C  C8    . DG    A 1 1  ? 20.52002  23.25400  -12.98433 1.000 242.84051 ? 1   DG    A C8    1 
ATOM   11  N  N7    . DG    A 1 1  ? 20.21639  22.97919  -14.22363 1.000 242.62581 ? 1   DG    A N7    1 
ATOM   12  C  C5    . DG    A 1 1  ? 19.14695  23.83139  -14.51472 1.000 246.65225 ? 1   DG    A C5    1 
ATOM   13  C  C6    . DG    A 1 1  ? 18.40499  23.97708  -15.71235 1.000 246.94131 ? 1   DG    A C6    1 
ATOM   14  O  O6    . DG    A 1 1  ? 18.55775  23.36142  -16.76909 1.000 247.58164 ? 1   DG    A O6    1 
ATOM   15  N  N1    . DG    A 1 1  ? 17.40085  24.95008  -15.60373 1.000 244.40855 ? 1   DG    A N1    1 
ATOM   16  C  C2    . DG    A 1 1  ? 17.14553  25.69196  -14.47107 1.000 244.72947 ? 1   DG    A C2    1 
ATOM   17  N  N2    . DG    A 1 1  ? 16.13708  26.57981  -14.55754 1.000 241.11778 ? 1   DG    A N2    1 
ATOM   18  N  N3    . DG    A 1 1  ? 17.83702  25.56884  -13.32884 1.000 246.95930 ? 1   DG    A N3    1 
ATOM   19  C  C4    . DG    A 1 1  ? 18.82538  24.61638  -13.42271 1.000 246.97225 ? 1   DG    A C4    1 
ATOM   20  P  P     . DA    A 1 2  ? 16.82691  24.86110  -7.35564  1.000 267.84649 ? 2   DA    A P     1 
ATOM   21  O  OP1   . DA    A 1 2  ? 16.84029  25.29090  -5.93567  1.000 274.18999 ? 2   DA    A OP1   1 
ATOM   22  O  OP2   . DA    A 1 2  ? 16.39131  23.48365  -7.72308  1.000 259.88270 ? 2   DA    A OP2   1 
ATOM   23  O  "O5'" . DA    A 1 2  ? 15.99121  25.95451  -8.21483  1.000 266.73203 ? 2   DA    A "O5'" 1 
ATOM   24  C  "C5'" . DA    A 1 2  ? 14.57202  26.17855  -7.97579  1.000 254.88305 ? 2   DA    A "C5'" 1 
ATOM   25  C  "C4'" . DA    A 1 2  ? 13.77796  26.00423  -9.26034  1.000 248.93620 ? 2   DA    A "C4'" 1 
ATOM   26  O  "O4'" . DA    A 1 2  ? 14.65030  25.41516  -10.27958 1.000 254.16021 ? 2   DA    A "O4'" 1 
ATOM   27  C  "C3'" . DA    A 1 2  ? 12.58412  25.05160  -9.14748  1.000 246.12209 ? 2   DA    A "C3'" 1 
ATOM   28  O  "O3'" . DA    A 1 2  ? 11.47090  25.49226  -10.02618 1.000 244.41876 ? 2   DA    A "O3'" 1 
ATOM   29  C  "C2'" . DA    A 1 2  ? 13.21435  23.72519  -9.58426  1.000 253.69803 ? 2   DA    A "C2'" 1 
ATOM   30  C  "C1'" . DA    A 1 2  ? 14.05446  24.22208  -10.74299 1.000 254.96055 ? 2   DA    A "C1'" 1 
ATOM   31  N  N9    . DA    A 1 2  ? 15.04728  23.27743  -11.29092 1.000 256.03293 ? 2   DA    A N9    1 
ATOM   32  C  C8    . DA    A 1 2  ? 16.02900  22.58845  -10.61791 1.000 253.75877 ? 2   DA    A C8    1 
ATOM   33  N  N7    . DA    A 1 2  ? 16.76233  21.81171  -11.39426 1.000 252.85141 ? 2   DA    A N7    1 
ATOM   34  C  C5    . DA    A 1 2  ? 16.21983  22.00055  -12.66733 1.000 255.21973 ? 2   DA    A C5    1 
ATOM   35  C  C6    . DA    A 1 2  ? 16.54301  21.46447  -13.94580 1.000 255.08084 ? 2   DA    A C6    1 
ATOM   36  N  N6    . DA    A 1 2  ? 17.53843  20.59058  -14.15472 1.000 254.49024 ? 2   DA    A N6    1 
ATOM   37  N  N1    . DA    A 1 2  ? 15.79442  21.86717  -15.00559 1.000 254.50730 ? 2   DA    A N1    1 
ATOM   38  C  C2    . DA    A 1 2  ? 14.79637  22.74243  -14.80213 1.000 256.70302 ? 2   DA    A C2    1 
ATOM   39  N  N3    . DA    A 1 2  ? 14.40080  23.31258  -13.66051 1.000 258.91344 ? 2   DA    A N3    1 
ATOM   40  C  C4    . DA    A 1 2  ? 15.16090  22.89621  -12.61909 1.000 256.77560 ? 2   DA    A C4    1 
ATOM   41  P  P     . DG    A 1 3  ? 10.89338  24.54352  -11.21146 1.000 257.61909 ? 3   DG    A P     1 
ATOM   42  O  OP1   . DG    A 1 3  ? 10.60812  23.19574  -10.68277 1.000 261.50593 ? 3   DG    A OP1   1 
ATOM   43  O  OP2   . DG    A 1 3  ? 11.73091  24.77870  -12.40371 1.000 263.79248 ? 3   DG    A OP2   1 
ATOM   44  O  "O5'" . DG    A 1 3  ? 9.45812   25.12107  -11.62497 1.000 261.71349 ? 3   DG    A "O5'" 1 
ATOM   45  C  "C5'" . DG    A 1 3  ? 8.99928   25.05138  -13.02569 1.000 266.96987 ? 3   DG    A "C5'" 1 
ATOM   46  C  "C4'" . DG    A 1 3  ? 8.88041   23.61295  -13.59818 1.000 268.46733 ? 3   DG    A "C4'" 1 
ATOM   47  O  "O4'" . DG    A 1 3  ? 10.17617  22.97820  -13.74160 1.000 266.45234 ? 3   DG    A "O4'" 1 
ATOM   48  C  "C3'" . DG    A 1 3  ? 8.01450   22.62470  -12.81446 1.000 269.38942 ? 3   DG    A "C3'" 1 
ATOM   49  O  "O3'" . DG    A 1 3  ? 6.68231   22.51650  -13.43271 1.000 274.71933 ? 3   DG    A "O3'" 1 
ATOM   50  C  "C2'" . DG    A 1 3  ? 8.81819   21.29647  -12.82571 1.000 264.94866 ? 3   DG    A "C2'" 1 
ATOM   51  C  "C1'" . DG    A 1 3  ? 9.99768   21.57960  -13.75093 1.000 261.83921 ? 3   DG    A "C1'" 1 
ATOM   52  N  N9    . DG    A 1 3  ? 11.23807  20.95496  -13.30653 1.000 257.61073 ? 3   DG    A N9    1 
ATOM   53  C  C8    . DG    A 1 3  ? 11.76749  20.98162  -12.04026 1.000 257.75351 ? 3   DG    A C8    1 
ATOM   54  N  N7    . DG    A 1 3  ? 12.90154  20.35123  -11.93033 1.000 258.32411 ? 3   DG    A N7    1 
ATOM   55  C  C5    . DG    A 1 3  ? 13.14782  19.87372  -13.20692 1.000 259.54589 ? 3   DG    A C5    1 
ATOM   56  C  C6    . DG    A 1 3  ? 14.24129  19.11138  -13.70255 1.000 260.37070 ? 3   DG    A C6    1 
ATOM   57  O  O6    . DG    A 1 3  ? 15.24013  18.68147  -13.07752 1.000 257.84666 ? 3   DG    A O6    1 
ATOM   58  N  N1    . DG    A 1 3  ? 14.08443  18.83496  -15.06151 1.000 260.71912 ? 3   DG    A N1    1 
ATOM   59  C  C2    . DG    A 1 3  ? 13.01474  19.25371  -15.84125 1.000 260.00861 ? 3   DG    A C2    1 
ATOM   60  N  N2    . DG    A 1 3  ? 13.03713  18.89792  -17.12886 1.000 260.38005 ? 3   DG    A N2    1 
ATOM   61  N  N3    . DG    A 1 3  ? 11.99297  19.96825  -15.38415 1.000 257.73730 ? 3   DG    A N3    1 
ATOM   62  C  C4    . DG    A 1 3  ? 12.12602  20.24194  -14.06902 1.000 258.34573 ? 3   DG    A C4    1 
ATOM   63  P  P     . DC    A 1 4  ? 6.23773   21.24807  -14.33457 1.000 282.64385 ? 4   DC    A P     1 
ATOM   64  O  OP1   . DC    A 1 4  ? 7.20908   21.14734  -15.45679 1.000 277.31001 ? 4   DC    A OP1   1 
ATOM   65  O  OP2   . DC    A 1 4  ? 4.81000   21.45680  -14.69080 1.000 277.86781 ? 4   DC    A OP2   1 
ATOM   66  O  "O5'" . DC    A 1 4  ? 6.31581   19.99320  -13.31021 1.000 277.29031 ? 4   DC    A "O5'" 1 
ATOM   67  C  "C5'" . DC    A 1 4  ? 5.82362   18.68960  -13.66094 1.000 271.57010 ? 4   DC    A "C5'" 1 
ATOM   68  C  "C4'" . DC    A 1 4  ? 6.47193   18.18312  -14.93451 1.000 269.03776 ? 4   DC    A "C4'" 1 
ATOM   69  O  "O4'" . DC    A 1 4  ? 7.82615   18.66303  -15.03088 1.000 268.89761 ? 4   DC    A "O4'" 1 
ATOM   70  C  "C3'" . DC    A 1 4  ? 6.58802   16.67870  -15.05845 1.000 265.13857 ? 4   DC    A "C3'" 1 
ATOM   71  O  "O3'" . DC    A 1 4  ? 5.37753   16.13953  -15.56194 1.000 260.99012 ? 4   DC    A "O3'" 1 
ATOM   72  C  "C2'" . DC    A 1 4  ? 7.72776   16.52385  -16.06217 1.000 265.14194 ? 4   DC    A "C2'" 1 
ATOM   73  C  "C1'" . DC    A 1 4  ? 8.60519   17.74443  -15.76547 1.000 265.98807 ? 4   DC    A "C1'" 1 
ATOM   74  N  N1    . DC    A 1 4  ? 9.80189   17.43926  -14.95885 1.000 265.95046 ? 4   DC    A N1    1 
ATOM   75  C  C2    . DC    A 1 4  ? 10.90871  16.82998  -15.56277 1.000 264.59695 ? 4   DC    A C2    1 
ATOM   76  O  O2    . DC    A 1 4  ? 10.86145  16.54465  -16.77610 1.000 260.32416 ? 4   DC    A O2    1 
ATOM   77  N  N3    . DC    A 1 4  ? 12.00536  16.56579  -14.79470 1.000 265.74904 ? 4   DC    A N3    1 
ATOM   78  C  C4    . DC    A 1 4  ? 12.01029  16.88797  -13.48598 1.000 264.35360 ? 4   DC    A C4    1 
ATOM   79  N  N4    . DC    A 1 4  ? 13.11233  16.60532  -12.76674 1.000 262.72907 ? 4   DC    A N4    1 
ATOM   80  C  C5    . DC    A 1 4  ? 10.88528  17.51280  -12.86140 1.000 261.65731 ? 4   DC    A C5    1 
ATOM   81  C  C6    . DC    A 1 4  ? 9.81848   17.77036  -13.62641 1.000 263.45634 ? 4   DC    A C6    1 
ATOM   82  P  P     . DA    A 1 5  ? 4.85661   16.47895  -17.05207 1.000 257.64248 ? 5   DA    A P     1 
ATOM   83  O  OP1   . DA    A 1 5  ? 5.21468   17.84861  -17.50902 1.000 258.73126 ? 5   DA    A OP1   1 
ATOM   84  O  OP2   . DA    A 1 5  ? 3.43431   16.08758  -17.00738 1.000 264.15369 ? 5   DA    A OP2   1 
ATOM   85  O  "O5'" . DA    A 1 5  ? 5.58176   15.40689  -17.99256 1.000 258.65465 ? 5   DA    A "O5'" 1 
ATOM   86  C  "C5'" . DA    A 1 5  ? 5.08130   14.08055  -18.09554 1.000 255.74369 ? 5   DA    A "C5'" 1 
ATOM   87  C  "C4'" . DA    A 1 5  ? 6.22925   13.13300  -18.32745 1.000 259.13564 ? 5   DA    A "C4'" 1 
ATOM   88  O  "O4'" . DA    A 1 5  ? 7.30748   13.49364  -17.42221 1.000 260.86290 ? 5   DA    A "O4'" 1 
ATOM   89  C  "C3'" . DA    A 1 5  ? 5.92487   11.65276  -18.08513 1.000 263.75834 ? 5   DA    A "C3'" 1 
ATOM   90  O  "O3'" . DA    A 1 5  ? 6.57093   10.84188  -19.10822 1.000 270.81969 ? 5   DA    A "O3'" 1 
ATOM   91  C  "C2'" . DA    A 1 5  ? 6.49967   11.41211  -16.68962 1.000 266.05801 ? 5   DA    A "C2'" 1 
ATOM   92  C  "C1'" . DA    A 1 5  ? 7.68658   12.37071  -16.66139 1.000 266.27843 ? 5   DA    A "C1'" 1 
ATOM   93  N  N9    . DA    A 1 5  ? 8.07404   12.79042  -15.29831 1.000 267.04565 ? 5   DA    A N9    1 
ATOM   94  C  C8    . DA    A 1 5  ? 7.24971   13.25389  -14.30058 1.000 263.11333 ? 5   DA    A C8    1 
ATOM   95  N  N7    . DA    A 1 5  ? 7.87972   13.52326  -13.17237 1.000 260.44335 ? 5   DA    A N7    1 
ATOM   96  C  C5    . DA    A 1 5  ? 9.20730   13.20656  -13.44265 1.000 260.82312 ? 5   DA    A C5    1 
ATOM   97  C  C6    . DA    A 1 5  ? 10.39056  13.28377  -12.66811 1.000 256.12535 ? 5   DA    A C6    1 
ATOM   98  N  N6    . DA    A 1 5  ? 10.41801  13.68958  -11.39391 1.000 253.57819 ? 5   DA    A N6    1 
ATOM   99  N  N1    . DA    A 1 5  ? 11.54018  12.87452  -13.23865 1.000 255.87081 ? 5   DA    A N1    1 
ATOM   100 C  C2    . DA    A 1 5  ? 11.51466  12.44557  -14.50572 1.000 260.73022 ? 5   DA    A C2    1 
ATOM   101 N  N3    . DA    A 1 5  ? 10.48428  12.35026  -15.34178 1.000 264.71591 ? 5   DA    A N3    1 
ATOM   102 C  C4    . DA    A 1 5  ? 9.34605   12.75241  -14.74645 1.000 264.81546 ? 5   DA    A C4    1 
ATOM   103 P  P     . DG    A 1 6  ? 6.65609   9.22628   -19.02433 1.000 277.66751 ? 6   DG    A P     1 
ATOM   104 O  OP1   . DG    A 1 6  ? 6.35982   8.69838   -20.38031 1.000 278.69994 ? 6   DG    A OP1   1 
ATOM   105 O  OP2   . DG    A 1 6  ? 5.90784   8.67962   -17.85197 1.000 268.83222 ? 6   DG    A OP2   1 
ATOM   106 O  "O5'" . DG    A 1 6  ? 8.21703   8.97947   -18.80248 1.000 274.63811 ? 6   DG    A "O5'" 1 
ATOM   107 C  "C5'" . DG    A 1 6  ? 8.81363   7.76875   -19.19346 1.000 273.99953 ? 6   DG    A "C5'" 1 
ATOM   108 C  "C4'" . DG    A 1 6  ? 9.14845   6.94074   -17.97542 1.000 271.11077 ? 6   DG    A "C4'" 1 
ATOM   109 O  "O4'" . DG    A 1 6  ? 9.67406   7.78814   -16.91538 1.000 272.06592 ? 6   DG    A "O4'" 1 
ATOM   110 C  "C3'" . DG    A 1 6  ? 7.96968   6.17583   -17.36792 1.000 267.78393 ? 6   DG    A "C3'" 1 
ATOM   111 O  "O3'" . DG    A 1 6  ? 8.38693   4.83213   -17.23199 1.000 267.23379 ? 6   DG    A "O3'" 1 
ATOM   112 C  "C2'" . DG    A 1 6  ? 7.72781   6.88642   -16.02195 1.000 262.05500 ? 6   DG    A "C2'" 1 
ATOM   113 C  "C1'" . DG    A 1 6  ? 9.12904   7.35903   -15.68858 1.000 266.66609 ? 6   DG    A "C1'" 1 
ATOM   114 N  N9    . DG    A 1 6  ? 9.19468   8.44151   -14.68513 1.000 264.66435 ? 6   DG    A N9    1 
ATOM   115 C  C8    . DG    A 1 6  ? 8.31156   9.48380   -14.50223 1.000 261.94873 ? 6   DG    A C8    1 
ATOM   116 N  N7    . DG    A 1 6  ? 8.63400   10.27308  -13.50529 1.000 255.99216 ? 6   DG    A N7    1 
ATOM   117 C  C5    . DG    A 1 6  ? 9.80953   9.73104   -13.00335 1.000 255.43095 ? 6   DG    A C5    1 
ATOM   118 C  C6    . DG    A 1 6  ? 10.62333  10.14714  -11.92139 1.000 250.85486 ? 6   DG    A C6    1 
ATOM   119 O  O6    . DG    A 1 6  ? 10.46760  11.11608  -11.16752 1.000 245.96880 ? 6   DG    A O6    1 
ATOM   120 N  N1    . DG    A 1 6  ? 11.71398  9.29516   -11.74376 1.000 253.91281 ? 6   DG    A N1    1 
ATOM   121 C  C2    . DG    A 1 6  ? 11.98441  8.17392   -12.50766 1.000 256.56715 ? 6   DG    A C2    1 
ATOM   122 N  N2    . DG    A 1 6  ? 13.08570  7.46769   -12.18388 1.000 254.53168 ? 6   DG    A N2    1 
ATOM   123 N  N3    . DG    A 1 6  ? 11.22968  7.77649   -13.51769 1.000 261.09770 ? 6   DG    A N3    1 
ATOM   124 C  C4    . DG    A 1 6  ? 10.16546  8.59963   -13.71279 1.000 260.78047 ? 6   DG    A C4    1 
ATOM   125 P  P     . DC    A 1 7  ? 7.61935   3.75316   -16.32371 1.000 270.92443 ? 7   DC    A P     1 
ATOM   126 O  OP1   . DC    A 1 7  ? 7.22634   2.67784   -17.26291 1.000 275.61451 ? 7   DC    A OP1   1 
ATOM   127 O  OP2   . DC    A 1 7  ? 6.61121   4.35735   -15.40322 1.000 262.24213 ? 7   DC    A OP2   1 
ATOM   128 O  "O5'" . DC    A 1 7  ? 8.82393   3.12799   -15.49345 1.000 263.23817 ? 7   DC    A "O5'" 1 
ATOM   129 C  "C5'" . DC    A 1 7  ? 10.10390  3.77854   -15.48396 1.000 261.27614 ? 7   DC    A "C5'" 1 
ATOM   130 C  "C4'" . DC    A 1 7  ? 10.79640  3.49324   -14.17647 1.000 255.24530 ? 7   DC    A "C4'" 1 
ATOM   131 O  "O4'" . DC    A 1 7  ? 10.81785  4.68299   -13.34083 1.000 256.57631 ? 7   DC    A "O4'" 1 
ATOM   132 C  "C3'" . DC    A 1 7  ? 10.06723  2.47338   -13.33653 1.000 249.20137 ? 7   DC    A "C3'" 1 
ATOM   133 O  "O3'" . DC    A 1 7  ? 10.95641  1.90883   -12.48421 1.000 245.80967 ? 7   DC    A "O3'" 1 
ATOM   134 C  "C2'" . DC    A 1 7  ? 9.09191   3.34080   -12.55799 1.000 246.28932 ? 7   DC    A "C2'" 1 
ATOM   135 C  "C1'" . DC    A 1 7  ? 10.05412  4.42396   -12.16826 1.000 249.17920 ? 7   DC    A "C1'" 1 
ATOM   136 N  N1    . DC    A 1 7  ? 9.43595   5.69672   -11.66176 1.000 251.59199 ? 7   DC    A N1    1 
ATOM   137 C  C2    . DC    A 1 7  ? 9.95639   6.23982   -10.49083 1.000 251.17868 ? 7   DC    A C2    1 
ATOM   138 O  O2    . DC    A 1 7  ? 10.88550  5.62806   -9.92911  1.000 246.63159 ? 7   DC    A O2    1 
ATOM   139 N  N3    . DC    A 1 7  ? 9.43784   7.40494   -10.00449 1.000 253.93018 ? 7   DC    A N3    1 
ATOM   140 C  C4    . DC    A 1 7  ? 8.43787   8.02550   -10.65598 1.000 252.16099 ? 7   DC    A C4    1 
ATOM   141 N  N4    . DC    A 1 7  ? 7.97775   9.18012   -10.12881 1.000 249.97640 ? 7   DC    A N4    1 
ATOM   142 C  C5    . DC    A 1 7  ? 7.87949   7.48198   -11.87135 1.000 250.02310 ? 7   DC    A C5    1 
ATOM   143 C  C6    . DC    A 1 7  ? 8.40830   6.32506   -12.33918 1.000 251.72337 ? 7   DC    A C6    1 
ATOM   144 P  P     . DC    A 1 8  ? 10.51418  0.59770   -11.70005 1.000 250.80096 ? 8   DC    A P     1 
ATOM   145 O  OP1   . DC    A 1 8  ? 10.07804  -0.35629  -12.74019 1.000 262.70364 ? 8   DC    A OP1   1 
ATOM   146 O  OP2   . DC    A 1 8  ? 9.57072   0.94626   -10.61627 1.000 244.53216 ? 8   DC    A OP2   1 
ATOM   147 O  "O5'" . DC    A 1 8  ? 11.86681  0.07437   -11.06112 1.000 252.82218 ? 8   DC    A "O5'" 1 
ATOM   148 C  "C5'" . DC    A 1 8  ? 11.85916  -0.37129  -9.74974  1.000 249.51576 ? 8   DC    A "C5'" 1 
ATOM   149 C  "C4'" . DC    A 1 8  ? 12.76867  0.48002   -8.90170  1.000 249.32503 ? 8   DC    A "C4'" 1 
ATOM   150 O  "O4'" . DC    A 1 8  ? 12.50485  1.88738   -9.12248  1.000 245.62406 ? 8   DC    A "O4'" 1 
ATOM   151 C  "C3'" . DC    A 1 8  ? 12.64149  0.20912   -7.42809  1.000 249.75600 ? 8   DC    A "C3'" 1 
ATOM   152 O  "O3'" . DC    A 1 8  ? 13.73456  -0.63324  -7.06720  1.000 251.45875 ? 8   DC    A "O3'" 1 
ATOM   153 C  "C2'" . DC    A 1 8  ? 12.69680  1.60078   -6.76136  1.000 251.37275 ? 8   DC    A "C2'" 1 
ATOM   154 C  "C1'" . DC    A 1 8  ? 12.45265  2.59560   -7.90488  1.000 243.86892 ? 8   DC    A "C1'" 1 
ATOM   155 N  N1    . DC    A 1 8  ? 11.14370  3.29930   -7.90098  1.000 237.82449 ? 8   DC    A N1    1 
ATOM   156 C  C2    . DC    A 1 8  ? 10.82860  4.28560   -6.95002  1.000 239.59490 ? 8   DC    A C2    1 
ATOM   157 O  O2    . DC    A 1 8  ? 11.63621  4.58875   -6.06466  1.000 244.20616 ? 8   DC    A O2    1 
ATOM   158 N  N3    . DC    A 1 8  ? 9.62644   4.91658   -7.04631  1.000 237.85899 ? 8   DC    A N3    1 
ATOM   159 C  C4    . DC    A 1 8  ? 8.78219   4.59214   -8.01218  1.000 236.73530 ? 8   DC    A C4    1 
ATOM   160 N  N4    . DC    A 1 8  ? 7.60741   5.22916   -8.05845  1.000 237.32141 ? 8   DC    A N4    1 
ATOM   161 C  C5    . DC    A 1 8  ? 9.08511   3.59072   -8.97078  1.000 237.92825 ? 8   DC    A C5    1 
ATOM   162 C  C6    . DC    A 1 8  ? 10.26736  2.99827   -8.88368  1.000 237.77100 ? 8   DC    A C6    1 
ATOM   163 P  P     . DT    A 1 9  ? 13.98626  -1.08151  -5.55388  1.000 261.19329 ? 9   DT    A P     1 
ATOM   164 O  OP1   . DT    A 1 9  ? 15.07881  -0.18206  -5.08513  1.000 263.15031 ? 9   DT    A OP1   1 
ATOM   165 O  OP2   . DT    A 1 9  ? 14.21407  -2.54684  -5.57384  1.000 263.86530 ? 9   DT    A OP2   1 
ATOM   166 O  "O5'" . DT    A 1 9  ? 12.56545  -0.82462  -4.83543  1.000 262.89591 ? 9   DT    A "O5'" 1 
ATOM   167 C  "C5'" . DT    A 1 9  ? 12.42608  -0.95521  -3.41780  1.000 263.64011 ? 9   DT    A "C5'" 1 
ATOM   168 C  "C4'" . DT    A 1 9  ? 13.37053  -0.00277  -2.70469  1.000 265.69558 ? 9   DT    A "C4'" 1 
ATOM   169 O  "O4'" . DT    A 1 9  ? 13.34385  1.30011   -3.33547  1.000 262.87073 ? 9   DT    A "O4'" 1 
ATOM   170 C  "C3'" . DT    A 1 9  ? 13.11074  0.19344   -1.22588  1.000 265.70465 ? 9   DT    A "C3'" 1 
ATOM   171 O  "O3'" . DT    A 1 9  ? 14.24660  -0.26798  -0.52129  1.000 277.99884 ? 9   DT    A "O3'" 1 
ATOM   172 C  "C2'" . DT    A 1 9  ? 12.91753  1.70965   -1.03837  1.000 261.16445 ? 9   DT    A "C2'" 1 
ATOM   173 C  "C1'" . DT    A 1 9  ? 12.82709  2.27171   -2.45790  1.000 258.12781 ? 9   DT    A "C1'" 1 
ATOM   174 N  N1    . DT    A 1 9  ? 11.41901  2.63920   -2.90429  1.000 253.41106 ? 9   DT    A N1    1 
ATOM   175 C  C2    . DT    A 1 9  ? 10.78828  3.74226   -2.35947  1.000 247.30627 ? 9   DT    A C2    1 
ATOM   176 O  O2    . DT    A 1 9  ? 11.29866  4.46249   -1.50681  1.000 247.09905 ? 9   DT    A O2    1 
ATOM   177 N  N3    . DT    A 1 9  ? 9.51882   3.97211   -2.85120  1.000 239.49328 ? 9   DT    A N3    1 
ATOM   178 C  C4    . DT    A 1 9  ? 8.84104   3.23946   -3.80980  1.000 233.40379 ? 9   DT    A C4    1 
ATOM   179 O  O4    . DT    A 1 9  ? 7.71161   3.52981   -4.18480  1.000 223.23308 ? 9   DT    A O4    1 
ATOM   180 C  C5    . DT    A 1 9  ? 9.56430   2.11060   -4.33846  1.000 244.49220 ? 9   DT    A C5    1 
ATOM   181 C  C7    . DT    A 1 9  ? 8.94440   1.23719   -5.38735  1.000 251.88030 ? 9   DT    A C7    1 
ATOM   182 C  C6    . DT    A 1 9  ? 10.79660  1.87317   -3.86970  1.000 250.60715 ? 9   DT    A C6    1 
ATOM   183 P  P     . DG    A 1 10 ? 14.12467  -1.50657  0.49459   1.000 297.72448 ? 10  DG    A P     1 
ATOM   184 O  OP1   . DG    A 1 10 ? 15.51180  -1.86742  0.89221   1.000 302.43970 ? 10  DG    A OP1   1 
ATOM   185 O  OP2   . DG    A 1 10 ? 13.27633  -2.54576  -0.16142  1.000 285.12123 ? 10  DG    A OP2   1 
ATOM   186 O  "O5'" . DG    A 1 10 ? 13.33703  -0.86716  1.76294   1.000 282.57228 ? 10  DG    A "O5'" 1 
ATOM   187 C  "C5'" . DG    A 1 10 ? 13.85281  0.32456   2.46772   1.000 267.15582 ? 10  DG    A "C5'" 1 
ATOM   188 C  "C4'" . DG    A 1 10 ? 12.73309  1.07502   3.19898   1.000 252.02301 ? 10  DG    A "C4'" 1 
ATOM   189 O  "O4'" . DG    A 1 10 ? 11.76865  1.54274   2.23818   1.000 250.84209 ? 10  DG    A "O4'" 1 
ATOM   190 C  "C3'" . DG    A 1 10 ? 11.95114  0.22699   4.20174   1.000 245.27597 ? 10  DG    A "C3'" 1 
ATOM   191 O  "O3'" . DG    A 1 10 ? 12.23814  0.62976   5.52501   1.000 239.85952 ? 10  DG    A "O3'" 1 
ATOM   192 C  "C2'" . DG    A 1 10 ? 10.47082  0.42453   3.85636   1.000 242.09058 ? 10  DG    A "C2'" 1 
ATOM   193 C  "C1'" . DG    A 1 10 ? 10.46525  1.44442   2.76244   1.000 240.64744 ? 10  DG    A "C1'" 1 
ATOM   194 N  N9    . DG    A 1 10 ? 9.53276   1.20673   1.65743   1.000 236.20660 ? 10  DG    A N9    1 
ATOM   195 C  C8    . DG    A 1 10 ? 9.69268   0.41846   0.52649   1.000 233.77963 ? 10  DG    A C8    1 
ATOM   196 N  N7    . DG    A 1 10 ? 8.68945   0.51639   -0.31014  1.000 220.62717 ? 10  DG    A N7    1 
ATOM   197 C  C5    . DG    A 1 10 ? 7.84483   1.44126   0.30713   1.000 222.94427 ? 10  DG    A C5    1 
ATOM   198 C  C6    . DG    A 1 10 ? 6.59742   1.97331   -0.08717  1.000 219.59547 ? 10  DG    A C6    1 
ATOM   199 O  O6    . DG    A 1 10 ? 5.95375   1.75471   -1.10663  1.000 217.03448 ? 10  DG    A O6    1 
ATOM   200 N  N1    . DG    A 1 10 ? 6.09406   2.88954   0.85436   1.000 217.87456 ? 10  DG    A N1    1 
ATOM   201 C  C2    . DG    A 1 10 ? 6.73485   3.23067   2.02054   1.000 221.56094 ? 10  DG    A C2    1 
ATOM   202 N  N2    . DG    A 1 10 ? 6.11984   4.11496   2.82604   1.000 221.83807 ? 10  DG    A N2    1 
ATOM   203 N  N3    . DG    A 1 10 ? 7.88861   2.73988   2.38932   1.000 224.74309 ? 10  DG    A N3    1 
ATOM   204 C  C4    . DG    A 1 10 ? 8.37937   1.86330   1.49915   1.000 228.75777 ? 10  DG    A C4    1 
ATOM   205 P  P     . DT    A 1 11 ? 11.78328  -0.30902  6.76023   1.000 243.20493 ? 11  DT    A P     1 
ATOM   206 O  OP1   . DT    A 1 11 ? 12.98450  -1.10110  7.12383   1.000 246.11253 ? 11  DT    A OP1   1 
ATOM   207 O  OP2   . DT    A 1 11 ? 10.54175  -1.04308  6.38016   1.000 243.65353 ? 11  DT    A OP2   1 
ATOM   208 O  "O5'" . DT    A 1 11 ? 11.48175  0.75578   7.94325   1.000 249.42133 ? 11  DT    A "O5'" 1 
ATOM   209 C  "C5'" . DT    A 1 11 ? 10.76792  0.38682   9.15647   1.000 242.40157 ? 11  DT    A "C5'" 1 
ATOM   210 C  "C4'" . DT    A 1 11 ? 9.52252   1.23920   9.29884   1.000 237.92921 ? 11  DT    A "C4'" 1 
ATOM   211 O  "O4'" . DT    A 1 11 ? 9.12201   1.67509   7.93739   1.000 244.37893 ? 11  DT    A "O4'" 1 
ATOM   212 C  "C3'" . DT    A 1 11 ? 8.32200   0.48406   9.89075   1.000 231.82279 ? 11  DT    A "C3'" 1 
ATOM   213 O  "O3'" . DT    A 1 11 ? 7.47537   1.33565   10.75723  1.000 225.33667 ? 11  DT    A "O3'" 1 
ATOM   214 C  "C2'" . DT    A 1 11 ? 7.60412   0.04354   8.61722   1.000 238.95018 ? 11  DT    A "C2'" 1 
ATOM   215 C  "C1'" . DT    A 1 11 ? 7.79361   1.27616   7.72315   1.000 242.06666 ? 11  DT    A "C1'" 1 
ATOM   216 N  N1    . DT    A 1 11 ? 7.38429   1.04602   6.21882   1.000 243.84594 ? 11  DT    A N1    1 
ATOM   217 C  C2    . DT    A 1 11 ? 6.47229   1.90950   5.62445   1.000 235.06669 ? 11  DT    A C2    1 
ATOM   218 O  O2    . DT    A 1 11 ? 6.04709   2.91098   6.16706   1.000 231.31817 ? 11  DT    A O2    1 
ATOM   219 N  N3    . DT    A 1 11 ? 6.09967   1.57129   4.34531   1.000 229.44748 ? 11  DT    A N3    1 
ATOM   220 C  C4    . DT    A 1 11 ? 6.50005   0.47147   3.61930   1.000 229.55533 ? 11  DT    A C4    1 
ATOM   221 O  O4    . DT    A 1 11 ? 6.11543   0.27290   2.47662   1.000 224.77781 ? 11  DT    A O4    1 
ATOM   222 C  C5    . DT    A 1 11 ? 7.41166   -0.41748  4.29440   1.000 236.34822 ? 11  DT    A C5    1 
ATOM   223 C  C7    . DT    A 1 11 ? 7.90704   -1.65347  3.59892   1.000 230.48817 ? 11  DT    A C7    1 
ATOM   224 C  C6    . DT    A 1 11 ? 7.78321   -0.10926  5.56023   1.000 242.94141 ? 11  DT    A C6    1 
HETATM 225 N  N1    . 5IU   A 1 12 ? 2.69614   1.15283   7.22582   1.000 221.39776 ? 12  5IU   A N1    1 
HETATM 226 C  C2    . 5IU   A 1 12 ? 1.59279   1.02570   6.24433   1.000 220.25001 ? 12  5IU   A C2    1 
HETATM 227 N  N3    . 5IU   A 1 12 ? 1.57443   -0.14630  5.32263   1.000 225.80592 ? 12  5IU   A N3    1 
HETATM 228 C  C4    . 5IU   A 1 12 ? 2.61269   -1.16463  5.36321   1.000 228.99707 ? 12  5IU   A C4    1 
HETATM 229 C  C5    . 5IU   A 1 12 ? 3.74159   -1.07187  6.34017   1.000 233.71582 ? 12  5IU   A C5    1 
HETATM 230 C  C6    . 5IU   A 1 12 ? 3.72815   0.12208   7.26630   1.000 230.52161 ? 12  5IU   A C6    1 
HETATM 231 O  O2    . 5IU   A 1 12 ? 0.73716   1.84659   6.18634   1.000 215.91510 ? 12  5IU   A O2    1 
HETATM 232 O  O4    . 5IU   A 1 12 ? 2.53123   -2.07308  4.60923   1.000 228.29467 ? 12  5IU   A O4    1 
HETATM 233 I  I5    . 5IU   A 1 12 ? 5.26602   -2.60769  6.37335   1.000 237.89726 ? 12  5IU   A I5    1 
HETATM 234 C  "C1'" . 5IU   A 1 12 ? 2.62514   2.31689   8.11639   1.000 213.46288 ? 12  5IU   A "C1'" 1 
HETATM 235 C  "C2'" . 5IU   A 1 12 ? 1.34896   2.10549   9.00075   1.000 211.70040 ? 12  5IU   A "C2'" 1 
HETATM 236 C  "C3'" . 5IU   A 1 12 ? 1.81556   1.50427   10.29591  1.000 207.61075 ? 12  5IU   A "C3'" 1 
HETATM 237 C  "C4'" . 5IU   A 1 12 ? 2.86018   2.32357   10.51544  1.000 211.40608 ? 12  5IU   A "C4'" 1 
HETATM 238 O  "O3'" . 5IU   A 1 12 ? 0.77083   1.49355   11.38085  1.000 198.05103 ? 12  5IU   A "O3'" 1 
HETATM 239 O  "O4'" . 5IU   A 1 12 ? 3.53406   2.37782   9.03052   1.000 213.09527 ? 12  5IU   A "O4'" 1 
HETATM 240 C  "C5'" . 5IU   A 1 12 ? 3.70536   1.80944   11.65725  1.000 217.63670 ? 12  5IU   A "C5'" 1 
HETATM 241 O  "O5'" . 5IU   A 1 12 ? 5.09688   2.11216   11.67282  1.000 227.03617 ? 12  5IU   A "O5'" 1 
HETATM 242 P  P     . 5IU   A 1 12 ? 5.93755   1.64587   10.33391  1.000 225.57652 ? 12  5IU   A P     1 
HETATM 243 O  OP1   . 5IU   A 1 12 ? 5.12754   0.43949   9.89115   1.000 226.81040 ? 12  5IU   A OP1   1 
HETATM 244 O  OP2   . 5IU   A 1 12 ? 5.94650   2.81861   9.36501   1.000 224.04554 ? 12  5IU   A OP2   1 
ATOM   245 P  P     . DT    A 1 13 ? -0.61466  2.33173   11.26892  1.000 202.71612 ? 13  DT    A P     1 
ATOM   246 O  OP1   . DT    A 1 13 ? -0.26120  3.76553   11.16536  1.000 213.98746 ? 13  DT    A OP1   1 
ATOM   247 O  OP2   . DT    A 1 13 ? -1.44769  1.87598   12.41365  1.000 197.09681 ? 13  DT    A OP2   1 
ATOM   248 O  "O5'" . DT    A 1 13 ? -1.35967  1.82661   9.90976   1.000 216.17468 ? 13  DT    A "O5'" 1 
ATOM   249 C  "C5'" . DT    A 1 13 ? -1.85218  2.77772   8.88067   1.000 213.64304 ? 13  DT    A "C5'" 1 
ATOM   250 C  "C4'" . DT    A 1 13 ? -3.04478  2.20217   8.11760   1.000 216.23254 ? 13  DT    A "C4'" 1 
ATOM   251 O  "O4'" . DT    A 1 13 ? -2.61981  1.25886   7.08114   1.000 220.29019 ? 13  DT    A "O4'" 1 
ATOM   252 C  "C3'" . DT    A 1 13 ? -4.01026  1.43581   8.99484   1.000 221.85579 ? 13  DT    A "C3'" 1 
ATOM   253 O  "O3'" . DT    A 1 13 ? -5.32311  1.71036   8.60621   1.000 220.51117 ? 13  DT    A "O3'" 1 
ATOM   254 C  "C2'" . DT    A 1 13 ? -3.62950  -0.04551  8.77784   1.000 223.91145 ? 13  DT    A "C2'" 1 
ATOM   255 C  "C1'" . DT    A 1 13 ? -3.17868  -0.04969  7.32807   1.000 221.42300 ? 13  DT    A "C1'" 1 
ATOM   256 N  N1    . DT    A 1 13 ? -2.11806  -1.14230  6.93346   1.000 215.89927 ? 13  DT    A N1    1 
ATOM   257 C  C2    . DT    A 1 13 ? -2.32860  -1.89529  5.80002   1.000 212.42746 ? 13  DT    A C2    1 
ATOM   258 O  O2    . DT    A 1 13 ? -3.32701  -1.79458  5.11060   1.000 216.65244 ? 13  DT    A O2    1 
ATOM   259 N  N3    . DT    A 1 13 ? -1.32951  -2.77628  5.49748   1.000 206.02681 ? 13  DT    A N3    1 
ATOM   260 C  C4    . DT    A 1 13 ? -0.16177  -2.97932  6.19616   1.000 203.23928 ? 13  DT    A C4    1 
ATOM   261 O  O4    . DT    A 1 13 ? 0.66551   -3.78720  5.84342   1.000 202.94958 ? 13  DT    A O4    1 
ATOM   262 C  C5    . DT    A 1 13 ? 0.01095   -2.16299  7.36060   1.000 207.24622 ? 13  DT    A C5    1 
ATOM   263 C  C7    . DT    A 1 13 ? 1.23740   -2.30002  8.19569   1.000 211.52488 ? 13  DT    A C7    1 
ATOM   264 C  C6    . DT    A 1 13 ? -0.95532  -1.29048  7.67136   1.000 214.18775 ? 13  DT    A C6    1 
ATOM   265 P  P     . DG    A 1 14 ? -6.38514  2.16050   9.71916   1.000 217.06408 ? 14  DG    A P     1 
ATOM   266 O  OP1   . DG    A 1 14 ? -5.81111  3.41471   10.29434  1.000 219.39096 ? 14  DG    A OP1   1 
ATOM   267 O  OP2   . DG    A 1 14 ? -6.57934  0.98986   10.62398  1.000 219.50304 ? 14  DG    A OP2   1 
ATOM   268 O  "O5'" . DG    A 1 14 ? -7.74922  2.45120   8.86506   1.000 220.05611 ? 14  DG    A "O5'" 1 
ATOM   269 C  "C5'" . DG    A 1 14 ? -8.82846  1.43690   8.71942   1.000 221.80249 ? 14  DG    A "C5'" 1 
ATOM   270 C  "C4'" . DG    A 1 14 ? -9.36949  1.36390   7.27361   1.000 224.29460 ? 14  DG    A "C4'" 1 
ATOM   271 O  "O4'" . DG    A 1 14 ? -8.44637  0.59706   6.45518   1.000 224.89077 ? 14  DG    A "O4'" 1 
ATOM   272 C  "C3'" . DG    A 1 14 ? -10.66861 0.59579   7.09228   1.000 225.26679 ? 14  DG    A "C3'" 1 
ATOM   273 O  "O3'" . DG    A 1 14 ? -11.16373 0.78525   5.70926   1.000 230.77449 ? 14  DG    A "O3'" 1 
ATOM   274 C  "C2'" . DG    A 1 14 ? -10.13785 -0.81751  7.31142   1.000 221.71899 ? 14  DG    A "C2'" 1 
ATOM   275 C  "C1'" . DG    A 1 14 ? -8.81528  -0.77825  6.51684   1.000 220.34815 ? 14  DG    A "C1'" 1 
ATOM   276 N  N9    . DG    A 1 14 ? -7.70090  -1.50320  7.13980   1.000 214.54692 ? 14  DG    A N9    1 
ATOM   277 C  C8    . DG    A 1 14 ? -7.29961  -1.40291  8.44852   1.000 213.94790 ? 14  DG    A C8    1 
ATOM   278 N  N7    . DG    A 1 14 ? -6.25797  -2.12175  8.73389   1.000 212.21542 ? 14  DG    A N7    1 
ATOM   279 C  C5    . DG    A 1 14 ? -5.92844  -2.73993  7.53801   1.000 209.99892 ? 14  DG    A C5    1 
ATOM   280 C  C6    . DG    A 1 14 ? -4.87992  -3.64011  7.24733   1.000 207.01488 ? 14  DG    A C6    1 
ATOM   281 O  O6    . DG    A 1 14 ? -4.02180  -4.07479  8.01416   1.000 207.12120 ? 14  DG    A O6    1 
ATOM   282 N  N1    . DG    A 1 14 ? -4.88573  -4.03944  5.92337   1.000 208.32044 ? 14  DG    A N1    1 
ATOM   283 C  C2    . DG    A 1 14 ? -5.79453  -3.62326  4.98429   1.000 213.23843 ? 14  DG    A C2    1 
ATOM   284 N  N2    . DG    A 1 14 ? -5.63341  -4.13398  3.75156   1.000 218.30405 ? 14  DG    A N2    1 
ATOM   285 N  N3    . DG    A 1 14 ? -6.79619  -2.76988  5.23725   1.000 213.21814 ? 14  DG    A N3    1 
ATOM   286 C  C4    . DG    A 1 14 ? -6.79874  -2.37015  6.53717   1.000 212.05866 ? 14  DG    A C4    1 
ATOM   287 P  P     . DG    A 1 15 ? -12.69987 0.50960   5.26322   1.000 236.40179 ? 15  DG    A P     1 
ATOM   288 O  OP1   . DG    A 1 15 ? -13.03235 1.58104   4.29918   1.000 236.76497 ? 15  DG    A OP1   1 
ATOM   289 O  OP2   . DG    A 1 15 ? -13.56543 0.38815   6.45582   1.000 231.03936 ? 15  DG    A OP2   1 
ATOM   290 O  "O5'" . DG    A 1 15 ? -12.64629 -0.89469  4.44768   1.000 235.14752 ? 15  DG    A "O5'" 1 
ATOM   291 C  "C5'" . DG    A 1 15 ? -12.49038 -0.89572  2.99905   1.000 235.08143 ? 15  DG    A "C5'" 1 
ATOM   292 C  "C4'" . DG    A 1 15 ? -12.14203 -2.28549  2.42763   1.000 232.73890 ? 15  DG    A "C4'" 1 
ATOM   293 O  "O4'" . DG    A 1 15 ? -10.80669 -2.69887  2.82876   1.000 222.03142 ? 15  DG    A "O4'" 1 
ATOM   294 C  "C3'" . DG    A 1 15 ? -13.05743 -3.43112  2.82939   1.000 234.13516 ? 15  DG    A "C3'" 1 
ATOM   295 O  "O3'" . DG    A 1 15 ? -14.21616 -3.50683  1.92341   1.000 240.30009 ? 15  DG    A "O3'" 1 
ATOM   296 C  "C2'" . DG    A 1 15 ? -12.13586 -4.64606  2.72168   1.000 226.28798 ? 15  DG    A "C2'" 1 
ATOM   297 C  "C1'" . DG    A 1 15 ? -10.79468 -4.08192  3.14440   1.000 218.38059 ? 15  DG    A "C1'" 1 
ATOM   298 N  N9    . DG    A 1 15 ? -10.51135 -4.18186  4.56024   1.000 213.92155 ? 15  DG    A N9    1 
ATOM   299 C  C8    . DG    A 1 15 ? -11.01415 -3.38877  5.55616   1.000 218.04694 ? 15  DG    A C8    1 
ATOM   300 N  N7    . DG    A 1 15 ? -10.54642 -3.67295  6.73816   1.000 216.16857 ? 15  DG    A N7    1 
ATOM   301 C  C5    . DG    A 1 15 ? -9.65184  -4.70029  6.50931   1.000 216.10578 ? 15  DG    A C5    1 
ATOM   302 C  C6    . DG    A 1 15 ? -8.83296  -5.42318  7.42269   1.000 215.85375 ? 15  DG    A C6    1 
ATOM   303 O  O6    . DG    A 1 15 ? -8.72206  -5.28055  8.65209   1.000 216.43644 ? 15  DG    A O6    1 
ATOM   304 N  N1    . DG    A 1 15 ? -8.08064  -6.39758  6.77610   1.000 215.02629 ? 15  DG    A N1    1 
ATOM   305 C  C2    . DG    A 1 15 ? -8.12199  -6.64677  5.42297   1.000 217.78766 ? 15  DG    A C2    1 
ATOM   306 N  N2    . DG    A 1 15 ? -7.32935  -7.63517  4.98883   1.000 219.66332 ? 15  DG    A N2    1 
ATOM   307 N  N3    . DG    A 1 15 ? -8.88809  -5.97742  4.55299   1.000 217.62440 ? 15  DG    A N3    1 
ATOM   308 C  C4    . DG    A 1 15 ? -9.61914  -5.02370  5.16588   1.000 215.48979 ? 15  DG    A C4    1 
ATOM   309 P  P     . DA    A 1 16 ? -14.26482 -4.47120  0.61754   1.000 245.54328 ? 16  DA    A P     1 
ATOM   310 O  OP1   . DA    A 1 16 ? -12.96390 -4.42225  -0.09653  1.000 252.30876 ? 16  DA    A OP1   1 
ATOM   311 O  OP2   . DA    A 1 16 ? -15.49276 -4.01874  -0.09796  1.000 242.92248 ? 16  DA    A OP2   1 
ATOM   312 O  "O5'" . DA    A 1 16 ? -14.48953 -5.97952  1.18624   1.000 230.66898 ? 16  DA    A "O5'" 1 
ATOM   313 C  "C5'" . DA    A 1 16 ? -14.57882 -7.12182  0.28344   1.000 224.37423 ? 16  DA    A "C5'" 1 
ATOM   314 C  "C4'" . DA    A 1 16 ? -13.24151 -7.84147  0.17068   1.000 230.80134 ? 16  DA    A "C4'" 1 
ATOM   315 O  "O4'" . DA    A 1 16 ? -12.38372 -7.48123  1.29992   1.000 230.82800 ? 16  DA    A "O4'" 1 
ATOM   316 C  "C3'" . DA    A 1 16 ? -13.31492 -9.36716  0.19458   1.000 234.74993 ? 16  DA    A "C3'" 1 
ATOM   317 O  "O3'" . DA    A 1 16 ? -12.19237 -9.92006  -0.55182  1.000 243.22581 ? 16  DA    A "O3'" 1 
ATOM   318 C  "C2'" . DA    A 1 16 ? -13.16923 -9.63864  1.68791   1.000 237.44176 ? 16  DA    A "C2'" 1 
ATOM   319 C  "C1'" . DA    A 1 16 ? -12.05133 -8.65284  2.02403   1.000 234.67467 ? 16  DA    A "C1'" 1 
ATOM   320 N  N9    . DA    A 1 16 ? -11.93392 -8.32424  3.45578   1.000 228.30625 ? 16  DA    A N9    1 
ATOM   321 C  C8    . DA    A 1 16 ? -12.62255 -7.35152  4.11959   1.000 226.52964 ? 16  DA    A C8    1 
ATOM   322 N  N7    . DA    A 1 16 ? -12.33257 -7.26092  5.39310   1.000 225.56507 ? 16  DA    A N7    1 
ATOM   323 C  C5    . DA    A 1 16 ? -11.39512 -8.25599  5.59987   1.000 222.14086 ? 16  DA    A C5    1 
ATOM   324 C  C6    . DA    A 1 16 ? -10.70139 -8.67303  6.76250   1.000 220.57887 ? 16  DA    A C6    1 
ATOM   325 N  N6    . DA    A 1 16 ? -10.87320 -8.10149  7.96811   1.000 222.07184 ? 16  DA    A N6    1 
ATOM   326 N  N1    . DA    A 1 16 ? -9.83087  -9.69232  6.63763   1.000 218.94549 ? 16  DA    A N1    1 
ATOM   327 C  C2    . DA    A 1 16 ? -9.66691  -10.26377 5.42574   1.000 218.80530 ? 16  DA    A C2    1 
ATOM   328 N  N3    . DA    A 1 16 ? -10.26368 -9.95570  4.26021   1.000 221.12993 ? 16  DA    A N3    1 
ATOM   329 C  C4    . DA    A 1 16 ? -11.12664 -8.93095  4.41804   1.000 223.32544 ? 16  DA    A C4    1 
ATOM   330 P  P     . DC    A 1 17 ? -12.21965 -11.43796 -1.11353  1.000 242.42477 ? 17  DC    A P     1 
ATOM   331 O  OP1   . DC    A 1 17 ? -11.90904 -11.39936 -2.56130  1.000 241.14643 ? 17  DC    A OP1   1 
ATOM   332 O  OP2   . DC    A 1 17 ? -13.50219 -12.02634 -0.65025  1.000 242.84783 ? 17  DC    A OP2   1 
ATOM   333 O  "O5'" . DC    A 1 17 ? -10.97624 -12.18299 -0.39340  1.000 233.94751 ? 17  DC    A "O5'" 1 
ATOM   334 C  "C5'" . DC    A 1 17 ? -10.62950 -11.86653 0.96245   1.000 238.95246 ? 17  DC    A "C5'" 1 
ATOM   335 C  "C4'" . DC    A 1 17 ? -10.67160 -13.09327 1.87502   1.000 241.51968 ? 17  DC    A "C4'" 1 
ATOM   336 O  "O4'" . DC    A 1 17 ? -10.74483 -12.67440 3.27565   1.000 239.38871 ? 17  DC    A "O4'" 1 
ATOM   337 C  "C3'" . DC    A 1 17 ? -11.84432 -14.07674 1.66974   1.000 241.72342 ? 17  DC    A "C3'" 1 
ATOM   338 O  "O3'" . DC    A 1 17 ? -11.29741 -15.42608 1.71156   1.000 241.40289 ? 17  DC    A "O3'" 1 
ATOM   339 C  "C2'" . DC    A 1 17 ? -12.77259 -13.75065 2.85703   1.000 236.49177 ? 17  DC    A "C2'" 1 
ATOM   340 C  "C1'" . DC    A 1 17 ? -11.74941 -13.42280 3.93443   1.000 235.35561 ? 17  DC    A "C1'" 1 
ATOM   341 N  N1    . DC    A 1 17 ? -12.28018 -12.62398 5.11320   1.000 226.57258 ? 17  DC    A N1    1 
ATOM   342 C  C2    . DC    A 1 17 ? -11.70146 -12.81160 6.38961   1.000 226.62716 ? 17  DC    A C2    1 
ATOM   343 O  O2    . DC    A 1 17 ? -10.76828 -13.64391 6.52545   1.000 228.08658 ? 17  DC    A O2    1 
ATOM   344 N  N3    . DC    A 1 17 ? -12.18615 -12.08712 7.44690   1.000 225.24529 ? 17  DC    A N3    1 
ATOM   345 C  C4    . DC    A 1 17 ? -13.18737 -11.21320 7.26170   1.000 222.23499 ? 17  DC    A C4    1 
ATOM   346 N  N4    . DC    A 1 17 ? -13.62337 -10.52678 8.33187   1.000 220.30051 ? 17  DC    A N4    1 
ATOM   347 C  C5    . DC    A 1 17 ? -13.78136 -11.01060 5.97045   1.000 221.28323 ? 17  DC    A C5    1 
ATOM   348 C  C6    . DC    A 1 17 ? -13.30363 -11.72884 4.93665   1.000 223.57069 ? 17  DC    A C6    1 
ATOM   349 P  P     . DA    A 1 18 ? -12.17851 -16.77761 1.86556   1.000 230.91312 ? 18  DA    A P     1 
ATOM   350 O  OP1   . DA    A 1 18 ? -12.12822 -17.45331 0.54435   1.000 232.77300 ? 18  DA    A OP1   1 
ATOM   351 O  OP2   . DA    A 1 18 ? -13.48456 -16.57410 2.56263   1.000 231.20600 ? 18  DA    A OP2   1 
ATOM   352 O  "O5'" . DA    A 1 18 ? -11.23243 -17.63091 2.82605   1.000 232.13008 ? 18  DA    A "O5'" 1 
ATOM   353 C  "C5'" . DA    A 1 18 ? -10.15049 -16.96698 3.52367   1.000 237.93918 ? 18  DA    A "C5'" 1 
ATOM   354 C  "C4'" . DA    A 1 18 ? -9.84872  -17.66191 4.83338   1.000 243.40245 ? 18  DA    A "C4'" 1 
ATOM   355 O  "O4'" . DA    A 1 18 ? -10.23197 -16.82522 5.96821   1.000 242.17151 ? 18  DA    A "O4'" 1 
ATOM   356 C  "C3'" . DA    A 1 18 ? -10.61546 -18.94897 5.03477   1.000 246.43530 ? 18  DA    A "C3'" 1 
ATOM   357 O  "O3'" . DA    A 1 18 ? -9.90353  -19.73560 5.91740   1.000 254.37626 ? 18  DA    A "O3'" 1 
ATOM   358 C  "C2'" . DA    A 1 18 ? -11.89902 -18.44288 5.67414   1.000 242.71829 ? 18  DA    A "C2'" 1 
ATOM   359 C  "C1'" . DA    A 1 18 ? -11.33721 -17.42433 6.64510   1.000 242.57148 ? 18  DA    A "C1'" 1 
ATOM   360 N  N9    . DA    A 1 18 ? -12.29871 -16.38456 6.95318   1.000 241.66003 ? 18  DA    A N9    1 
ATOM   361 C  C8    . DA    A 1 18 ? -13.14745 -15.77113 6.06608   1.000 241.70506 ? 18  DA    A C8    1 
ATOM   362 N  N7    . DA    A 1 18 ? -13.91740 -14.85277 6.60749   1.000 242.10424 ? 18  DA    A N7    1 
ATOM   363 C  C5    . DA    A 1 18 ? -13.55680 -14.86602 7.95365   1.000 238.61714 ? 18  DA    A C5    1 
ATOM   364 C  C6    . DA    A 1 18 ? -14.00710 -14.11661 9.06831   1.000 232.73155 ? 18  DA    A C6    1 
ATOM   365 N  N6    . DA    A 1 18 ? -14.96755 -13.16798 8.98732   1.000 227.77268 ? 18  DA    A N6    1 
ATOM   366 N  N1    . DA    A 1 18 ? -13.43321 -14.38476 10.26751  1.000 231.50647 ? 18  DA    A N1    1 
ATOM   367 C  C2    . DA    A 1 18 ? -12.47641 -15.34431 10.34123  1.000 231.65947 ? 18  DA    A C2    1 
ATOM   368 N  N3    . DA    A 1 18 ? -11.96203 -16.10370 9.36405   1.000 231.66100 ? 18  DA    A N3    1 
ATOM   369 C  C4    . DA    A 1 18 ? -12.55180 -15.81555 8.18628   1.000 237.24679 ? 18  DA    A C4    1 
ATOM   370 P  P     . DT    A 1 19 ? -10.48798 -21.14016 6.41884   1.000 256.41993 ? 19  DT    A P     1 
ATOM   371 O  OP1   . DT    A 1 19 ? -9.77973  -22.13785 5.57481   1.000 245.90573 ? 19  DT    A OP1   1 
ATOM   372 O  OP2   . DT    A 1 19 ? -11.97919 -21.15764 6.44740   1.000 245.36452 ? 19  DT    A OP2   1 
ATOM   373 O  "O5'" . DT    A 1 19 ? -9.95098  -21.20837 7.93819   1.000 260.07338 ? 19  DT    A "O5'" 1 
ATOM   374 C  "C5'" . DT    A 1 19 ? -9.80537  -19.99678 8.72949   1.000 249.35757 ? 19  DT    A "C5'" 1 
ATOM   375 C  "C4'" . DT    A 1 19 ? -10.59753 -20.09553 10.02811  1.000 244.45578 ? 19  DT    A "C4'" 1 
ATOM   376 O  "O4'" . DT    A 1 19 ? -11.56676 -19.02754 10.06229  1.000 235.58510 ? 19  DT    A "O4'" 1 
ATOM   377 C  "C3'" . DT    A 1 19 ? -11.39576 -21.40775 10.20254  1.000 249.72920 ? 19  DT    A "C3'" 1 
ATOM   378 O  "O3'" . DT    A 1 19 ? -10.87265 -22.27976 11.32405  1.000 250.36141 ? 19  DT    A "O3'" 1 
ATOM   379 C  "C2'" . DT    A 1 19 ? -12.86774 -20.98179 10.34953  1.000 241.42473 ? 19  DT    A "C2'" 1 
ATOM   380 C  "C1'" . DT    A 1 19 ? -12.75599 -19.49286 10.66074  1.000 236.79686 ? 19  DT    A "C1'" 1 
ATOM   381 N  N1    . DT    A 1 19 ? -13.86149 -18.69042 10.12972  1.000 232.26460 ? 19  DT    A N1    1 
ATOM   382 C  C2    . DT    A 1 19 ? -14.40968 -17.71907 10.93009  1.000 234.12389 ? 19  DT    A C2    1 
ATOM   383 O  O2    . DT    A 1 19 ? -14.04016 -17.51849 12.07654  1.000 236.74777 ? 19  DT    A O2    1 
ATOM   384 N  N3    . DT    A 1 19 ? -15.43024 -17.00234 10.35837  1.000 233.06216 ? 19  DT    A N3    1 
ATOM   385 C  C4    . DT    A 1 19 ? -15.93025 -17.15374 9.07519   1.000 230.57858 ? 19  DT    A C4    1 
ATOM   386 O  O4    . DT    A 1 19 ? -16.85487 -16.45476 8.65075   1.000 230.50185 ? 19  DT    A O4    1 
ATOM   387 C  C5    . DT    A 1 19 ? -15.28606 -18.19453 8.27847   1.000 229.59616 ? 19  DT    A C5    1 
ATOM   388 C  C7    . DT    A 1 19 ? -15.72335 -18.45820 6.86967   1.000 231.63980 ? 19  DT    A C7    1 
ATOM   389 C  C6    . DT    A 1 19 ? -14.29494 -18.89932 8.84126   1.000 229.51121 ? 19  DT    A C6    1 
ATOM   390 P  P     . DC    A 1 20 ? -10.91670 -21.89502 12.90226  1.000 238.88368 ? 20  DC    A P     1 
ATOM   391 O  OP1   . DC    A 1 20 ? -10.38673 -20.52734 13.10002  1.000 234.32313 ? 20  DC    A OP1   1 
ATOM   392 O  OP2   . DC    A 1 20 ? -10.27139 -23.01742 13.63307  1.000 235.58486 ? 20  DC    A OP2   1 
ATOM   393 O  "O5'" . DC    A 1 20 ? -12.47455 -21.91285 13.28787  1.000 237.95977 ? 20  DC    A "O5'" 1 
ATOM   394 C  "C5'" . DC    A 1 20 ? -12.88970 -22.18391 14.63139  1.000 234.03531 ? 20  DC    A "C5'" 1 
ATOM   395 C  "C4'" . DC    A 1 20 ? -12.87149 -20.93174 15.50203  1.000 226.32720 ? 20  DC    A "C4'" 1 
ATOM   396 O  "O4'" . DC    A 1 20 ? -13.38249 -19.78429 14.77710  1.000 223.91562 ? 20  DC    A "O4'" 1 
ATOM   397 C  "C3'" . DC    A 1 20 ? -13.76986 -20.99602 16.70449  1.000 227.15787 ? 20  DC    A "C3'" 1 
ATOM   398 O  "O3'" . DC    A 1 20 ? -13.40779 -19.97008 17.56068  1.000 224.92799 ? 20  DC    A "O3'" 1 
ATOM   399 C  "C2'" . DC    A 1 20 ? -15.11331 -20.68863 16.07835  1.000 228.83968 ? 20  DC    A "C2'" 1 
ATOM   400 C  "C1'" . DC    A 1 20 ? -14.71588 -19.51274 15.20322  1.000 226.32789 ? 20  DC    A "C1'" 1 
ATOM   401 N  N1    . DC    A 1 20 ? -15.53941 -19.36768 13.99482  1.000 232.62523 ? 20  DC    A N1    1 
ATOM   402 C  C2    . DC    A 1 20 ? -16.47904 -18.32616 13.89101  1.000 232.16497 ? 20  DC    A C2    1 
ATOM   403 O  O2    . DC    A 1 20 ? -16.63192 -17.53811 14.83891  1.000 229.17891 ? 20  DC    A O2    1 
ATOM   404 N  N3    . DC    A 1 20 ? -17.20645 -18.22227 12.73592  1.000 233.37040 ? 20  DC    A N3    1 
ATOM   405 C  C4    . DC    A 1 20 ? -17.02460 -19.09669 11.73679  1.000 232.82764 ? 20  DC    A C4    1 
ATOM   406 N  N4    . DC    A 1 20 ? -17.75230 -18.95338 10.62128  1.000 226.81507 ? 20  DC    A N4    1 
ATOM   407 C  C5    . DC    A 1 20 ? -16.06849 -20.15248 11.83082  1.000 236.58291 ? 20  DC    A C5    1 
ATOM   408 C  C6    . DC    A 1 20 ? -15.35518 -20.24462 12.96013  1.000 237.77879 ? 20  DC    A C6    1 
ATOM   409 P  P     . DA    A 1 21 ? -13.13319 -20.28374 19.10501  1.000 233.36286 ? 21  DA    A P     1 
ATOM   410 O  OP1   . DA    A 1 21 ? -11.98464 -19.46618 19.55228  1.000 247.48091 ? 21  DA    A OP1   1 
ATOM   411 O  OP2   . DA    A 1 21 ? -13.03254 -21.75796 19.21194  1.000 239.58812 ? 21  DA    A OP2   1 
ATOM   412 O  "O5'" . DA    A 1 21 ? -14.46692 -19.77296 19.83499  1.000 232.63446 ? 21  DA    A "O5'" 1 
ATOM   413 C  "C5'" . DA    A 1 21 ? -15.68949 -20.43626 19.59340  1.000 233.64189 ? 21  DA    A "C5'" 1 
ATOM   414 C  "C4'" . DA    A 1 21 ? -16.84574 -19.47556 19.68561  1.000 234.02356 ? 21  DA    A "C4'" 1 
ATOM   415 O  "O4'" . DA    A 1 21 ? -17.30320 -19.14916 18.34570  1.000 233.19495 ? 21  DA    A "O4'" 1 
ATOM   416 C  "C3'" . DA    A 1 21 ? -18.06919 -20.03983 20.39886  1.000 238.35541 ? 21  DA    A "C3'" 1 
ATOM   417 O  "O3'" . DA    A 1 21 ? -18.78924 -18.97845 21.00962  1.000 241.78398 ? 21  DA    A "O3'" 1 
ATOM   418 C  "C2'" . DA    A 1 21 ? -18.84617 -20.63108 19.23893  1.000 237.74152 ? 21  DA    A "C2'" 1 
ATOM   419 C  "C1'" . DA    A 1 21 ? -18.66427 -19.50697 18.24837  1.000 237.73134 ? 21  DA    A "C1'" 1 
ATOM   420 N  N9    . DA    A 1 21 ? -18.97521 -19.85930 16.87819  1.000 237.49497 ? 21  DA    A N9    1 
ATOM   421 C  C8    . DA    A 1 21 ? -18.45419 -20.88666 16.13961  1.000 236.64640 ? 21  DA    A C8    1 
ATOM   422 N  N7    . DA    A 1 21 ? -18.93510 -20.94706 14.92055  1.000 237.84251 ? 21  DA    A N7    1 
ATOM   423 C  C5    . DA    A 1 21 ? -19.83625 -19.88404 14.86451  1.000 238.70498 ? 21  DA    A C5    1 
ATOM   424 C  C6    . DA    A 1 21 ? -20.68260 -19.39812 13.84083  1.000 240.62365 ? 21  DA    A C6    1 
ATOM   425 N  N6    . DA    A 1 21 ? -20.74990 -19.94697 12.63322  1.000 244.40803 ? 21  DA    A N6    1 
ATOM   426 N  N1    . DA    A 1 21 ? -21.45885 -18.32289 14.11201  1.000 241.86907 ? 21  DA    A N1    1 
ATOM   427 C  C2    . DA    A 1 21 ? -21.38878 -17.77395 15.33272  1.000 242.39300 ? 21  DA    A C2    1 
ATOM   428 N  N3    . DA    A 1 21 ? -20.63011 -18.13998 16.37135  1.000 240.66803 ? 21  DA    A N3    1 
ATOM   429 C  C4    . DA    A 1 21 ? -19.87249 -19.21323 16.06389  1.000 238.75043 ? 21  DA    A C4    1 
ATOM   430 P  P     . DC    B 2 1  ? 0.52734   -9.37968  9.13008   1.000 202.38747 ? 1   DC    B P     1 
ATOM   431 O  OP1   . DC    B 2 1  ? 1.88463   -9.06255  9.67683   1.000 199.88754 ? 1   DC    B OP1   1 
ATOM   432 O  OP2   . DC    B 2 1  ? -0.24013  -8.39764  8.31805   1.000 196.06850 ? 1   DC    B OP2   1 
ATOM   433 O  "O5'" . DC    B 2 1  ? 0.52555   -10.77715 8.32362   1.000 205.22706 ? 1   DC    B "O5'" 1 
ATOM   434 C  "C5'" . DC    B 2 1  ? -0.40443  -11.82860 8.67434   1.000 200.27012 ? 1   DC    B "C5'" 1 
ATOM   435 C  "C4'" . DC    B 2 1  ? -1.67064  -11.78736 7.82189   1.000 199.25395 ? 1   DC    B "C4'" 1 
ATOM   436 O  "O4'" . DC    B 2 1  ? -2.70673  -11.04948 8.52044   1.000 197.50106 ? 1   DC    B "O4'" 1 
ATOM   437 C  "C3'" . DC    B 2 1  ? -1.53736  -11.13644 6.42556   1.000 201.82444 ? 1   DC    B "C3'" 1 
ATOM   438 O  "O3'" . DC    B 2 1  ? -2.10684  -12.01978 5.40814   1.000 202.37363 ? 1   DC    B "O3'" 1 
ATOM   439 C  "C2'" . DC    B 2 1  ? -2.35691  -9.84136  6.57501   1.000 196.38405 ? 1   DC    B "C2'" 1 
ATOM   440 C  "C1'" . DC    B 2 1  ? -3.40560  -10.29126 7.57670   1.000 196.92978 ? 1   DC    B "C1'" 1 
ATOM   441 N  N1    . DC    B 2 1  ? -4.14772  -9.21588  8.27765   1.000 194.92118 ? 1   DC    B N1    1 
ATOM   442 C  C2    . DC    B 2 1  ? -4.99597  -8.38111  7.56017   1.000 195.26082 ? 1   DC    B C2    1 
ATOM   443 O  O2    . DC    B 2 1  ? -5.07254  -8.51368  6.35228   1.000 196.68535 ? 1   DC    B O2    1 
ATOM   444 N  N3    . DC    B 2 1  ? -5.70495  -7.44128  8.21233   1.000 196.02270 ? 1   DC    B N3    1 
ATOM   445 C  C4    . DC    B 2 1  ? -5.59353  -7.33128  9.52825   1.000 199.52242 ? 1   DC    B C4    1 
ATOM   446 N  N4    . DC    B 2 1  ? -6.30526  -6.38612  10.13778  1.000 200.95932 ? 1   DC    B N4    1 
ATOM   447 C  C5    . DC    B 2 1  ? -4.74547  -8.18900  10.28102  1.000 199.19407 ? 1   DC    B C5    1 
ATOM   448 C  C6    . DC    B 2 1  ? -4.05664  -9.11597  9.62382   1.000 197.43603 ? 1   DC    B C6    1 
ATOM   449 P  P     . DC    B 2 2  ? -1.23179  -12.61763 4.18090   1.000 199.84317 ? 2   DC    B P     1 
ATOM   450 O  OP1   . DC    B 2 2  ? -2.19319  -12.96400 3.10535   1.000 201.82104 ? 2   DC    B OP1   1 
ATOM   451 O  OP2   . DC    B 2 2  ? -0.35151  -13.69006 4.72271   1.000 201.25633 ? 2   DC    B OP2   1 
ATOM   452 O  "O5'" . DC    B 2 2  ? -0.33129  -11.37680 3.68233   1.000 204.79320 ? 2   DC    B "O5'" 1 
ATOM   453 C  "C5'" . DC    B 2 2  ? 0.00090   -11.21541 2.29386   1.000 201.76726 ? 2   DC    B "C5'" 1 
ATOM   454 C  "C4'" . DC    B 2 2  ? -1.06414  -10.40655 1.56655   1.000 204.19370 ? 2   DC    B "C4'" 1 
ATOM   455 O  "O4'" . DC    B 2 2  ? -1.88450  -9.65944  2.51461   1.000 207.39218 ? 2   DC    B "O4'" 1 
ATOM   456 C  "C3'" . DC    B 2 2  ? -0.53111  -9.35566  0.62147   1.000 203.19617 ? 2   DC    B "C3'" 1 
ATOM   457 O  "O3'" . DC    B 2 2  ? -1.48636  -9.11920  -0.34076  1.000 202.47637 ? 2   DC    B "O3'" 1 
ATOM   458 C  "C2'" . DC    B 2 2  ? -0.41619  -8.15364  1.53382   1.000 207.33897 ? 2   DC    B "C2'" 1 
ATOM   459 C  "C1'" . DC    B 2 2  ? -1.72979  -8.26019  2.27852   1.000 207.32200 ? 2   DC    B "C1'" 1 
ATOM   460 N  N1    . DC    B 2 2  ? -1.73210  -7.54330  3.61433   1.000 208.43177 ? 2   DC    B N1    1 
ATOM   461 C  C2    . DC    B 2 2  ? -2.82810  -6.74469  4.00933   1.000 208.58065 ? 2   DC    B C2    1 
ATOM   462 O  O2    . DC    B 2 2  ? -3.79050  -6.59764  3.25578   1.000 211.85448 ? 2   DC    B O2    1 
ATOM   463 N  N3    . DC    B 2 2  ? -2.78822  -6.12708  5.22401   1.000 205.26247 ? 2   DC    B N3    1 
ATOM   464 C  C4    . DC    B 2 2  ? -1.73303  -6.28488  6.01297   1.000 203.91612 ? 2   DC    B C4    1 
ATOM   465 N  N4    . DC    B 2 2  ? -1.73145  -5.66558  7.18973   1.000 203.72769 ? 2   DC    B N4    1 
ATOM   466 C  C5    . DC    B 2 2  ? -0.61888  -7.07882  5.63122   1.000 204.87341 ? 2   DC    B C5    1 
ATOM   467 C  C6    . DC    B 2 2  ? -0.66117  -7.68641  4.44307   1.000 208.69077 ? 2   DC    B C6    1 
ATOM   468 P  P     . DA    B 2 3  ? -1.37094  -9.86334  -1.74710  1.000 200.76369 ? 3   DA    B P     1 
ATOM   469 O  OP1   . DA    B 2 3  ? -2.11571  -11.14380 -1.63834  1.000 201.86248 ? 3   DA    B OP1   1 
ATOM   470 O  OP2   . DA    B 2 3  ? 0.08463   -9.92160  -2.01854  1.000 203.87454 ? 3   DA    B OP2   1 
ATOM   471 O  "O5'" . DA    B 2 3  ? -2.08285  -8.83626  -2.76873  1.000 206.73667 ? 3   DA    B "O5'" 1 
ATOM   472 C  "C5'" . DA    B 2 3  ? -3.50850  -8.71787  -2.78797  1.000 213.89692 ? 3   DA    B "C5'" 1 
ATOM   473 C  "C4'" . DA    B 2 3  ? -3.96693  -7.26462  -2.74700  1.000 216.99960 ? 3   DA    B "C4'" 1 
ATOM   474 O  "O4'" . DA    B 2 3  ? -3.57270  -6.65149  -1.48652  1.000 205.50830 ? 3   DA    B "O4'" 1 
ATOM   475 C  "C3'" . DA    B 2 3  ? -3.39442  -6.36615  -3.84933  1.000 223.05301 ? 3   DA    B "C3'" 1 
ATOM   476 O  "O3'" . DA    B 2 3  ? -4.35257  -5.35464  -4.22315  1.000 238.10238 ? 3   DA    B "O3'" 1 
ATOM   477 C  "C2'" . DA    B 2 3  ? -2.22247  -5.74439  -3.14123  1.000 215.06993 ? 3   DA    B "C2'" 1 
ATOM   478 C  "C1'" . DA    B 2 3  ? -2.82302  -5.50851  -1.77135  1.000 210.00591 ? 3   DA    B "C1'" 1 
ATOM   479 N  N9    . DA    B 2 3  ? -1.81774  -5.37652  -0.78004  1.000 204.06705 ? 3   DA    B N9    1 
ATOM   480 C  C8    . DA    B 2 3  ? -0.51370  -5.72244  -0.90687  1.000 207.74638 ? 3   DA    B C8    1 
ATOM   481 N  N7    . DA    B 2 3  ? 0.20012   -5.45841  0.14344   1.000 208.01984 ? 3   DA    B N7    1 
ATOM   482 C  C5    . DA    B 2 3  ? -0.70401  -4.90789  1.02061   1.000 205.79056 ? 3   DA    B C5    1 
ATOM   483 C  C6    . DA    B 2 3  ? -0.56435  -4.42358  2.32258   1.000 208.98320 ? 3   DA    B C6    1 
ATOM   484 N  N6    . DA    B 2 3  ? 0.59755   -4.43185  2.99222   1.000 215.49261 ? 3   DA    B N6    1 
ATOM   485 N  N1    . DA    B 2 3  ? -1.65647  -3.93920  2.91712   1.000 208.54637 ? 3   DA    B N1    1 
ATOM   486 C  C2    . DA    B 2 3  ? -2.81470  -3.93188  2.23798   1.000 207.14633 ? 3   DA    B C2    1 
ATOM   487 N  N3    . DA    B 2 3  ? -3.06285  -4.36919  1.00295   1.000 201.47784 ? 3   DA    B N3    1 
ATOM   488 C  C4    . DA    B 2 3  ? -1.95383  -4.84585  0.45120   1.000 202.65521 ? 3   DA    B C4    1 
HETATM 489 C  "C1'" . A1AAZ B 2 4  ? -3.01188  -0.84029  -2.15572  1.000 229.56195 ? 8   A1AAZ B "C1'" 1 
HETATM 490 C  C2    . A1AAZ B 2 4  ? -1.57500  -1.19204  -0.26966  1.000 221.57023 ? 8   A1AAZ B C2    1 
HETATM 491 C  "C2'" . A1AAZ B 2 4  ? -3.02757  -0.96637  -3.73283  1.000 229.08059 ? 8   A1AAZ B "C2'" 1 
HETATM 492 C  "C3'" . A1AAZ B 2 4  ? -4.43043  -0.49780  -3.92133  1.000 231.16685 ? 8   A1AAZ B "C3'" 1 
HETATM 493 C  C4    . A1AAZ B 2 4  ? 0.39439   -2.40039  -0.36858  1.000 212.13650 ? 8   A1AAZ B C4    1 
HETATM 494 C  "C4'" . A1AAZ B 2 4  ? -5.08190  -1.32807  -3.09214  1.000 234.28429 ? 8   A1AAZ B "C4'" 1 
HETATM 495 C  C5    . A1AAZ B 2 4  ? 0.18788   -2.63767  -1.72869  1.000 213.23907 ? 8   A1AAZ B C5    1 
HETATM 496 C  "C5'" . A1AAZ B 2 4  ? -5.36305  -2.69821  -3.70213  1.000 242.61250 ? 8   A1AAZ B "C5'" 1 
HETATM 497 C  C6    . A1AAZ B 2 4  ? -0.94590  -2.11356  -2.31441  1.000 220.04542 ? 8   A1AAZ B C6    1 
HETATM 498 C  C7    . A1AAZ B 2 4  ? 1.23538   -3.46999  -2.50439  1.000 212.56507 ? 8   A1AAZ B C7    1 
HETATM 499 N  N1    . A1AAZ B 2 4  ? -1.78466  -1.41025  -1.56202  1.000 224.54510 ? 8   A1AAZ B N1    1 
HETATM 500 N  N3    . A1AAZ B 2 4  ? -0.48189  -1.70758  0.30702   1.000 215.50497 ? 8   A1AAZ B N3    1 
HETATM 501 O  "O3'" . A1AAZ B 2 4  ? -4.52104  0.89091   -3.29297  1.000 227.99110 ? 8   A1AAZ B "O3'" 1 
HETATM 502 O  O4    . A1AAZ B 2 4  ? 1.52467   -2.93097  0.21516   1.000 207.07013 ? 8   A1AAZ B O4    1 
HETATM 503 O  "O4'" . A1AAZ B 2 4  ? -4.08218  -1.47677  -1.82247  1.000 231.25900 ? 8   A1AAZ B "O4'" 1 
HETATM 504 O  "O5'" . A1AAZ B 2 4  ? -4.89861  -2.87941  -5.02072  1.000 246.99162 ? 8   A1AAZ B "O5'" 1 
HETATM 505 O  OP1   . A1AAZ B 2 4  ? -4.59550  -4.90560  -6.70574  1.000 251.80648 ? 8   A1AAZ B OP1   1 
HETATM 506 O  OP2   . A1AAZ B 2 4  ? -2.53865  -4.01177  -5.57355  1.000 229.13952 ? 8   A1AAZ B OP2   1 
HETATM 507 P  P     . A1AAZ B 2 4  ? -4.05332  -4.31678  -5.43202  1.000 246.37496 ? 8   A1AAZ B P     1 
HETATM 508 S  S1    . A1AAZ B 2 4  ? -2.78862  -0.19943  0.65017   1.000 224.82150 ? 8   A1AAZ B S1    1 
ATOM   509 P  P     . DA    B 2 5  ? -3.68666  2.12905   -3.90127  1.000 217.73501 ? 9   DA    B P     1 
ATOM   510 O  OP1   . DA    B 2 5  ? -4.63332  2.83523   -4.79863  1.000 219.91957 ? 9   DA    B OP1   1 
ATOM   511 O  OP2   . DA    B 2 5  ? -2.38289  1.61864   -4.40395  1.000 218.36842 ? 9   DA    B OP2   1 
ATOM   512 O  "O5'" . DA    B 2 5  ? -3.30062  3.04188   -2.63588  1.000 215.56264 ? 9   DA    B "O5'" 1 
ATOM   513 C  "C5'" . DA    B 2 5  ? -4.19011  4.02704   -2.12899  1.000 212.03896 ? 9   DA    B "C5'" 1 
ATOM   514 C  "C4'" . DA    B 2 5  ? -3.58831  4.63454   -0.88513  1.000 213.23355 ? 9   DA    B "C4'" 1 
ATOM   515 O  "O4'" . DA    B 2 5  ? -2.59824  3.69406   -0.35707  1.000 221.23325 ? 9   DA    B "O4'" 1 
ATOM   516 C  "C3'" . DA    B 2 5  ? -2.81242  5.93327   -1.13078  1.000 203.82772 ? 9   DA    B "C3'" 1 
ATOM   517 O  "O3'" . DA    B 2 5  ? -2.74751  6.71815   0.07691   1.000 201.72348 ? 9   DA    B "O3'" 1 
ATOM   518 C  "C2'" . DA    B 2 5  ? -1.44967  5.38296   -1.47469  1.000 203.33639 ? 9   DA    B "C2'" 1 
ATOM   519 C  "C1'" . DA    B 2 5  ? -1.33886  4.32992   -0.38576  1.000 214.61481 ? 9   DA    B "C1'" 1 
ATOM   520 N  N9    . DA    B 2 5  ? -0.23571  3.37875   -0.59079  1.000 219.53975 ? 9   DA    B N9    1 
ATOM   521 C  C8    . DA    B 2 5  ? 0.01100   2.58200   -1.68446  1.000 215.47463 ? 9   DA    B C8    1 
ATOM   522 N  N7    . DA    B 2 5  ? 1.12566   1.87378   -1.58478  1.000 215.84149 ? 9   DA    B N7    1 
ATOM   523 C  C5    . DA    B 2 5  ? 1.65431   2.25142   -0.34165  1.000 223.13951 ? 9   DA    B C5    1 
ATOM   524 C  C6    . DA    B 2 5  ? 2.83349   1.87563   0.38283   1.000 223.06192 ? 9   DA    B C6    1 
ATOM   525 N  N6    . DA    B 2 5  ? 3.73120   0.98926   -0.06533  1.000 226.36899 ? 9   DA    B N6    1 
ATOM   526 N  N1    . DA    B 2 5  ? 3.04603   2.45218   1.59610   1.000 220.99378 ? 9   DA    B N1    1 
ATOM   527 C  C2    . DA    B 2 5  ? 2.14819   3.33211   2.05255   1.000 223.54999 ? 9   DA    B C2    1 
ATOM   528 N  N3    . DA    B 2 5  ? 1.02582   3.76964   1.47039   1.000 227.15626 ? 9   DA    B N3    1 
ATOM   529 C  C4    . DA    B 2 5  ? 0.82535   3.17472   0.27477   1.000 223.86326 ? 9   DA    B C4    1 
ATOM   530 P  P     . DC    B 2 6  ? -2.90728  8.32471   0.04340   1.000 205.43827 ? 10  DC    B P     1 
ATOM   531 O  OP1   . DC    B 2 6  ? -4.13024  8.59237   0.82388   1.000 203.80558 ? 10  DC    B OP1   1 
ATOM   532 O  OP2   . DC    B 2 6  ? -2.74368  8.83684   -1.34557  1.000 209.17881 ? 10  DC    B OP2   1 
ATOM   533 O  "O5'" . DC    B 2 6  ? -1.72732  8.86592   0.96276   1.000 189.35453 ? 10  DC    B "O5'" 1 
ATOM   534 C  "C5'" . DC    B 2 6  ? -1.67341  8.44888   2.27523   1.000 178.59854 ? 10  DC    B "C5'" 1 
ATOM   535 C  "C4'" . DC    B 2 6  ? -0.25652  8.10928   2.68195   1.000 182.38697 ? 10  DC    B "C4'" 1 
ATOM   536 O  "O4'" . DC    B 2 6  ? 0.31019   7.06887   1.85475   1.000 189.94167 ? 10  DC    B "O4'" 1 
ATOM   537 C  "C3'" . DC    B 2 6  ? 0.74669   9.26012   2.61986   1.000 182.98852 ? 10  DC    B "C3'" 1 
ATOM   538 O  "O3'" . DC    B 2 6  ? 1.32161   9.39032   3.88398   1.000 182.74656 ? 10  DC    B "O3'" 1 
ATOM   539 C  "C2'" . DC    B 2 6  ? 1.79299   8.78528   1.59529   1.000 193.36564 ? 10  DC    B "C2'" 1 
ATOM   540 C  "C1'" . DC    B 2 6  ? 1.70151   7.30528   1.81583   1.000 195.22211 ? 10  DC    B "C1'" 1 
ATOM   541 N  N1    . DC    B 2 6  ? 2.32273   6.44041   0.77345   1.000 204.87060 ? 10  DC    B N1    1 
ATOM   542 C  C2    . DC    B 2 6  ? 3.57677   5.84460   0.99596   1.000 212.21069 ? 10  DC    B C2    1 
ATOM   543 O  O2    . DC    B 2 6  ? 4.17521   6.06106   2.03902   1.000 213.52229 ? 10  DC    B O2    1 
ATOM   544 N  N3    . DC    B 2 6  ? 4.09754   5.00824   0.05419   1.000 216.48239 ? 10  DC    B N3    1 
ATOM   545 C  C4    . DC    B 2 6  ? 3.42894   4.77405   -1.06213  1.000 216.28599 ? 10  DC    B C4    1 
ATOM   546 N  N4    . DC    B 2 6  ? 3.98653   3.95081   -1.97263  1.000 219.37452 ? 10  DC    B N4    1 
ATOM   547 C  C5    . DC    B 2 6  ? 2.15570   5.37950   -1.30961  1.000 211.26483 ? 10  DC    B C5    1 
ATOM   548 C  C6    . DC    B 2 6  ? 1.64519   6.18696   -0.36966  1.000 206.75487 ? 10  DC    B C6    1 
ATOM   549 P  P     . DA    B 2 7  ? 1.51323   10.84473  4.52854   1.000 183.84433 ? 11  DA    B P     1 
ATOM   550 O  OP1   . DA    B 2 7  ? 1.36495   10.73716  6.01444   1.000 187.96253 ? 11  DA    B OP1   1 
ATOM   551 O  OP2   . DA    B 2 7  ? 0.63610   11.74381  3.71526   1.000 182.19051 ? 11  DA    B OP2   1 
ATOM   552 O  "O5'" . DA    B 2 7  ? 3.05107   11.16909  4.20945   1.000 195.60308 ? 11  DA    B "O5'" 1 
ATOM   553 C  "C5'" . DA    B 2 7  ? 4.00171   10.09530  3.98597   1.000 197.38297 ? 11  DA    B "C5'" 1 
ATOM   554 C  "C4'" . DA    B 2 7  ? 5.09485   10.56726  3.04840   1.000 203.19650 ? 11  DA    B "C4'" 1 
ATOM   555 O  "O4'" . DA    B 2 7  ? 5.80161   9.45495   2.46717   1.000 203.75622 ? 11  DA    B "O4'" 1 
ATOM   556 C  "C3'" . DA    B 2 7  ? 4.59789   11.33745  1.84485   1.000 206.11629 ? 11  DA    B "C3'" 1 
ATOM   557 O  "O3'" . DA    B 2 7  ? 4.28144   12.64690  2.21625   1.000 204.36947 ? 11  DA    B "O3'" 1 
ATOM   558 C  "C2'" . DA    B 2 7  ? 5.81940   11.29694  0.95341   1.000 212.65119 ? 11  DA    B "C2'" 1 
ATOM   559 C  "C1'" . DA    B 2 7  ? 6.36341   9.88891   1.24500   1.000 213.35379 ? 11  DA    B "C1'" 1 
ATOM   560 N  N9    . DA    B 2 7  ? 6.03319   8.93954   0.20518   1.000 216.37074 ? 11  DA    B N9    1 
ATOM   561 C  C8    . DA    B 2 7  ? 4.86584   8.85260   -0.50851  1.000 215.95319 ? 11  DA    B C8    1 
ATOM   562 N  N7    . DA    B 2 7  ? 4.86499   7.89608   -1.40523  1.000 219.72310 ? 11  DA    B N7    1 
ATOM   563 C  C5    . DA    B 2 7  ? 6.12527   7.31561   -1.27121  1.000 225.94512 ? 11  DA    B C5    1 
ATOM   564 C  C6    . DA    B 2 7  ? 6.76043   6.23652   -1.93478  1.000 231.64138 ? 11  DA    B C6    1 
ATOM   565 N  N6    . DA    B 2 7  ? 6.18233   5.52039   -2.91037  1.000 228.13483 ? 11  DA    B N6    1 
ATOM   566 N  N1    . DA    B 2 7  ? 8.02549   5.92475   -1.55277  1.000 236.94340 ? 11  DA    B N1    1 
ATOM   567 C  C2    . DA    B 2 7  ? 8.61195   6.64370   -0.57089  1.000 235.27396 ? 11  DA    B C2    1 
ATOM   568 N  N3    . DA    B 2 7  ? 8.11552   7.67151   0.12435   1.000 228.23506 ? 11  DA    B N3    1 
ATOM   569 C  C4    . DA    B 2 7  ? 6.85572   7.95746   -0.28045  1.000 223.81964 ? 11  DA    B C4    1 
ATOM   570 P  P     . DG    C 3 1  ? 6.95654   15.27115  -0.42976  1.000 183.03282 ? 8   DG    C P     1 
ATOM   571 O  OP1   . DG    C 3 1  ? 5.95950   14.40876  -1.14189  1.000 190.81268 ? 8   DG    C OP1   1 
ATOM   572 O  OP2   . DG    C 3 1  ? 6.57122   16.38299  0.47320   1.000 185.12535 ? 8   DG    C OP2   1 
ATOM   573 O  "O5'" . DG    C 3 1  ? 8.00792   14.42658  0.42518   1.000 188.81252 ? 8   DG    C "O5'" 1 
ATOM   574 C  "C5'" . DG    C 3 1  ? 9.22915   14.07939  -0.14784  1.000 200.20645 ? 8   DG    C "C5'" 1 
ATOM   575 C  "C4'" . DG    C 3 1  ? 9.32207   12.58272  -0.29637  1.000 215.74210 ? 8   DG    C "C4'" 1 
ATOM   576 O  "O4'" . DG    C 3 1  ? 8.18833   12.04955  -1.02978  1.000 220.84933 ? 8   DG    C "O4'" 1 
ATOM   577 C  "C3'" . DG    C 3 1  ? 10.48022  12.08495  -1.11467  1.000 226.24517 ? 8   DG    C "C3'" 1 
ATOM   578 O  "O3'" . DG    C 3 1  ? 11.69384  12.22569  -0.40220  1.000 229.62100 ? 8   DG    C "O3'" 1 
ATOM   579 C  "C2'" . DG    C 3 1  ? 10.08103  10.62109  -1.28858  1.000 230.73231 ? 8   DG    C "C2'" 1 
ATOM   580 C  "C1'" . DG    C 3 1  ? 8.53230   10.70564  -1.34982  1.000 226.34421 ? 8   DG    C "C1'" 1 
ATOM   581 N  N9    . DG    C 3 1  ? 7.93784   10.25434  -2.63687  1.000 227.95000 ? 8   DG    C N9    1 
ATOM   582 C  C8    . DG    C 3 1  ? 6.83517   10.77005  -3.30814  1.000 222.01625 ? 8   DG    C C8    1 
ATOM   583 N  N7    . DG    C 3 1  ? 6.55829   10.12445  -4.42161  1.000 224.71142 ? 8   DG    C N7    1 
ATOM   584 C  C5    . DG    C 3 1  ? 7.52752   9.10802   -4.48215  1.000 235.79803 ? 8   DG    C C5    1 
ATOM   585 C  C6    . DG    C 3 1  ? 7.74914   8.07438   -5.45913  1.000 243.83497 ? 8   DG    C C6    1 
ATOM   586 O  O6    . DG    C 3 1  ? 7.11392   7.84129   -6.50293  1.000 244.27418 ? 8   DG    C O6    1 
ATOM   587 N  N1    . DG    C 3 1  ? 8.85187   7.24810   -5.12053  1.000 246.95147 ? 8   DG    C N1    1 
ATOM   588 C  C2    . DG    C 3 1  ? 9.63538   7.40499   -3.98650  1.000 241.59982 ? 8   DG    C C2    1 
ATOM   589 N  N2    . DG    C 3 1  ? 10.65919  6.52622   -3.82129  1.000 241.13148 ? 8   DG    C N2    1 
ATOM   590 N  N3    . DG    C 3 1  ? 9.43883   8.35899   -3.08107  1.000 236.72454 ? 8   DG    C N3    1 
ATOM   591 C  C4    . DG    C 3 1  ? 8.37329   9.17255   -3.38875  1.000 234.65728 ? 8   DG    C C4    1 
ATOM   592 P  P     . DG    C 3 2  ? 12.95962  12.89176  -1.13170  1.000 235.24947 ? 9   DG    C P     1 
ATOM   593 O  OP1   . DG    C 3 2  ? 13.80556  13.56297  -0.11302  1.000 237.44895 ? 9   DG    C OP1   1 
ATOM   594 O  OP2   . DG    C 3 2  ? 12.39712  13.60685  -2.30275  1.000 235.61161 ? 9   DG    C OP2   1 
ATOM   595 O  "O5'" . DG    C 3 2  ? 13.78579  11.66070  -1.72067  1.000 236.98746 ? 9   DG    C "O5'" 1 
ATOM   596 C  "C5'" . DG    C 3 2  ? 14.42720  10.74238  -0.85508  1.000 238.23451 ? 9   DG    C "C5'" 1 
ATOM   597 C  "C4'" . DG    C 3 2  ? 14.59029  9.42489   -1.56834  1.000 238.18075 ? 9   DG    C "C4'" 1 
ATOM   598 O  "O4'" . DG    C 3 2  ? 13.27212  8.96686   -1.98170  1.000 229.24282 ? 9   DG    C "O4'" 1 
ATOM   599 C  "C3'" . DG    C 3 2  ? 15.40863  9.52123   -2.85592  1.000 247.42959 ? 9   DG    C "C3'" 1 
ATOM   600 O  "O3'" . DG    C 3 2  ? 16.81258  9.27314   -2.60265  1.000 254.33356 ? 9   DG    C "O3'" 1 
ATOM   601 C  "C2'" . DG    C 3 2  ? 14.78974  8.43553   -3.72227  1.000 247.19769 ? 9   DG    C "C2'" 1 
ATOM   602 C  "C1'" . DG    C 3 2  ? 13.32766  8.50343   -3.31290  1.000 236.70668 ? 9   DG    C "C1'" 1 
ATOM   603 N  N9    . DG    C 3 2  ? 12.45849  9.30821   -4.19821  1.000 237.98656 ? 9   DG    C N9    1 
ATOM   604 C  C8    . DG    C 3 2  ? 11.88225  10.54457  -3.97954  1.000 235.92920 ? 9   DG    C C8    1 
ATOM   605 N  N7    . DG    C 3 2  ? 11.12564  10.95584  -4.98072  1.000 236.27576 ? 9   DG    C N7    1 
ATOM   606 C  C5    . DG    C 3 2  ? 11.20599  9.92153   -5.90830  1.000 240.93824 ? 9   DG    C C5    1 
ATOM   607 C  C6    . DG    C 3 2  ? 10.60553  9.75844   -7.20254  1.000 243.64201 ? 9   DG    C C6    1 
ATOM   608 O  O6    . DG    C 3 2  ? 9.84090   10.51983  -7.83063  1.000 238.44786 ? 9   DG    C O6    1 
ATOM   609 N  N1    . DG    C 3 2  ? 10.97565  8.53313   -7.78051  1.000 250.19244 ? 9   DG    C N1    1 
ATOM   610 C  C2    . DG    C 3 2  ? 11.80988  7.59590   -7.18834  1.000 249.01648 ? 9   DG    C C2    1 
ATOM   611 N  N2    . DG    C 3 2  ? 12.08881  6.48775   -7.88771  1.000 246.14179 ? 9   DG    C N2    1 
ATOM   612 N  N3    . DG    C 3 2  ? 12.36196  7.74439   -6.00461  1.000 247.65359 ? 9   DG    C N3    1 
ATOM   613 C  C4    . DG    C 3 2  ? 12.02456  8.91225   -5.42562  1.000 243.79001 ? 9   DG    C C4    1 
ATOM   614 P  P     . DC    C 3 3  ? 17.96855  9.93508   -3.52858  1.000 263.41772 ? 10  DC    C P     1 
ATOM   615 O  OP1   . DC    C 3 3  ? 19.01644  8.89482   -3.71987  1.000 259.16148 ? 10  DC    C OP1   1 
ATOM   616 O  OP2   . DC    C 3 3  ? 18.29149  11.26123  -2.94579  1.000 264.31896 ? 10  DC    C OP2   1 
ATOM   617 O  "O5'" . DC    C 3 3  ? 17.27509  10.27198  -4.94059  1.000 252.20663 ? 10  DC    C "O5'" 1 
ATOM   618 C  "C5'" . DC    C 3 3  ? 17.98573  10.06500  -6.15173  1.000 245.56242 ? 10  DC    C "C5'" 1 
ATOM   619 C  "C4'" . DC    C 3 3  ? 17.88144  8.61153   -6.55759  1.000 246.33257 ? 10  DC    C "C4'" 1 
ATOM   620 O  "O4'" . DC    C 3 3  ? 16.54909  8.13793   -6.30247  1.000 248.84253 ? 10  DC    C "O4'" 1 
ATOM   621 C  "C3'" . DC    C 3 3  ? 18.17401  8.32978   -8.01283  1.000 249.88805 ? 10  DC    C "C3'" 1 
ATOM   622 O  "O3'" . DC    C 3 3  ? 19.34596  7.60458   -8.08460  1.000 254.64597 ? 10  DC    C "O3'" 1 
ATOM   623 C  "C2'" . DC    C 3 3  ? 17.00015  7.50146   -8.51656  1.000 253.26979 ? 10  DC    C "C2'" 1 
ATOM   624 C  "C1'" . DC    C 3 3  ? 15.91460  7.78012   -7.50118  1.000 250.30753 ? 10  DC    C "C1'" 1 
ATOM   625 N  N1    . DC    C 3 3  ? 14.93920  8.87025   -7.89360  1.000 254.05003 ? 10  DC    C N1    1 
ATOM   626 C  C2    . DC    C 3 3  ? 14.09336  8.68102   -9.00420  1.000 257.20804 ? 10  DC    C C2    1 
ATOM   627 O  O2    . DC    C 3 3  ? 14.17740  7.62100   -9.67070  1.000 257.66886 ? 10  DC    C O2    1 
ATOM   628 N  N3    . DC    C 3 3  ? 13.19407  9.67298   -9.31727  1.000 257.14505 ? 10  DC    C N3    1 
ATOM   629 C  C4    . DC    C 3 3  ? 13.12938  10.79949  -8.57554  1.000 253.18768 ? 10  DC    C C4    1 
ATOM   630 N  N4    . DC    C 3 3  ? 12.23061  11.74028  -8.92317  1.000 247.63428 ? 10  DC    C N4    1 
ATOM   631 C  C5    . DC    C 3 3  ? 13.97501  10.99420  -7.43936  1.000 252.64248 ? 10  DC    C C5    1 
ATOM   632 C  C6    . DC    C 3 3  ? 14.84912  10.01829  -7.13684  1.000 252.85234 ? 10  DC    C C6    1 
ATOM   633 P  P     . DT    C 3 4  ? 20.67843  8.40926   -8.41227  1.000 262.05930 ? 11  DT    C P     1 
ATOM   634 O  OP1   . DT    C 3 4  ? 21.54052  7.62739   -9.34591  1.000 266.66822 ? 11  DT    C OP1   1 
ATOM   635 O  OP2   . DT    C 3 4  ? 21.21112  8.73935   -7.06439  1.000 258.83028 ? 11  DT    C OP2   1 
ATOM   636 O  "O5'" . DT    C 3 4  ? 20.06882  9.74445   -9.10615  1.000 257.68096 ? 11  DT    C "O5'" 1 
ATOM   637 C  "C5'" . DT    C 3 4  ? 20.53144  10.21419  -10.39462 1.000 260.71625 ? 11  DT    C "C5'" 1 
ATOM   638 C  "C4'" . DT    C 3 4  ? 20.08629  9.29353   -11.51621 1.000 261.38274 ? 11  DT    C "C4'" 1 
ATOM   639 O  "O4'" . DT    C 3 4  ? 18.77073  8.78247   -11.21202 1.000 258.19954 ? 11  DT    C "O4'" 1 
ATOM   640 C  "C3'" . DT    C 3 4  ? 19.97648  9.95332   -12.88244 1.000 261.13730 ? 11  DT    C "C3'" 1 
ATOM   641 O  "O3'" . DT    C 3 4  ? 21.22712  9.79372   -13.62492 1.000 269.91187 ? 11  DT    C "O3'" 1 
ATOM   642 C  "C2'" . DT    C 3 4  ? 18.81442  9.21945   -13.53479 1.000 261.36587 ? 11  DT    C "C2'" 1 
ATOM   643 C  "C1'" . DT    C 3 4  ? 17.94885  8.81697   -12.35583 1.000 257.67228 ? 11  DT    C "C1'" 1 
ATOM   644 N  N1    . DT    C 3 4  ? 16.89939  9.75041   -12.08885 1.000 252.46088 ? 11  DT    C N1    1 
ATOM   645 C  C2    . DT    C 3 4  ? 15.77440  9.74832   -12.87552 1.000 255.02982 ? 11  DT    C C2    1 
ATOM   646 O  O2    . DT    C 3 4  ? 15.60907  8.98544   -13.82067 1.000 253.85278 ? 11  DT    C O2    1 
ATOM   647 N  N3    . DT    C 3 4  ? 14.83966  10.67905  -12.51457 1.000 256.42447 ? 11  DT    C N3    1 
ATOM   648 C  C4    . DT    C 3 4  ? 14.92658  11.58715  -11.46603 1.000 256.02433 ? 11  DT    C C4    1 
ATOM   649 O  O4    . DT    C 3 4  ? 14.02676  12.39331  -11.21638 1.000 254.75239 ? 11  DT    C O4    1 
ATOM   650 C  C5    . DT    C 3 4  ? 16.14924  11.51602  -10.68871 1.000 254.25479 ? 11  DT    C C5    1 
ATOM   651 C  C7    . DT    C 3 4  ? 16.37765  12.43051  -9.52872  1.000 256.47926 ? 11  DT    C C7    1 
ATOM   652 C  C6    . DT    C 3 4  ? 17.05234  10.61470  -11.03629 1.000 250.90303 ? 11  DT    C C6    1 
ATOM   653 P  P     . DG    C 3 5  ? 21.55402  8.49497   -14.54312 1.000 285.27832 ? 12  DG    C P     1 
ATOM   654 O  OP1   . DG    C 3 5  ? 20.95420  7.24545   -14.00324 1.000 286.30016 ? 12  DG    C OP1   1 
ATOM   655 O  OP2   . DG    C 3 5  ? 23.02258  8.50154   -14.75236 1.000 284.76930 ? 12  DG    C OP2   1 
ATOM   656 O  "O5'" . DG    C 3 5  ? 20.92103  8.86369   -15.96583 1.000 271.89872 ? 12  DG    C "O5'" 1 
ATOM   657 C  "C5'" . DG    C 3 5  ? 19.84959  8.09734   -16.51331 1.000 270.22772 ? 12  DG    C "C5'" 1 
ATOM   658 C  "C4'" . DG    C 3 5  ? 18.96808  9.00341   -17.33399 1.000 263.61493 ? 12  DG    C "C4'" 1 
ATOM   659 O  "O4'" . DG    C 3 5  ? 17.98766  9.65051   -16.47410 1.000 260.49362 ? 12  DG    C "O4'" 1 
ATOM   660 C  "C3'" . DG    C 3 5  ? 19.73900  10.13619  -18.02312 1.000 259.92624 ? 12  DG    C "C3'" 1 
ATOM   661 O  "O3'" . DG    C 3 5  ? 19.39896  10.18834  -19.40896 1.000 262.54749 ? 12  DG    C "O3'" 1 
ATOM   662 C  "C2'" . DG    C 3 5  ? 19.29213  11.38295  -17.26641 1.000 255.10889 ? 12  DG    C "C2'" 1 
ATOM   663 C  "C1'" . DG    C 3 5  ? 17.88634  10.98966  -16.86858 1.000 259.33396 ? 12  DG    C "C1'" 1 
ATOM   664 N  N9    . DG    C 3 5  ? 17.35838  11.81211  -15.78539 1.000 262.05025 ? 12  DG    C N9    1 
ATOM   665 C  C8    . DG    C 3 5  ? 18.00349  12.16979  -14.62175 1.000 259.62263 ? 12  DG    C C8    1 
ATOM   666 N  N7    . DG    C 3 5  ? 17.29793  12.95645  -13.85133 1.000 261.13442 ? 12  DG    C N7    1 
ATOM   667 C  C5    . DG    C 3 5  ? 16.11499  13.16277  -14.56532 1.000 264.10200 ? 12  DG    C C5    1 
ATOM   668 C  C6    . DG    C 3 5  ? 14.96507  13.93508  -14.23851 1.000 263.54990 ? 12  DG    C C6    1 
ATOM   669 O  O6    . DG    C 3 5  ? 14.75940  14.61644  -13.21209 1.000 260.70908 ? 12  DG    C O6    1 
ATOM   670 N  N1    . DG    C 3 5  ? 13.99186  13.87100  -15.25500 1.000 263.38119 ? 12  DG    C N1    1 
ATOM   671 C  C2    . DG    C 3 5  ? 14.10868  13.14194  -16.42901 1.000 259.47629 ? 12  DG    C C2    1 
ATOM   672 N  N2    . DG    C 3 5  ? 13.06460  13.19531  -17.28351 1.000 246.32032 ? 12  DG    C N2    1 
ATOM   673 N  N3    . DG    C 3 5  ? 15.17922  12.41506  -16.73936 1.000 263.40874 ? 12  DG    C N3    1 
ATOM   674 C  C4    . DG    C 3 5  ? 16.14181  12.47204  -15.76660 1.000 264.98168 ? 12  DG    C C4    1 
ATOM   675 P  P     . DC    C 3 6  ? 19.75682  11.48375  -20.29491 1.000 254.70410 ? 13  DC    C P     1 
ATOM   676 O  OP1   . DC    C 3 6  ? 19.77327  11.09767  -21.72435 1.000 253.43915 ? 13  DC    C OP1   1 
ATOM   677 O  OP2   . DC    C 3 6  ? 20.93731  12.15155  -19.69213 1.000 251.02593 ? 13  DC    C OP2   1 
ATOM   678 O  "O5'" . DC    C 3 6  ? 18.49146  12.42614  -20.08585 1.000 266.50620 ? 13  DC    C "O5'" 1 
ATOM   679 C  "C5'" . DC    C 3 6  ? 17.18685  12.01446  -20.51501 1.000 268.12431 ? 13  DC    C "C5'" 1 
ATOM   680 C  "C4'" . DC    C 3 6  ? 16.35832  13.23311  -20.88890 1.000 272.76230 ? 13  DC    C "C4'" 1 
ATOM   681 O  "O4'" . DC    C 3 6  ? 15.87146  13.91968  -19.68261 1.000 281.08679 ? 13  DC    C "O4'" 1 
ATOM   682 C  "C3'" . DC    C 3 6  ? 17.12474  14.28361  -21.67169 1.000 269.64691 ? 13  DC    C "C3'" 1 
ATOM   683 O  "O3'" . DC    C 3 6  ? 16.27181  14.86087  -22.62162 1.000 268.06460 ? 13  DC    C "O3'" 1 
ATOM   684 C  "C2'" . DC    C 3 6  ? 17.55881  15.29367  -20.58111 1.000 270.72611 ? 13  DC    C "C2'" 1 
ATOM   685 C  "C1'" . DC    C 3 6  ? 16.35650  15.27470  -19.64477 1.000 276.18553 ? 13  DC    C "C1'" 1 
ATOM   686 N  N1    . DC    C 3 6  ? 16.61405  15.71035  -18.12218 1.000 268.78891 ? 13  DC    C N1    1 
ATOM   687 C  C2    . DC    C 3 6  ? 15.69006  16.55821  -17.46708 1.000 261.71414 ? 13  DC    C C2    1 
ATOM   688 O  O2    . DC    C 3 6  ? 14.71371  16.97868  -18.10255 1.000 264.92838 ? 13  DC    C O2    1 
ATOM   689 N  N3    . DC    C 3 6  ? 15.89577  16.88753  -16.15594 1.000 255.34167 ? 13  DC    C N3    1 
ATOM   690 C  C4    . DC    C 3 6  ? 16.95431  16.40937  -15.49990 1.000 253.57002 ? 13  DC    C C4    1 
ATOM   691 N  N4    . DC    C 3 6  ? 17.11177  16.75912  -14.21439 1.000 249.17591 ? 13  DC    C N4    1 
ATOM   692 C  C5    . DC    C 3 6  ? 17.89980  15.54678  -16.13357 1.000 257.35208 ? 13  DC    C C5    1 
ATOM   693 C  C6    . DC    C 3 6  ? 17.69469  15.22284  -17.42676 1.000 265.06191 ? 13  DC    C C6    1 
ATOM   694 P  P     . DT    C 3 7  ? 16.84989  15.93947  -23.65085 1.000 268.50461 ? 14  DT    C P     1 
ATOM   695 O  OP1   . DT    C 3 7  ? 16.45974  15.47794  -25.00592 1.000 276.23303 ? 14  DT    C OP1   1 
ATOM   696 O  OP2   . DT    C 3 7  ? 18.28882  16.11396  -23.33811 1.000 264.05081 ? 14  DT    C OP2   1 
ATOM   697 O  "O5'" . DT    C 3 7  ? 16.08529  17.30717  -23.25247 1.000 267.25159 ? 14  DT    C "O5'" 1 
ATOM   698 C  "C5'" . DT    C 3 7  ? 14.69397  17.50409  -23.60982 1.000 266.91459 ? 14  DT    C "C5'" 1 
ATOM   699 C  "C4'" . DT    C 3 7  ? 14.31813  18.98524  -23.62559 1.000 259.67886 ? 14  DT    C "C4'" 1 
ATOM   700 O  "O4'" . DT    C 3 7  ? 13.79596  19.36127  -22.32439 1.000 250.21680 ? 14  DT    C "O4'" 1 
ATOM   701 C  "C3'" . DT    C 3 7  ? 15.47147  19.94617  -23.93018 1.000 258.28902 ? 14  DT    C "C3'" 1 
ATOM   702 O  "O3'" . DT    C 3 7  ? 15.49398  20.28827  -25.32911 1.000 259.14994 ? 14  DT    C "O3'" 1 
ATOM   703 C  "C2'" . DT    C 3 7  ? 15.16286  21.16031  -23.05602 1.000 252.18722 ? 14  DT    C "C2'" 1 
ATOM   704 C  "C1'" . DT    C 3 7  ? 14.39975  20.55466  -21.87687 1.000 247.70809 ? 14  DT    C "C1'" 1 
ATOM   705 N  N1    . DT    C 3 7  ? 15.24516  20.24936  -20.66844 1.000 246.55392 ? 14  DT    C N1    1 
ATOM   706 C  C2    . DT    C 3 7  ? 14.81730  20.68264  -19.44515 1.000 249.54114 ? 14  DT    C C2    1 
ATOM   707 O  O2    . DT    C 3 7  ? 13.78557  21.31502  -19.29300 1.000 251.33333 ? 14  DT    C O2    1 
ATOM   708 N  N3    . DT    C 3 7  ? 15.64254  20.35427  -18.39300 1.000 250.47632 ? 14  DT    C N3    1 
ATOM   709 C  C4    . DT    C 3 7  ? 16.82498  19.63741  -18.44531 1.000 247.16316 ? 14  DT    C C4    1 
ATOM   710 O  O4    . DT    C 3 7  ? 17.50385  19.40116  -17.44635 1.000 243.10381 ? 14  DT    C O4    1 
ATOM   711 C  C5    . DT    C 3 7  ? 17.22079  19.21661  -19.75983 1.000 247.02911 ? 14  DT    C C5    1 
ATOM   712 C  C7    . DT    C 3 7  ? 18.49023  18.45341  -19.94084 1.000 246.12241 ? 14  DT    C C7    1 
ATOM   713 C  C6    . DT    C 3 7  ? 16.42117  19.52927  -20.79694 1.000 248.13733 ? 14  DT    C C6    1 
ATOM   714 O  OP3   . DC    D 4 1  ? -25.94984 -19.23842 4.02184   1.000 280.98227 ? 1   DC    D OP3   1 
ATOM   715 P  P     . DC    D 4 1  ? -26.58409 -20.52765 3.68249   1.000 276.97183 ? 1   DC    D P     1 
ATOM   716 O  OP1   . DC    D 4 1  ? -26.94409 -20.43484 2.25517   1.000 298.61248 ? 1   DC    D OP1   1 
ATOM   717 O  OP2   . DC    D 4 1  ? -25.68364 -21.61579 4.12768   1.000 269.24855 ? 1   DC    D OP2   1 
ATOM   718 O  "O5'" . DC    D 4 1  ? -27.92638 -20.69931 4.53342   1.000 267.34812 ? 1   DC    D "O5'" 1 
ATOM   719 C  "C5'" . DC    D 4 1  ? -28.91385 -19.66812 4.55664   1.000 260.57055 ? 1   DC    D "C5'" 1 
ATOM   720 C  "C4'" . DC    D 4 1  ? -28.91556 -18.97914 5.90361   1.000 260.16134 ? 1   DC    D "C4'" 1 
ATOM   721 O  "O4'" . DC    D 4 1  ? -28.54660 -19.95929 6.93859   1.000 263.66861 ? 1   DC    D "O4'" 1 
ATOM   722 C  "C3'" . DC    D 4 1  ? -27.89413 -17.83101 6.02360   1.000 257.49640 ? 1   DC    D "C3'" 1 
ATOM   723 O  "O3'" . DC    D 4 1  ? -28.45852 -16.65339 6.69343   1.000 259.19233 ? 1   DC    D "O3'" 1 
ATOM   724 C  "C2'" . DC    D 4 1  ? -26.79094 -18.47164 6.84599   1.000 257.38374 ? 1   DC    D "C2'" 1 
ATOM   725 C  "C1'" . DC    D 4 1  ? -27.60140 -19.34913 7.78138   1.000 260.39044 ? 1   DC    D "C1'" 1 
ATOM   726 N  N1    . DC    D 4 1  ? -26.76538 -20.35437 8.52122   1.000 253.64515 ? 1   DC    D N1    1 
ATOM   727 C  C2    . DC    D 4 1  ? -26.61030 -20.23678 9.91772   1.000 245.98248 ? 1   DC    D C2    1 
ATOM   728 O  O2    . DC    D 4 1  ? -27.21089 -19.34300 10.53484  1.000 242.77712 ? 1   DC    D O2    1 
ATOM   729 N  N3    . DC    D 4 1  ? -25.82617 -21.12405 10.55428  1.000 243.81476 ? 1   DC    D N3    1 
ATOM   730 C  C4    . DC    D 4 1  ? -25.19125 -22.07511 9.86606   1.000 245.96778 ? 1   DC    D C4    1 
ATOM   731 N  N4    . DC    D 4 1  ? -24.41575 -22.92246 10.54713  1.000 245.83414 ? 1   DC    D N4    1 
ATOM   732 C  C5    . DC    D 4 1  ? -25.31154 -22.19541 8.45370   1.000 248.28071 ? 1   DC    D C5    1 
ATOM   733 C  C6    . DC    D 4 1  ? -26.08989 -21.31367 7.82800   1.000 253.19665 ? 1   DC    D C6    1 
ATOM   734 P  P     . DT    D 4 2  ? -27.60357 -15.85847 7.81881   1.000 257.46381 ? 2   DT    D P     1 
ATOM   735 O  OP1   . DT    D 4 2  ? -26.26879 -15.50347 7.28556   1.000 256.45598 ? 2   DT    D OP1   1 
ATOM   736 O  OP2   . DT    D 4 2  ? -27.73007 -16.64807 9.06448   1.000 256.49591 ? 2   DT    D OP2   1 
ATOM   737 O  "O5'" . DT    D 4 2  ? -28.39554 -14.48189 8.09800   1.000 256.40883 ? 2   DT    D "O5'" 1 
ATOM   738 C  "C5'" . DT    D 4 2  ? -27.66097 -13.28745 8.49100   1.000 254.78876 ? 2   DT    D "C5'" 1 
ATOM   739 C  "C4'" . DT    D 4 2  ? -27.21527 -13.32249 9.96195   1.000 255.03405 ? 2   DT    D "C4'" 1 
ATOM   740 O  "O4'" . DT    D 4 2  ? -27.02429 -14.68365 10.40746  1.000 253.50256 ? 2   DT    D "O4'" 1 
ATOM   741 C  "C3'" . DT    D 4 2  ? -25.87886 -12.65076 10.25390  1.000 251.59966 ? 2   DT    D "C3'" 1 
ATOM   742 O  "O3'" . DT    D 4 2  ? -26.04227 -11.21088 10.41115  1.000 257.66128 ? 2   DT    D "O3'" 1 
ATOM   743 C  "C2'" . DT    D 4 2  ? -25.42164 -13.33956 11.54404  1.000 246.34243 ? 2   DT    D "C2'" 1 
ATOM   744 C  "C1'" . DT    D 4 2  ? -26.07787 -14.72063 11.46084  1.000 248.86619 ? 2   DT    D "C1'" 1 
ATOM   745 N  N1    . DT    D 4 2  ? -25.10029 -15.87121 11.25030  1.000 246.23164 ? 2   DT    D N1    1 
ATOM   746 C  C2    . DT    D 4 2  ? -24.37391 -16.33020 12.32915  1.000 245.86132 ? 2   DT    D C2    1 
ATOM   747 O  O2    . DT    D 4 2  ? -24.47805 -15.85518 13.44877  1.000 249.38391 ? 2   DT    D O2    1 
ATOM   748 N  N3    . DT    D 4 2  ? -23.51806 -17.37459 12.04433  1.000 243.98175 ? 2   DT    D N3    1 
ATOM   749 C  C4    . DT    D 4 2  ? -23.32761 -17.98148 10.81464  1.000 243.66432 ? 2   DT    D C4    1 
ATOM   750 O  O4    . DT    D 4 2  ? -22.54469 -18.90286 10.64245  1.000 244.86084 ? 2   DT    D O4    1 
ATOM   751 C  C5    . DT    D 4 2  ? -24.11070 -17.46134 9.73737   1.000 244.97672 ? 2   DT    D C5    1 
ATOM   752 C  C7    . DT    D 4 2  ? -23.95474 -18.05383 8.37323   1.000 244.90180 ? 2   DT    D C7    1 
ATOM   753 C  C6    . DT    D 4 2  ? -24.95187 -16.44101 9.99465   1.000 246.92390 ? 2   DT    D C6    1 
ATOM   754 P  P     . DG    D 4 3  ? -26.52442 -10.53854 11.80217  1.000 265.25985 ? 3   DG    D P     1 
ATOM   755 O  OP1   . DG    D 4 3  ? -27.58337 -11.37092 12.42740  1.000 265.13975 ? 3   DG    D OP1   1 
ATOM   756 O  OP2   . DG    D 4 3  ? -26.79354 -9.10604  11.52256  1.000 275.41989 ? 3   DG    D OP2   1 
ATOM   757 O  "O5'" . DG    D 4 3  ? -25.21410 -10.51133 12.70819  1.000 245.33590 ? 3   DG    D "O5'" 1 
ATOM   758 C  "C5'" . DG    D 4 3  ? -25.25353 -10.91931 14.06105  1.000 241.55161 ? 3   DG    D "C5'" 1 
ATOM   759 C  "C4'" . DG    D 4 3  ? -23.86736 -11.30527 14.48330  1.000 236.11012 ? 3   DG    D "C4'" 1 
ATOM   760 O  "O4'" . DG    D 4 3  ? -23.50462 -12.57393 13.86692  1.000 236.85962 ? 3   DG    D "O4'" 1 
ATOM   761 C  "C3'" . DG    D 4 3  ? -22.78785 -10.32573 13.99778  1.000 234.31825 ? 3   DG    D "C3'" 1 
ATOM   762 O  "O3'" . DG    D 4 3  ? -21.73704 -10.32978 14.90928  1.000 233.32605 ? 3   DG    D "O3'" 1 
ATOM   763 C  "C2'" . DG    D 4 3  ? -22.33308 -10.97828 12.71411  1.000 233.02387 ? 3   DG    D "C2'" 1 
ATOM   764 C  "C1'" . DG    D 4 3  ? -22.25177 -12.36276 13.27277  1.000 234.36070 ? 3   DG    D "C1'" 1 
ATOM   765 N  N9    . DG    D 4 3  ? -21.87683 -13.39181 12.32892  1.000 234.94195 ? 3   DG    D N9    1 
ATOM   766 C  C8    . DG    D 4 3  ? -22.26643 -13.54569 11.01887  1.000 236.20018 ? 3   DG    D C8    1 
ATOM   767 N  N7    . DG    D 4 3  ? -21.68903 -14.56446 10.42920  1.000 238.99516 ? 3   DG    D N7    1 
ATOM   768 C  C5    . DG    D 4 3  ? -20.84332 -15.08871 11.41058  1.000 237.04962 ? 3   DG    D C5    1 
ATOM   769 C  C6    . DG    D 4 3  ? -19.95299 -16.19645 11.37706  1.000 232.74143 ? 3   DG    D C6    1 
ATOM   770 O  O6    . DG    D 4 3  ? -19.71731 -16.97021 10.43784  1.000 226.64211 ? 3   DG    D O6    1 
ATOM   771 N  N1    . DG    D 4 3  ? -19.29455 -16.36394 12.60456  1.000 232.97328 ? 3   DG    D N1    1 
ATOM   772 C  C2    . DG    D 4 3  ? -19.47845 -15.56712 13.71845  1.000 233.83218 ? 3   DG    D C2    1 
ATOM   773 N  N2    . DG    D 4 3  ? -18.76395 -15.87005 14.81824  1.000 231.71492 ? 3   DG    D N2    1 
ATOM   774 N  N3    . DG    D 4 3  ? -20.30022 -14.53713 13.75231  1.000 235.47268 ? 3   DG    D N3    1 
ATOM   775 C  C4    . DG    D 4 3  ? -20.94694 -14.36108 12.57227  1.000 236.43187 ? 3   DG    D C4    1 
ATOM   776 P  P     . DA    D 4 4  ? -21.66814 -9.19527  16.03083  1.000 237.66218 ? 4   DA    D P     1 
ATOM   777 O  OP1   . DA    D 4 4  ? -23.03947 -8.60127  16.01733  1.000 235.11929 ? 4   DA    D OP1   1 
ATOM   778 O  OP2   . DA    D 4 4  ? -20.44041 -8.37590  15.81373  1.000 235.16854 ? 4   DA    D OP2   1 
ATOM   779 O  "O5'" . DA    D 4 4  ? -21.44253 -10.01365 17.38868  1.000 242.11140 ? 4   DA    D "O5'" 1 
ATOM   780 C  "C5'" . DA    D 4 4  ? -21.13653 -11.40986 17.34729  1.000 240.79438 ? 4   DA    D "C5'" 1 
ATOM   781 C  "C4'" . DA    D 4 4  ? -19.68800 -11.66332 17.73902  1.000 237.78273 ? 4   DA    D "C4'" 1 
ATOM   782 O  "O4'" . DA    D 4 4  ? -19.09671 -12.54524 16.75030  1.000 233.91077 ? 4   DA    D "O4'" 1 
ATOM   783 C  "C3'" . DA    D 4 4  ? -18.79220 -10.41445 17.77816  1.000 233.15820 ? 4   DA    D "C3'" 1 
ATOM   784 O  "O3'" . DA    D 4 4  ? -17.74619 -10.52626 18.83732  1.000 231.76249 ? 4   DA    D "O3'" 1 
ATOM   785 C  "C2'" . DA    D 4 4  ? -18.23964 -10.37345 16.35603  1.000 228.83742 ? 4   DA    D "C2'" 1 
ATOM   786 C  "C1'" . DA    D 4 4  ? -18.10047 -11.85724 16.02709  1.000 229.27839 ? 4   DA    D "C1'" 1 
ATOM   787 N  N9    . DA    D 4 4  ? -18.25022 -12.15727 14.62153  1.000 226.51371 ? 4   DA    D N9    1 
ATOM   788 C  C8    . DA    D 4 4  ? -19.04646 -11.51727 13.72430  1.000 228.61401 ? 4   DA    D C8    1 
ATOM   789 N  N7    . DA    D 4 4  ? -18.96554 -12.00205 12.50878  1.000 229.38101 ? 4   DA    D N7    1 
ATOM   790 C  C5    . DA    D 4 4  ? -18.03739 -13.02699 12.61844  1.000 227.48520 ? 4   DA    D C5    1 
ATOM   791 C  C6    . DA    D 4 4  ? -17.50872 -13.94827 11.67927  1.000 229.17699 ? 4   DA    D C6    1 
ATOM   792 N  N6    . DA    D 4 4  ? -17.84941 -13.97060 10.38016  1.000 231.21722 ? 4   DA    D N6    1 
ATOM   793 N  N1    . DA    D 4 4  ? -16.60901 -14.84921 12.13035  1.000 229.68039 ? 4   DA    D N1    1 
ATOM   794 C  C2    . DA    D 4 4  ? -16.26657 -14.82412 13.43067  1.000 227.78937 ? 4   DA    D C2    1 
ATOM   795 N  N3    . DA    D 4 4  ? -16.70330 -14.01710 14.39962  1.000 224.33673 ? 4   DA    D N3    1 
ATOM   796 C  C4    . DA    D 4 4  ? -17.59069 -13.13365 13.92113  1.000 225.23668 ? 4   DA    D C4    1 
ATOM   797 P  P     . DT    D 4 5  ? -16.16079 -10.32628 18.54023  1.000 233.70163 ? 5   DT    D P     1 
ATOM   798 O  OP1   . DT    D 4 5  ? -15.40862 -10.31497 19.82556  1.000 231.42012 ? 5   DT    D OP1   1 
ATOM   799 O  OP2   . DT    D 4 5  ? -15.90062 -9.24576  17.55805  1.000 236.41399 ? 5   DT    D OP2   1 
ATOM   800 O  "O5'" . DT    D 4 5  ? -15.76036 -11.67638 17.82063  1.000 227.04163 ? 5   DT    D "O5'" 1 
ATOM   801 C  "C5'" . DT    D 4 5  ? -15.43078 -12.80231 18.58376  1.000 227.05379 ? 5   DT    D "C5'" 1 
ATOM   802 C  "C4'" . DT    D 4 5  ? -14.09569 -13.35280 18.13642  1.000 220.95688 ? 5   DT    D "C4'" 1 
ATOM   803 O  "O4'" . DT    D 4 5  ? -14.14611 -13.64556 16.71736  1.000 215.79827 ? 5   DT    D "O4'" 1 
ATOM   804 C  "C3'" . DT    D 4 5  ? -12.91292 -12.40219 18.29123  1.000 216.89959 ? 5   DT    D "C3'" 1 
ATOM   805 O  "O3'" . DT    D 4 5  ? -11.72788 -13.17750 18.36868  1.000 214.18078 ? 5   DT    D "O3'" 1 
ATOM   806 C  "C2'" . DT    D 4 5  ? -12.95900 -11.64843 16.97800  1.000 216.60071 ? 5   DT    D "C2'" 1 
ATOM   807 C  "C1'" . DT    D 4 5  ? -13.21331 -12.82307 16.05224  1.000 213.48509 ? 5   DT    D "C1'" 1 
ATOM   808 N  N1    . DT    D 4 5  ? -13.77571 -12.45900 14.78228  1.000 217.92851 ? 5   DT    D N1    1 
ATOM   809 C  C2    . DT    D 4 5  ? -13.43731 -13.20579 13.69565  1.000 220.42704 ? 5   DT    D C2    1 
ATOM   810 O  O2    . DT    D 4 5  ? -12.66817 -14.15392 13.76157  1.000 220.14059 ? 5   DT    D O2    1 
ATOM   811 N  N3    . DT    D 4 5  ? -14.01453 -12.80165 12.51881  1.000 222.83282 ? 5   DT    D N3    1 
ATOM   812 C  C4    . DT    D 4 5  ? -14.89374 -11.74678 12.34131  1.000 223.16917 ? 5   DT    D C4    1 
ATOM   813 O  O4    . DT    D 4 5  ? -15.36235 -11.46457 11.23680  1.000 220.15413 ? 5   DT    D O4    1 
ATOM   814 C  C5    . DT    D 4 5  ? -15.21360 -11.00369 13.55389  1.000 225.60653 ? 5   DT    D C5    1 
ATOM   815 C  C7    . DT    D 4 5  ? -16.15246 -9.83343  13.51407  1.000 231.34678 ? 5   DT    D C7    1 
ATOM   816 C  C6    . DT    D 4 5  ? -14.64388 -11.39614 14.69857  1.000 222.93585 ? 5   DT    D C6    1 
ATOM   817 P  P     . DG    D 4 6  ? -10.40018 -12.57615 19.04068  1.000 220.99901 ? 6   DG    D P     1 
ATOM   818 O  OP1   . DG    D 4 6  ? -10.16536 -13.34563 20.29723  1.000 224.12227 ? 6   DG    D OP1   1 
ATOM   819 O  OP2   . DG    D 4 6  ? -10.58517 -11.08608 19.07513  1.000 216.44138 ? 6   DG    D OP2   1 
ATOM   820 O  "O5'" . DG    D 4 6  ? -9.21910  -13.06908 18.05967  1.000 205.81467 ? 6   DG    D "O5'" 1 
ATOM   821 C  "C5'" . DG    D 4 6  ? -8.77407  -14.41497 18.13889  1.000 195.36622 ? 6   DG    D "C5'" 1 
ATOM   822 C  "C4'" . DG    D 4 6  ? -8.33298  -14.92117 16.78596  1.000 189.12122 ? 6   DG    D "C4'" 1 
ATOM   823 O  "O4'" . DG    D 4 6  ? -9.31762  -14.58286 15.77907  1.000 189.86852 ? 6   DG    D "O4'" 1 
ATOM   824 C  "C3'" . DG    D 4 6  ? -6.99969  -14.36580 16.30147  1.000 185.02825 ? 6   DG    D "C3'" 1 
ATOM   825 O  "O3'" . DG    D 4 6  ? -6.08798  -15.47062 16.01586  1.000 182.89009 ? 6   DG    D "O3'" 1 
ATOM   826 C  "C2'" . DG    D 4 6  ? -7.35924  -13.54885 15.04834  1.000 189.89029 ? 6   DG    D "C2'" 1 
ATOM   827 C  "C1'" . DG    D 4 6  ? -8.66556  -14.17854 14.59752  1.000 193.63658 ? 6   DG    D "C1'" 1 
ATOM   828 N  N9    . DG    D 4 6  ? -9.54662  -13.23922 13.92446  1.000 205.04490 ? 6   DG    D N9    1 
ATOM   829 C  C8    . DG    D 4 6  ? -10.22322 -12.20997 14.52253  1.000 214.22753 ? 6   DG    D C8    1 
ATOM   830 N  N7    . DG    D 4 6  ? -10.95567 -11.50527 13.70172  1.000 217.81439 ? 6   DG    D N7    1 
ATOM   831 C  C5    . DG    D 4 6  ? -10.76262 -12.10320 12.46215  1.000 214.79035 ? 6   DG    D C5    1 
ATOM   832 C  C6    . DG    D 4 6  ? -11.31952 -11.76587 11.18888  1.000 217.18374 ? 6   DG    D C6    1 
ATOM   833 O  O6    . DG    D 4 6  ? -12.10755 -10.82688 10.90542  1.000 215.26178 ? 6   DG    D O6    1 
ATOM   834 N  N1    . DG    D 4 6  ? -10.86531 -12.63603 10.18616  1.000 220.97181 ? 6   DG    D N1    1 
ATOM   835 C  C2    . DG    D 4 6  ? -9.97714  -13.70259 10.38565  1.000 217.66702 ? 6   DG    D C2    1 
ATOM   836 N  N2    . DG    D 4 6  ? -9.66490  -14.43554 9.28468   1.000 218.73736 ? 6   DG    D N2    1 
ATOM   837 N  N3    . DG    D 4 6  ? -9.45639  -14.03060 11.58293  1.000 212.28654 ? 6   DG    D N3    1 
ATOM   838 C  C4    . DG    D 4 6  ? -9.89269  -13.18965 12.57398  1.000 210.53396 ? 6   DG    D C4    1 
ATOM   839 P  P     . DT    D 4 7  ? -4.58615  -15.19699 15.47771  1.000 181.63948 ? 7   DT    D P     1 
ATOM   840 O  OP1   . DT    D 4 7  ? -3.64938  -16.36959 15.57049  1.000 179.35207 ? 7   DT    D OP1   1 
ATOM   841 O  OP2   . DT    D 4 7  ? -4.27515  -13.92557 16.17602  1.000 197.46885 ? 7   DT    D OP2   1 
ATOM   842 O  "O5'" . DT    D 4 7  ? -4.80071  -14.95699 13.90895  1.000 181.93702 ? 7   DT    D "O5'" 1 
ATOM   843 C  "C5'" . DT    D 4 7  ? -4.22922  -13.85309 13.26453  1.000 187.69212 ? 7   DT    D "C5'" 1 
ATOM   844 C  "C4'" . DT    D 4 7  ? -4.57158  -13.93178 11.80928  1.000 185.56488 ? 7   DT    D "C4'" 1 
ATOM   845 O  "O4'" . DT    D 4 7  ? -5.98355  -13.76270 11.64805  1.000 184.53350 ? 7   DT    D "O4'" 1 
ATOM   846 C  "C3'" . DT    D 4 7  ? -3.99131  -12.86102 10.93639  1.000 186.20102 ? 7   DT    D "C3'" 1 
ATOM   847 O  "O3'" . DT    D 4 7  ? -2.66189  -13.16519 10.64224  1.000 189.41137 ? 7   DT    D "O3'" 1 
ATOM   848 C  "C2'" . DT    D 4 7  ? -4.86210  -13.01966 9.70868   1.000 185.05360 ? 7   DT    D "C2'" 1 
ATOM   849 C  "C1'" . DT    D 4 7  ? -6.21941  -13.33558 10.33105  1.000 188.84998 ? 7   DT    D "C1'" 1 
ATOM   850 N  N1    . DT    D 4 7  ? -7.08656  -12.17777 10.36693  1.000 196.42419 ? 7   DT    D N1    1 
ATOM   851 C  C2    . DT    D 4 7  ? -7.80593  -11.87735 9.24240   1.000 208.26248 ? 7   DT    D C2    1 
ATOM   852 O  O2    . DT    D 4 7  ? -7.76526  -12.57345 8.23746   1.000 212.88915 ? 7   DT    D O2    1 
ATOM   853 N  N3    . DT    D 4 7  ? -8.60721  -10.74720 9.33783   1.000 212.08910 ? 7   DT    D N3    1 
ATOM   854 C  C4    . DT    D 4 7  ? -8.73063  -9.90559  10.44368  1.000 206.46648 ? 7   DT    D C4    1 
ATOM   855 O  O4    . DT    D 4 7  ? -9.47554  -8.91384  10.45279  1.000 201.41343 ? 7   DT    D O4    1 
ATOM   856 C  C5    . DT    D 4 7  ? -7.91767  -10.28081 11.58706  1.000 205.46789 ? 7   DT    D C5    1 
ATOM   857 C  C7    . DT    D 4 7  ? -7.96002  -9.45152  12.83275  1.000 210.22136 ? 7   DT    D C7    1 
ATOM   858 C  C6    . DT    D 4 7  ? -7.13875  -11.38557 11.49222  1.000 199.92667 ? 7   DT    D C6    1 
HETATM 859 HG HG    . HG    E 5 .  ? 3.51129   -1.18613  2.23001   1.000 316.84980 ? 101 HG    A HG    1 
HETATM 860 HG HG    . HG    F 5 .  ? -0.28149  -0.13638  2.86972   1.000 239.89546 ? 101 HG    B HG    1 
# 
